data_6XM2
#
_entry.id   6XM2
#
_cell.length_a   64.415
_cell.length_b   85.108
_cell.length_c   112.732
_cell.angle_alpha   99.150
_cell.angle_beta   99.510
_cell.angle_gamma   97.320
#
_symmetry.space_group_name_H-M   'P 1'
#
loop_
_entity.id
_entity.type
_entity.pdbx_description
1 polymer '4A11.v7 kappa light chain Fab (VL-CL) humanized'
2 polymer '4A11.v7 heavy chain Fab (VH-CH1) IgG1 humanized'
3 polymer 'Transforming growth factor beta-2'
4 water water
#
loop_
_entity_poly.entity_id
_entity_poly.type
_entity_poly.pdbx_seq_one_letter_code
_entity_poly.pdbx_strand_id
1 'polypeptide(L)'
;EAVLTQSPGTLSLSPGERATLSCQSSQSVYNNNYLSWFQQKPGQPPRLLIYGASTLTSGVPDRFSGSGSGTDFTLTISRL
EPEDFAVYYCAGGYSGSSDKYAFGGGTKVEIKRTVAAPSVFIFPPSDEQLKSGTASVVCLLNNFYPREAKVQWKVDNALQ
SGNSQESVTEQDSKDSTYSLSSTLTLSKADYEKHKVYACEVTHQGLSSPVTKSFNRGEC
;
A,C,E,G
2 'polypeptide(L)'
;EQQLQESGPGLVKPSETLSLTCTVTGFSLSSYTVNWVRQPAGKGLEWIGYISYGGSAYYASWANGRFTISKDSSKNQVSL
KLSSVTAADTAVYFCARHMQVGGAPTGSMAAFDPWGPGTLVTVSSASTKGPSVFPLAPSSKSTSGGTAALGCLVKDYFPE
PVTVSWNSGALTSGVHTFPAVLQSSGLYSLSSVVTVPSSSLGTQTYICNVNHKPSNTKVDKKVEPKSCDKTHT
;
B,D,F,H
3 'polypeptide(L)'
;ALDAAYCFRNVQDNCCLRPLYIDFKRDLGWKWIHEPKGYNANFCAGACPYLWSSDTQHSRVLSLYNTINPEASASPCCVS
QDLEPLTILYYIGKTPKIEQLSNMIVKSCKCS
;
I,J,K,L
#
# COMPACT_ATOMS: atom_id res chain seq x y z
N ALA A 2 -10.73 -28.46 16.82
CA ALA A 2 -10.83 -29.37 15.67
C ALA A 2 -10.07 -28.82 14.46
N VAL A 3 -9.00 -29.52 14.06
CA VAL A 3 -8.08 -29.15 12.97
C VAL A 3 -8.00 -30.33 11.97
N LEU A 4 -8.19 -30.04 10.68
CA LEU A 4 -8.01 -31.09 9.68
C LEU A 4 -6.70 -30.74 8.96
N THR A 5 -5.79 -31.71 8.89
CA THR A 5 -4.50 -31.51 8.22
C THR A 5 -4.52 -32.27 6.94
N GLN A 6 -4.32 -31.56 5.83
CA GLN A 6 -4.28 -32.17 4.51
C GLN A 6 -2.86 -32.30 4.01
N SER A 7 -2.55 -33.47 3.47
CA SER A 7 -1.22 -33.77 2.94
C SER A 7 -1.31 -34.62 1.69
N PRO A 8 -0.42 -34.43 0.68
CA PRO A 8 0.64 -33.40 0.61
C PRO A 8 -0.01 -32.06 0.28
N GLY A 9 0.73 -30.95 0.40
CA GLY A 9 0.18 -29.64 0.06
C GLY A 9 -0.05 -29.49 -1.44
N THR A 10 0.85 -30.11 -2.21
CA THR A 10 0.82 -30.10 -3.66
C THR A 10 1.24 -31.46 -4.20
N LEU A 11 0.61 -31.86 -5.30
CA LEU A 11 0.99 -33.06 -6.02
C LEU A 11 0.82 -32.81 -7.52
N SER A 12 1.82 -33.22 -8.30
CA SER A 12 1.82 -33.07 -9.76
C SER A 12 1.94 -34.47 -10.31
N LEU A 13 0.96 -34.89 -11.11
CA LEU A 13 0.89 -36.25 -11.62
C LEU A 13 0.37 -36.25 -13.04
N SER A 14 0.76 -37.28 -13.82
CA SER A 14 0.39 -37.42 -15.23
C SER A 14 -1.03 -37.95 -15.42
N PRO A 15 -1.73 -37.62 -16.53
CA PRO A 15 -3.04 -38.28 -16.78
C PRO A 15 -2.86 -39.80 -16.77
N GLY A 16 -3.70 -40.52 -16.02
CA GLY A 16 -3.64 -41.97 -15.91
C GLY A 16 -3.12 -42.47 -14.58
N GLU A 17 -2.35 -41.62 -13.87
CA GLU A 17 -1.79 -41.96 -12.56
C GLU A 17 -2.87 -41.92 -11.43
N ARG A 18 -2.55 -42.51 -10.26
CA ARG A 18 -3.40 -42.56 -9.07
C ARG A 18 -2.99 -41.44 -8.11
N ALA A 19 -3.95 -40.59 -7.75
CA ALA A 19 -3.76 -39.48 -6.81
C ALA A 19 -4.32 -39.91 -5.43
N THR A 20 -3.47 -39.87 -4.38
CA THR A 20 -3.83 -40.25 -3.01
C THR A 20 -3.68 -39.07 -2.07
N LEU A 21 -4.83 -38.54 -1.61
CA LEU A 21 -4.88 -37.37 -0.75
C LEU A 21 -5.31 -37.76 0.66
N SER A 22 -4.54 -37.30 1.65
CA SER A 22 -4.78 -37.59 3.06
C SER A 22 -5.40 -36.39 3.79
N CYS A 23 -6.27 -36.67 4.75
CA CYS A 23 -6.94 -35.71 5.62
C CYS A 23 -6.90 -36.31 7.02
N GLN A 24 -6.18 -35.66 7.95
CA GLN A 24 -6.09 -36.14 9.33
C GLN A 24 -6.79 -35.18 10.29
N SER A 25 -7.85 -35.66 10.97
CA SER A 25 -8.60 -34.86 11.95
C SER A 25 -7.95 -34.97 13.33
N SER A 26 -7.77 -33.82 14.01
CA SER A 26 -7.19 -33.75 15.36
C SER A 26 -8.08 -34.46 16.39
N GLN A 27 -9.40 -34.43 16.15
CA GLN A 27 -10.38 -35.13 16.99
C GLN A 27 -11.35 -35.91 16.12
N SER A 28 -11.99 -36.93 16.69
CA SER A 28 -12.92 -37.76 15.94
C SER A 28 -14.07 -36.95 15.41
N VAL A 29 -14.41 -37.18 14.13
CA VAL A 29 -15.52 -36.49 13.49
C VAL A 29 -16.80 -37.11 14.04
N TYR A 30 -17.88 -36.33 14.05
CA TYR A 30 -19.13 -36.87 14.57
C TYR A 30 -19.53 -38.15 13.80
N ASN A 31 -19.97 -39.20 14.54
CA ASN A 31 -20.38 -40.51 14.05
C ASN A 31 -19.27 -41.27 13.28
N ASN A 32 -18.02 -40.83 13.43
CA ASN A 32 -16.81 -41.31 12.75
C ASN A 32 -16.81 -41.13 11.21
N ASN A 33 -17.93 -40.71 10.59
CA ASN A 33 -18.03 -40.57 9.14
C ASN A 33 -18.43 -39.17 8.66
N TYR A 34 -18.53 -38.19 9.56
CA TYR A 34 -18.86 -36.84 9.14
C TYR A 34 -17.64 -36.15 8.54
N LEU A 35 -17.28 -36.56 7.32
CA LEU A 35 -16.16 -36.09 6.52
C LEU A 35 -16.59 -36.09 5.07
N SER A 36 -16.45 -34.92 4.43
CA SER A 36 -16.76 -34.71 3.02
C SER A 36 -15.54 -34.16 2.27
N TRP A 37 -15.53 -34.39 0.94
CA TRP A 37 -14.49 -33.96 0.00
C TRP A 37 -15.08 -33.08 -1.03
N PHE A 38 -14.34 -31.99 -1.35
CA PHE A 38 -14.74 -30.98 -2.32
C PHE A 38 -13.61 -30.75 -3.30
N GLN A 39 -13.98 -30.35 -4.53
CA GLN A 39 -13.04 -29.99 -5.59
C GLN A 39 -13.30 -28.50 -5.91
N GLN A 40 -12.27 -27.67 -5.88
CA GLN A 40 -12.49 -26.28 -6.21
C GLN A 40 -11.58 -25.86 -7.35
N LYS A 41 -12.21 -25.34 -8.43
CA LYS A 41 -11.56 -24.78 -9.63
C LYS A 41 -11.51 -23.25 -9.48
N PRO A 42 -10.53 -22.53 -10.11
CA PRO A 42 -10.42 -21.08 -9.87
C PRO A 42 -11.66 -20.23 -10.17
N GLY A 43 -11.93 -19.30 -9.27
CA GLY A 43 -13.05 -18.35 -9.31
C GLY A 43 -14.41 -19.00 -9.21
N GLN A 44 -14.46 -20.27 -8.79
CA GLN A 44 -15.66 -21.05 -8.70
C GLN A 44 -15.97 -21.49 -7.28
N PRO A 45 -17.26 -21.78 -6.95
CA PRO A 45 -17.53 -22.33 -5.62
C PRO A 45 -17.07 -23.79 -5.57
N PRO A 46 -16.71 -24.32 -4.38
CA PRO A 46 -16.29 -25.74 -4.33
C PRO A 46 -17.42 -26.64 -4.78
N ARG A 47 -17.06 -27.80 -5.31
CA ARG A 47 -17.96 -28.83 -5.80
C ARG A 47 -17.88 -30.02 -4.85
N LEU A 48 -19.03 -30.48 -4.32
CA LEU A 48 -19.07 -31.63 -3.43
C LEU A 48 -18.78 -32.91 -4.23
N LEU A 49 -17.82 -33.70 -3.78
CA LEU A 49 -17.50 -34.96 -4.46
C LEU A 49 -17.98 -36.19 -3.72
N ILE A 50 -17.59 -36.31 -2.43
CA ILE A 50 -17.82 -37.45 -1.53
C ILE A 50 -18.42 -36.94 -0.22
N TYR A 51 -19.36 -37.65 0.34
CA TYR A 51 -19.89 -37.27 1.66
C TYR A 51 -19.92 -38.52 2.51
N GLY A 52 -19.90 -38.36 3.83
CA GLY A 52 -19.94 -39.50 4.73
C GLY A 52 -18.73 -40.40 4.57
N ALA A 53 -17.56 -39.81 4.26
CA ALA A 53 -16.23 -40.42 4.02
C ALA A 53 -16.12 -41.22 2.72
N SER A 54 -17.19 -41.89 2.27
CA SER A 54 -17.10 -42.80 1.12
C SER A 54 -18.25 -42.77 0.15
N THR A 55 -19.29 -41.95 0.39
CA THR A 55 -20.41 -41.92 -0.54
C THR A 55 -20.23 -40.89 -1.65
N LEU A 56 -20.23 -41.36 -2.90
CA LEU A 56 -20.05 -40.52 -4.09
C LEU A 56 -21.31 -39.71 -4.39
N THR A 57 -21.15 -38.40 -4.61
CA THR A 57 -22.26 -37.54 -4.98
C THR A 57 -22.73 -37.86 -6.42
N SER A 58 -24.03 -37.71 -6.67
CA SER A 58 -24.68 -37.90 -7.97
C SER A 58 -23.95 -37.12 -9.07
N GLY A 59 -23.53 -37.83 -10.11
CA GLY A 59 -22.82 -37.25 -11.24
C GLY A 59 -21.30 -37.17 -11.11
N VAL A 60 -20.77 -37.51 -9.94
CA VAL A 60 -19.32 -37.47 -9.74
C VAL A 60 -18.71 -38.73 -10.35
N PRO A 61 -17.64 -38.61 -11.20
CA PRO A 61 -17.07 -39.81 -11.81
C PRO A 61 -16.58 -40.85 -10.81
N ASP A 62 -16.77 -42.10 -11.23
CA ASP A 62 -16.41 -43.36 -10.59
C ASP A 62 -14.94 -43.37 -10.16
N ARG A 63 -14.07 -42.59 -10.85
CA ARG A 63 -12.63 -42.55 -10.53
C ARG A 63 -12.33 -41.95 -9.15
N PHE A 64 -13.29 -41.22 -8.58
CA PHE A 64 -13.20 -40.63 -7.23
C PHE A 64 -13.75 -41.61 -6.23
N SER A 65 -13.02 -41.83 -5.13
CA SER A 65 -13.43 -42.72 -4.05
C SER A 65 -12.79 -42.28 -2.75
N GLY A 66 -13.57 -42.38 -1.66
CA GLY A 66 -13.09 -41.98 -0.35
C GLY A 66 -13.12 -43.10 0.64
N SER A 67 -12.23 -43.05 1.65
CA SER A 67 -12.21 -44.08 2.68
C SER A 67 -11.71 -43.50 4.01
N GLY A 68 -11.84 -44.29 5.07
CA GLY A 68 -11.42 -43.89 6.41
C GLY A 68 -12.62 -43.75 7.32
N SER A 69 -12.33 -43.74 8.63
CA SER A 69 -13.32 -43.69 9.70
C SER A 69 -12.66 -43.16 10.95
N GLY A 70 -13.26 -42.14 11.54
CA GLY A 70 -12.82 -41.53 12.78
C GLY A 70 -11.99 -40.30 12.64
N THR A 71 -10.71 -40.51 12.28
CA THR A 71 -9.71 -39.47 12.28
C THR A 71 -8.79 -39.49 11.00
N ASP A 72 -8.65 -40.64 10.31
CA ASP A 72 -7.78 -40.79 9.13
C ASP A 72 -8.63 -41.04 7.89
N PHE A 73 -8.60 -40.07 6.98
CA PHE A 73 -9.39 -40.13 5.75
C PHE A 73 -8.51 -39.94 4.53
N THR A 74 -8.89 -40.61 3.44
CA THR A 74 -8.14 -40.57 2.20
C THR A 74 -9.08 -40.41 1.02
N LEU A 75 -8.71 -39.54 0.08
CA LEU A 75 -9.44 -39.34 -1.17
C LEU A 75 -8.52 -39.91 -2.26
N THR A 76 -9.06 -40.83 -3.07
CA THR A 76 -8.33 -41.44 -4.16
C THR A 76 -8.97 -41.06 -5.47
N ILE A 77 -8.15 -40.66 -6.45
CA ILE A 77 -8.55 -40.38 -7.82
C ILE A 77 -7.72 -41.43 -8.58
N SER A 78 -8.35 -42.55 -8.97
CA SER A 78 -7.70 -43.75 -9.53
C SER A 78 -6.99 -43.55 -10.88
N ARG A 79 -7.66 -42.94 -11.87
CA ARG A 79 -7.08 -42.69 -13.20
C ARG A 79 -7.22 -41.20 -13.57
N LEU A 80 -6.31 -40.38 -13.04
CA LEU A 80 -6.28 -38.93 -13.21
C LEU A 80 -6.52 -38.46 -14.66
N GLU A 81 -7.35 -37.43 -14.84
CA GLU A 81 -7.71 -36.83 -16.12
C GLU A 81 -7.23 -35.35 -16.16
N PRO A 82 -7.01 -34.70 -17.34
CA PRO A 82 -6.55 -33.30 -17.33
C PRO A 82 -7.48 -32.31 -16.58
N GLU A 83 -8.80 -32.56 -16.64
CA GLU A 83 -9.85 -31.75 -16.00
C GLU A 83 -9.86 -31.89 -14.46
N ASP A 84 -9.03 -32.80 -13.91
CA ASP A 84 -8.94 -33.03 -12.46
C ASP A 84 -8.00 -32.09 -11.73
N PHE A 85 -7.37 -31.10 -12.44
CA PHE A 85 -6.54 -30.11 -11.75
C PHE A 85 -7.50 -29.25 -10.90
N ALA A 86 -7.18 -29.07 -9.62
CA ALA A 86 -8.00 -28.29 -8.69
C ALA A 86 -7.31 -28.25 -7.38
N VAL A 87 -7.92 -27.55 -6.42
CA VAL A 87 -7.52 -27.61 -5.03
C VAL A 87 -8.67 -28.45 -4.38
N TYR A 88 -8.30 -29.53 -3.72
CA TYR A 88 -9.25 -30.45 -3.05
C TYR A 88 -9.28 -30.19 -1.56
N TYR A 89 -10.49 -30.05 -1.01
CA TYR A 89 -10.63 -29.81 0.42
C TYR A 89 -11.45 -30.89 1.10
N CYS A 90 -11.10 -31.21 2.35
CA CYS A 90 -11.91 -32.07 3.21
C CYS A 90 -12.60 -31.14 4.23
N ALA A 91 -13.77 -31.54 4.73
CA ALA A 91 -14.50 -30.80 5.76
C ALA A 91 -15.06 -31.82 6.72
N GLY A 92 -14.89 -31.52 8.02
CA GLY A 92 -15.33 -32.41 9.08
C GLY A 92 -16.44 -31.78 9.88
N GLY A 93 -17.31 -32.65 10.44
CA GLY A 93 -18.42 -32.29 11.32
C GLY A 93 -18.08 -32.69 12.75
N TYR A 94 -18.33 -31.80 13.74
CA TYR A 94 -17.98 -32.06 15.14
C TYR A 94 -19.04 -31.67 16.12
N SER A 95 -18.96 -32.27 17.31
CA SER A 95 -19.75 -31.89 18.49
C SER A 95 -19.08 -30.62 19.05
N GLY A 96 -19.85 -29.78 19.74
CA GLY A 96 -19.35 -28.55 20.33
C GLY A 96 -20.31 -27.38 20.38
N SER A 97 -19.90 -26.33 21.10
CA SER A 97 -20.59 -25.06 21.30
C SER A 97 -20.23 -24.05 20.20
N SER A 98 -19.15 -24.33 19.43
CA SER A 98 -18.75 -23.39 18.39
C SER A 98 -18.43 -24.05 17.03
N ASP A 99 -17.22 -24.63 16.88
CA ASP A 99 -16.70 -25.28 15.67
C ASP A 99 -17.44 -26.55 15.29
N LYS A 100 -18.66 -26.35 14.79
CA LYS A 100 -19.52 -27.42 14.31
C LYS A 100 -18.90 -28.03 13.05
N TYR A 101 -18.29 -27.19 12.21
CA TYR A 101 -17.63 -27.62 10.97
C TYR A 101 -16.29 -26.94 10.80
N ALA A 102 -15.40 -27.55 10.03
CA ALA A 102 -14.11 -26.97 9.75
C ALA A 102 -13.61 -27.60 8.48
N PHE A 103 -12.90 -26.84 7.66
CA PHE A 103 -12.28 -27.30 6.42
C PHE A 103 -10.81 -27.53 6.62
N GLY A 104 -10.26 -28.46 5.85
CA GLY A 104 -8.81 -28.68 5.83
C GLY A 104 -8.19 -27.58 4.99
N GLY A 105 -6.85 -27.46 5.05
CA GLY A 105 -6.09 -26.47 4.30
C GLY A 105 -6.02 -26.66 2.79
N GLY A 106 -6.46 -27.81 2.27
CA GLY A 106 -6.44 -28.09 0.83
C GLY A 106 -5.16 -28.71 0.29
N THR A 107 -5.29 -29.47 -0.80
CA THR A 107 -4.19 -30.10 -1.55
C THR A 107 -4.38 -29.65 -2.98
N LYS A 108 -3.35 -29.00 -3.54
CA LYS A 108 -3.41 -28.54 -4.93
C LYS A 108 -2.94 -29.70 -5.82
N VAL A 109 -3.79 -30.12 -6.77
CA VAL A 109 -3.47 -31.17 -7.75
C VAL A 109 -3.19 -30.51 -9.10
N GLU A 110 -1.95 -30.70 -9.60
CA GLU A 110 -1.51 -30.18 -10.90
C GLU A 110 -1.30 -31.40 -11.84
N ILE A 111 -1.71 -31.27 -13.11
CA ILE A 111 -1.60 -32.32 -14.12
C ILE A 111 -0.29 -32.15 -14.90
N LYS A 112 0.55 -33.20 -14.92
CA LYS A 112 1.84 -33.20 -15.64
C LYS A 112 1.57 -33.50 -17.10
N ARG A 113 2.27 -32.81 -17.99
CA ARG A 113 2.13 -33.05 -19.43
C ARG A 113 3.53 -32.95 -20.06
N THR A 114 3.62 -33.22 -21.35
CA THR A 114 4.91 -33.11 -22.05
C THR A 114 5.27 -31.64 -22.21
N VAL A 115 6.56 -31.30 -21.96
CA VAL A 115 7.09 -29.93 -22.06
C VAL A 115 6.68 -29.29 -23.41
N ALA A 116 6.14 -28.06 -23.38
CA ALA A 116 5.74 -27.32 -24.59
C ALA A 116 6.32 -25.91 -24.45
N ALA A 117 6.96 -25.41 -25.52
CA ALA A 117 7.53 -24.07 -25.51
C ALA A 117 6.42 -23.02 -25.70
N PRO A 118 6.54 -21.81 -25.11
CA PRO A 118 5.51 -20.80 -25.37
C PRO A 118 5.62 -20.16 -26.76
N SER A 119 4.50 -19.69 -27.31
CA SER A 119 4.47 -18.88 -28.53
C SER A 119 4.56 -17.47 -27.90
N VAL A 120 5.57 -16.65 -28.34
CA VAL A 120 5.79 -15.34 -27.71
C VAL A 120 5.33 -14.16 -28.59
N PHE A 121 4.58 -13.21 -27.98
CA PHE A 121 4.11 -12.01 -28.64
C PHE A 121 4.44 -10.77 -27.83
N ILE A 122 4.72 -9.68 -28.53
CA ILE A 122 5.00 -8.41 -27.86
C ILE A 122 4.02 -7.38 -28.38
N PHE A 123 3.48 -6.56 -27.47
CA PHE A 123 2.52 -5.52 -27.86
C PHE A 123 2.98 -4.17 -27.36
N PRO A 124 3.21 -3.23 -28.27
CA PRO A 124 3.59 -1.86 -27.83
C PRO A 124 2.46 -1.15 -27.10
N PRO A 125 2.71 -0.06 -26.34
CA PRO A 125 1.58 0.71 -25.80
C PRO A 125 0.75 1.32 -26.94
N SER A 126 -0.59 1.47 -26.73
CA SER A 126 -1.47 2.06 -27.74
C SER A 126 -1.30 3.57 -27.74
N ASP A 127 -1.67 4.25 -28.85
CA ASP A 127 -1.57 5.72 -28.91
C ASP A 127 -2.58 6.34 -27.94
N GLU A 128 -3.71 5.63 -27.68
CA GLU A 128 -4.74 6.02 -26.70
C GLU A 128 -4.10 6.18 -25.31
N GLN A 129 -3.35 5.16 -24.85
CA GLN A 129 -2.70 5.19 -23.53
C GLN A 129 -1.57 6.20 -23.48
N LEU A 130 -0.85 6.40 -24.61
CA LEU A 130 0.27 7.32 -24.66
C LEU A 130 -0.14 8.79 -24.54
N LYS A 131 -1.44 9.08 -24.49
CA LYS A 131 -1.91 10.45 -24.33
C LYS A 131 -1.82 10.89 -22.85
N SER A 132 -1.88 9.90 -21.90
CA SER A 132 -1.98 10.03 -20.43
C SER A 132 -0.71 10.26 -19.60
N GLY A 133 0.41 9.66 -19.96
CA GLY A 133 1.61 9.80 -19.13
C GLY A 133 2.20 8.45 -18.73
N THR A 134 1.51 7.40 -19.14
CA THR A 134 1.97 6.04 -18.85
C THR A 134 2.00 5.24 -20.14
N ALA A 135 2.92 4.30 -20.18
CA ALA A 135 3.10 3.42 -21.31
C ALA A 135 3.26 2.05 -20.75
N SER A 136 2.40 1.15 -21.22
CA SER A 136 2.41 -0.27 -20.85
C SER A 136 2.81 -1.08 -22.04
N VAL A 137 3.88 -1.88 -21.90
CA VAL A 137 4.39 -2.77 -22.95
C VAL A 137 4.07 -4.18 -22.47
N VAL A 138 3.39 -4.98 -23.31
CA VAL A 138 2.97 -6.32 -22.89
C VAL A 138 3.67 -7.44 -23.64
N CYS A 139 4.15 -8.45 -22.90
CA CYS A 139 4.75 -9.65 -23.46
C CYS A 139 3.83 -10.83 -23.12
N LEU A 140 3.40 -11.60 -24.13
CA LEU A 140 2.56 -12.78 -23.91
C LEU A 140 3.30 -14.07 -24.20
N LEU A 141 3.29 -15.01 -23.24
CA LEU A 141 3.86 -16.37 -23.35
C LEU A 141 2.65 -17.29 -23.41
N ASN A 142 2.28 -17.74 -24.61
CA ASN A 142 1.07 -18.55 -24.83
C ASN A 142 1.25 -20.08 -24.87
N ASN A 143 0.39 -20.80 -24.13
CA ASN A 143 0.24 -22.27 -24.10
C ASN A 143 1.54 -23.06 -23.94
N PHE A 144 2.15 -22.94 -22.77
CA PHE A 144 3.41 -23.61 -22.48
C PHE A 144 3.30 -24.50 -21.25
N TYR A 145 4.33 -25.35 -21.03
CA TYR A 145 4.49 -26.27 -19.89
C TYR A 145 5.96 -26.64 -19.70
N PRO A 146 6.55 -26.65 -18.47
CA PRO A 146 5.97 -26.31 -17.14
C PRO A 146 5.69 -24.82 -16.93
N ARG A 147 5.18 -24.46 -15.73
CA ARG A 147 4.87 -23.08 -15.37
C ARG A 147 6.13 -22.19 -15.30
N GLU A 148 7.28 -22.77 -14.88
CA GLU A 148 8.53 -22.03 -14.74
C GLU A 148 8.94 -21.40 -16.07
N ALA A 149 9.17 -20.07 -16.04
CA ALA A 149 9.53 -19.26 -17.20
C ALA A 149 10.19 -18.01 -16.70
N LYS A 150 11.28 -17.62 -17.34
CA LYS A 150 12.00 -16.41 -16.99
C LYS A 150 11.76 -15.45 -18.14
N VAL A 151 11.21 -14.28 -17.81
CA VAL A 151 10.88 -13.21 -18.75
C VAL A 151 11.71 -11.98 -18.33
N GLN A 152 12.55 -11.47 -19.25
CA GLN A 152 13.41 -10.31 -19.03
C GLN A 152 13.08 -9.22 -20.04
N TRP A 153 12.99 -7.99 -19.57
CA TRP A 153 12.73 -6.83 -20.40
C TRP A 153 14.01 -6.09 -20.68
N LYS A 154 14.24 -5.74 -21.96
CA LYS A 154 15.38 -4.92 -22.37
C LYS A 154 14.90 -3.76 -23.17
N VAL A 155 15.38 -2.59 -22.81
CA VAL A 155 15.04 -1.33 -23.45
C VAL A 155 16.40 -0.81 -23.93
N ASP A 156 16.64 -0.86 -25.27
CA ASP A 156 17.91 -0.48 -25.93
C ASP A 156 19.06 -1.27 -25.31
N ASN A 157 18.84 -2.59 -25.18
CA ASN A 157 19.71 -3.62 -24.63
C ASN A 157 20.01 -3.47 -23.14
N ALA A 158 19.39 -2.50 -22.46
CA ALA A 158 19.54 -2.36 -21.01
C ALA A 158 18.43 -3.17 -20.25
N LEU A 159 18.85 -4.13 -19.37
CA LEU A 159 17.96 -4.98 -18.58
C LEU A 159 17.09 -4.13 -17.65
N GLN A 160 15.81 -4.41 -17.59
CA GLN A 160 14.91 -3.60 -16.74
C GLN A 160 14.74 -4.32 -15.43
N SER A 161 14.63 -3.56 -14.33
CA SER A 161 14.40 -4.18 -13.02
C SER A 161 13.37 -3.42 -12.20
N GLY A 162 12.50 -4.19 -11.52
CA GLY A 162 11.45 -3.69 -10.64
C GLY A 162 10.35 -2.84 -11.25
N ASN A 163 10.16 -2.92 -12.57
CA ASN A 163 9.13 -2.12 -13.26
C ASN A 163 8.24 -2.99 -14.13
N SER A 164 8.18 -4.29 -13.83
CA SER A 164 7.30 -5.21 -14.56
C SER A 164 6.56 -6.18 -13.62
N GLN A 165 5.37 -6.60 -14.02
CA GLN A 165 4.59 -7.57 -13.26
C GLN A 165 4.12 -8.67 -14.18
N GLU A 166 4.04 -9.89 -13.62
CA GLU A 166 3.62 -11.10 -14.32
C GLU A 166 2.29 -11.58 -13.77
N SER A 167 1.53 -12.28 -14.61
CA SER A 167 0.24 -12.88 -14.30
C SER A 167 0.15 -14.19 -15.10
N VAL A 168 -0.35 -15.26 -14.46
CA VAL A 168 -0.44 -16.59 -15.05
C VAL A 168 -1.87 -17.09 -15.04
N THR A 169 -2.32 -17.69 -16.14
CA THR A 169 -3.64 -18.31 -16.22
C THR A 169 -3.57 -19.65 -15.46
N GLU A 170 -4.73 -20.26 -15.15
CA GLU A 170 -4.77 -21.60 -14.55
C GLU A 170 -4.44 -22.58 -15.68
N GLN A 171 -4.26 -23.89 -15.38
CA GLN A 171 -3.99 -24.85 -16.44
C GLN A 171 -5.21 -24.99 -17.35
N ASP A 172 -4.98 -25.17 -18.65
CA ASP A 172 -6.12 -25.38 -19.54
C ASP A 172 -6.75 -26.76 -19.23
N SER A 173 -8.09 -26.84 -19.31
CA SER A 173 -8.92 -28.01 -19.02
C SER A 173 -8.49 -29.27 -19.78
N LYS A 174 -8.13 -29.11 -21.06
CA LYS A 174 -7.76 -30.24 -21.89
C LYS A 174 -6.28 -30.39 -22.17
N ASP A 175 -5.59 -29.30 -22.57
CA ASP A 175 -4.18 -29.43 -22.93
C ASP A 175 -3.18 -29.22 -21.77
N SER A 176 -3.64 -28.91 -20.53
CA SER A 176 -2.79 -28.74 -19.32
C SER A 176 -1.73 -27.63 -19.41
N THR A 177 -1.84 -26.75 -20.41
CA THR A 177 -0.83 -25.69 -20.56
C THR A 177 -1.19 -24.43 -19.81
N TYR A 178 -0.19 -23.55 -19.61
CA TYR A 178 -0.31 -22.25 -18.98
C TYR A 178 -0.08 -21.17 -20.00
N SER A 179 -0.53 -19.93 -19.71
CA SER A 179 -0.25 -18.70 -20.45
C SER A 179 0.17 -17.67 -19.43
N LEU A 180 1.01 -16.72 -19.85
CA LEU A 180 1.58 -15.72 -18.95
C LEU A 180 1.68 -14.40 -19.65
N SER A 181 1.40 -13.31 -18.90
CA SER A 181 1.58 -11.94 -19.37
C SER A 181 2.69 -11.30 -18.52
N SER A 182 3.60 -10.53 -19.15
CA SER A 182 4.58 -9.73 -18.42
C SER A 182 4.33 -8.30 -18.92
N THR A 183 4.16 -7.36 -18.01
CA THR A 183 3.81 -5.99 -18.37
C THR A 183 4.85 -5.06 -17.83
N LEU A 184 5.48 -4.30 -18.71
CA LEU A 184 6.49 -3.32 -18.36
C LEU A 184 5.79 -1.98 -18.30
N THR A 185 5.86 -1.28 -17.17
CA THR A 185 5.22 0.04 -17.02
C THR A 185 6.32 1.09 -16.93
N LEU A 186 6.24 2.06 -17.81
CA LEU A 186 7.19 3.16 -17.91
C LEU A 186 6.41 4.45 -17.99
N SER A 187 7.07 5.56 -17.70
CA SER A 187 6.41 6.83 -17.92
C SER A 187 6.42 7.01 -19.45
N LYS A 188 5.41 7.69 -20.00
CA LYS A 188 5.33 7.98 -21.43
C LYS A 188 6.60 8.74 -21.88
N ALA A 189 7.12 9.68 -21.05
CA ALA A 189 8.35 10.40 -21.42
C ALA A 189 9.55 9.47 -21.56
N ASP A 190 9.70 8.46 -20.66
CA ASP A 190 10.82 7.51 -20.75
C ASP A 190 10.63 6.59 -21.94
N TYR A 191 9.36 6.20 -22.22
CA TYR A 191 9.03 5.34 -23.35
C TYR A 191 9.44 5.97 -24.71
N GLU A 192 9.15 7.25 -24.87
CA GLU A 192 9.44 8.00 -26.10
C GLU A 192 10.92 8.45 -26.26
N LYS A 193 11.78 8.13 -25.29
CA LYS A 193 13.22 8.43 -25.25
C LYS A 193 14.03 7.20 -25.67
N HIS A 194 13.38 6.06 -25.89
CA HIS A 194 14.10 4.86 -26.26
C HIS A 194 13.58 4.30 -27.56
N LYS A 195 14.39 3.47 -28.24
CA LYS A 195 13.99 2.93 -29.53
C LYS A 195 13.56 1.46 -29.52
N VAL A 196 14.43 0.53 -29.05
CA VAL A 196 14.17 -0.92 -29.11
C VAL A 196 13.59 -1.43 -27.80
N TYR A 197 12.49 -2.19 -27.90
CA TYR A 197 11.81 -2.79 -26.74
C TYR A 197 11.77 -4.26 -26.95
N ALA A 198 12.40 -5.00 -26.04
CA ALA A 198 12.52 -6.44 -26.16
C ALA A 198 12.12 -7.20 -24.91
N CYS A 199 11.44 -8.31 -25.13
CA CYS A 199 11.04 -9.26 -24.12
C CYS A 199 11.85 -10.53 -24.43
N GLU A 200 12.70 -10.97 -23.51
CA GLU A 200 13.54 -12.17 -23.61
C GLU A 200 12.93 -13.28 -22.73
N VAL A 201 12.59 -14.43 -23.34
CA VAL A 201 11.96 -15.60 -22.69
C VAL A 201 12.92 -16.82 -22.60
N THR A 202 13.15 -17.33 -21.37
CA THR A 202 13.94 -18.55 -21.08
C THR A 202 12.93 -19.58 -20.56
N HIS A 203 12.88 -20.76 -21.21
CA HIS A 203 11.95 -21.83 -20.87
C HIS A 203 12.57 -23.17 -21.24
N GLN A 204 12.23 -24.22 -20.44
CA GLN A 204 12.68 -25.60 -20.60
C GLN A 204 12.40 -26.14 -22.03
N GLY A 205 11.30 -25.68 -22.67
CA GLY A 205 10.95 -26.03 -24.05
C GLY A 205 11.74 -25.32 -25.15
N LEU A 206 12.65 -24.39 -24.78
CA LEU A 206 13.46 -23.63 -25.75
C LEU A 206 14.94 -23.90 -25.51
N SER A 207 15.70 -24.22 -26.59
CA SER A 207 17.13 -24.56 -26.55
C SER A 207 18.01 -23.40 -26.09
N SER A 208 17.59 -22.17 -26.41
CA SER A 208 18.24 -20.92 -26.04
C SER A 208 17.12 -19.85 -25.93
N PRO A 209 17.32 -18.71 -25.25
CA PRO A 209 16.23 -17.73 -25.13
C PRO A 209 15.71 -17.15 -26.43
N VAL A 210 14.42 -16.80 -26.43
CA VAL A 210 13.85 -16.15 -27.59
C VAL A 210 13.52 -14.73 -27.19
N THR A 211 13.83 -13.81 -28.08
CA THR A 211 13.58 -12.40 -27.92
C THR A 211 12.55 -12.00 -28.96
N LYS A 212 11.55 -11.23 -28.51
CA LYS A 212 10.53 -10.63 -29.36
C LYS A 212 10.66 -9.15 -29.14
N SER A 213 10.94 -8.39 -30.21
CA SER A 213 11.11 -6.95 -30.04
C SER A 213 10.41 -6.14 -31.08
N PHE A 214 10.31 -4.83 -30.83
CA PHE A 214 9.83 -3.82 -31.75
C PHE A 214 10.65 -2.59 -31.55
N ASN A 215 10.66 -1.75 -32.57
CA ASN A 215 11.32 -0.46 -32.54
C ASN A 215 10.20 0.55 -32.51
N ARG A 216 10.20 1.47 -31.53
CA ARG A 216 9.20 2.53 -31.44
C ARG A 216 9.47 3.49 -32.63
N GLY A 217 8.42 3.92 -33.32
CA GLY A 217 8.53 4.82 -34.47
C GLY A 217 8.07 4.18 -35.77
N GLU A 218 8.54 2.93 -36.05
CA GLU A 218 8.20 2.14 -37.24
C GLU A 218 8.60 0.67 -37.05
N GLN B 2 -32.76 -25.20 -7.27
CA GLN B 2 -32.07 -25.10 -5.98
C GLN B 2 -30.87 -24.18 -6.19
N GLN B 3 -30.98 -22.96 -5.69
CA GLN B 3 -30.01 -21.90 -5.90
C GLN B 3 -29.80 -21.06 -4.68
N LEU B 4 -28.57 -20.55 -4.55
CA LEU B 4 -28.12 -19.62 -3.51
C LEU B 4 -27.40 -18.48 -4.21
N GLN B 5 -27.66 -17.24 -3.79
CA GLN B 5 -26.99 -16.10 -4.43
C GLN B 5 -26.68 -15.04 -3.41
N GLU B 6 -25.40 -14.78 -3.19
CA GLU B 6 -24.87 -13.74 -2.29
C GLU B 6 -24.92 -12.38 -2.96
N SER B 7 -25.21 -11.35 -2.16
CA SER B 7 -25.28 -9.91 -2.50
C SER B 7 -24.51 -9.22 -1.39
N GLY B 8 -23.77 -8.19 -1.72
CA GLY B 8 -22.99 -7.43 -0.75
C GLY B 8 -22.61 -6.09 -1.32
N PRO B 9 -22.04 -5.17 -0.50
CA PRO B 9 -21.70 -3.83 -1.01
C PRO B 9 -20.43 -3.76 -1.89
N GLY B 10 -19.65 -4.84 -1.92
CA GLY B 10 -18.42 -4.95 -2.70
C GLY B 10 -17.23 -4.30 -2.05
N LEU B 11 -17.36 -3.02 -1.71
CA LEU B 11 -16.33 -2.20 -1.07
C LEU B 11 -16.88 -1.68 0.27
N VAL B 12 -16.13 -1.86 1.37
CA VAL B 12 -16.51 -1.44 2.73
C VAL B 12 -15.35 -0.70 3.36
N LYS B 13 -15.64 0.40 4.10
CA LYS B 13 -14.60 1.14 4.80
C LYS B 13 -14.16 0.48 6.11
N PRO B 14 -12.86 0.56 6.47
CA PRO B 14 -12.42 -0.05 7.74
C PRO B 14 -13.22 0.47 8.94
N SER B 15 -13.52 -0.43 9.91
CA SER B 15 -14.28 -0.22 11.16
C SER B 15 -15.81 -0.15 10.96
N GLU B 16 -16.28 -0.12 9.71
CA GLU B 16 -17.73 -0.07 9.45
C GLU B 16 -18.34 -1.45 9.55
N THR B 17 -19.67 -1.55 9.41
CA THR B 17 -20.42 -2.80 9.46
C THR B 17 -20.60 -3.35 8.06
N LEU B 18 -20.29 -4.63 7.89
CA LEU B 18 -20.52 -5.34 6.65
C LEU B 18 -21.85 -6.08 6.80
N SER B 19 -22.69 -5.98 5.77
CA SER B 19 -23.97 -6.65 5.68
C SER B 19 -24.09 -7.38 4.35
N LEU B 20 -24.10 -8.74 4.41
CA LEU B 20 -24.28 -9.61 3.25
C LEU B 20 -25.63 -10.27 3.27
N THR B 21 -26.16 -10.60 2.10
CA THR B 21 -27.43 -11.26 1.94
C THR B 21 -27.26 -12.47 1.04
N CYS B 22 -27.99 -13.52 1.33
CA CYS B 22 -27.99 -14.71 0.51
C CYS B 22 -29.43 -14.99 0.22
N THR B 23 -29.80 -14.90 -1.05
CA THR B 23 -31.15 -15.11 -1.55
C THR B 23 -31.28 -16.55 -2.01
N VAL B 24 -32.31 -17.24 -1.49
CA VAL B 24 -32.56 -18.65 -1.69
C VAL B 24 -33.75 -18.89 -2.62
N THR B 25 -33.62 -19.91 -3.49
CA THR B 25 -34.63 -20.28 -4.49
C THR B 25 -34.73 -21.79 -4.56
N GLY B 26 -35.95 -22.31 -4.59
CA GLY B 26 -36.18 -23.75 -4.79
C GLY B 26 -36.12 -24.64 -3.57
N PHE B 27 -35.88 -24.05 -2.38
CA PHE B 27 -35.86 -24.79 -1.11
C PHE B 27 -36.28 -23.91 0.05
N SER B 28 -36.77 -24.52 1.14
CA SER B 28 -37.25 -23.81 2.29
C SER B 28 -36.17 -23.73 3.34
N LEU B 29 -36.04 -22.55 3.97
CA LEU B 29 -35.13 -22.30 5.09
C LEU B 29 -35.59 -23.02 6.36
N SER B 30 -36.84 -23.49 6.38
CA SER B 30 -37.35 -24.26 7.51
C SER B 30 -36.94 -25.73 7.40
N SER B 31 -36.40 -26.14 6.23
CA SER B 31 -35.90 -27.51 5.97
C SER B 31 -34.39 -27.67 6.00
N TYR B 32 -33.67 -26.60 5.59
CA TYR B 32 -32.22 -26.65 5.46
C TYR B 32 -31.49 -25.55 6.21
N THR B 33 -30.33 -25.92 6.73
CA THR B 33 -29.34 -25.07 7.39
C THR B 33 -28.53 -24.41 6.29
N VAL B 34 -28.19 -23.13 6.50
CA VAL B 34 -27.38 -22.37 5.54
C VAL B 34 -26.15 -21.88 6.30
N ASN B 35 -24.99 -22.05 5.69
CA ASN B 35 -23.69 -21.72 6.27
C ASN B 35 -23.04 -20.57 5.49
N TRP B 36 -22.08 -19.87 6.12
CA TRP B 36 -21.28 -18.83 5.48
C TRP B 36 -19.87 -19.33 5.55
N VAL B 37 -19.19 -19.22 4.43
CA VAL B 37 -17.83 -19.74 4.31
C VAL B 37 -17.03 -18.65 3.63
N ARG B 38 -15.89 -18.28 4.18
CA ARG B 38 -15.15 -17.26 3.43
C ARG B 38 -13.83 -17.82 2.89
N GLN B 39 -13.27 -17.13 1.91
CA GLN B 39 -12.02 -17.56 1.32
C GLN B 39 -11.15 -16.33 0.98
N PRO B 40 -10.18 -15.97 1.82
CA PRO B 40 -9.26 -14.86 1.48
C PRO B 40 -8.43 -15.18 0.23
N ALA B 41 -7.98 -14.15 -0.54
CA ALA B 41 -7.19 -14.38 -1.78
C ALA B 41 -6.00 -15.29 -1.50
N GLY B 42 -5.87 -16.35 -2.30
CA GLY B 42 -4.81 -17.35 -2.23
C GLY B 42 -4.83 -18.19 -0.97
N LYS B 43 -5.99 -18.24 -0.27
CA LYS B 43 -6.12 -19.01 0.96
C LYS B 43 -7.22 -20.06 0.84
N GLY B 44 -7.30 -20.94 1.81
CA GLY B 44 -8.29 -21.99 1.80
C GLY B 44 -9.66 -21.55 2.33
N LEU B 45 -10.62 -22.47 2.23
CA LEU B 45 -11.98 -22.25 2.73
C LEU B 45 -12.02 -22.23 4.26
N GLU B 46 -12.85 -21.33 4.84
CA GLU B 46 -13.02 -21.25 6.28
C GLU B 46 -14.48 -21.10 6.66
N TRP B 47 -15.00 -22.09 7.36
CA TRP B 47 -16.38 -22.08 7.84
C TRP B 47 -16.53 -20.96 8.89
N ILE B 48 -17.50 -20.05 8.67
CA ILE B 48 -17.78 -18.95 9.61
C ILE B 48 -18.87 -19.39 10.61
N GLY B 49 -19.96 -19.94 10.09
CA GLY B 49 -21.06 -20.37 10.94
C GLY B 49 -22.26 -20.71 10.10
N TYR B 50 -23.40 -20.99 10.78
CA TYR B 50 -24.65 -21.27 10.08
C TYR B 50 -25.86 -20.74 10.84
N ILE B 51 -26.99 -20.75 10.17
CA ILE B 51 -28.29 -20.52 10.75
C ILE B 51 -29.01 -21.81 10.39
N SER B 52 -29.27 -22.62 11.41
CA SER B 52 -29.78 -23.95 11.19
C SER B 52 -31.21 -23.93 10.69
N TYR B 53 -31.63 -25.04 10.11
CA TYR B 53 -33.01 -25.27 9.64
C TYR B 53 -34.02 -24.99 10.76
N GLY B 54 -33.60 -25.18 12.01
CA GLY B 54 -34.45 -24.96 13.18
C GLY B 54 -34.34 -23.60 13.85
N GLY B 55 -33.46 -22.74 13.35
CA GLY B 55 -33.25 -21.37 13.81
C GLY B 55 -32.09 -21.15 14.78
N SER B 56 -31.19 -22.14 14.92
CA SER B 56 -30.05 -21.93 15.83
C SER B 56 -28.83 -21.45 15.05
N ALA B 57 -28.16 -20.42 15.57
CA ALA B 57 -26.94 -19.90 14.98
C ALA B 57 -25.73 -20.40 15.77
N TYR B 58 -24.76 -20.99 15.06
CA TYR B 58 -23.51 -21.49 15.64
C TYR B 58 -22.36 -20.93 14.79
N TYR B 59 -21.24 -20.56 15.46
CA TYR B 59 -20.11 -19.87 14.81
C TYR B 59 -18.81 -20.56 15.07
N ALA B 60 -17.80 -20.29 14.23
CA ALA B 60 -16.46 -20.78 14.49
C ALA B 60 -15.89 -20.04 15.73
N SER B 61 -14.98 -20.67 16.49
CA SER B 61 -14.35 -20.05 17.67
C SER B 61 -13.71 -18.70 17.35
N TRP B 62 -13.04 -18.59 16.19
CA TRP B 62 -12.36 -17.36 15.78
C TRP B 62 -13.30 -16.18 15.46
N ALA B 63 -14.62 -16.42 15.36
CA ALA B 63 -15.61 -15.37 15.09
C ALA B 63 -15.60 -14.23 16.15
N ASN B 64 -15.39 -14.59 17.44
CA ASN B 64 -15.30 -13.67 18.59
C ASN B 64 -16.47 -12.68 18.74
N GLY B 65 -17.68 -13.14 18.41
CA GLY B 65 -18.90 -12.35 18.52
C GLY B 65 -19.10 -11.29 17.45
N ARG B 66 -18.14 -11.17 16.51
CA ARG B 66 -18.21 -10.18 15.45
C ARG B 66 -19.25 -10.50 14.39
N PHE B 67 -19.60 -11.77 14.23
CA PHE B 67 -20.56 -12.20 13.21
C PHE B 67 -21.92 -12.48 13.78
N THR B 68 -22.97 -12.16 13.02
CA THR B 68 -24.34 -12.48 13.36
C THR B 68 -24.94 -13.08 12.11
N ILE B 69 -25.43 -14.33 12.20
CA ILE B 69 -26.02 -15.06 11.08
C ILE B 69 -27.43 -15.30 11.46
N SER B 70 -28.35 -14.89 10.61
CA SER B 70 -29.78 -14.98 10.86
C SER B 70 -30.48 -15.21 9.54
N LYS B 71 -31.81 -15.40 9.57
CA LYS B 71 -32.59 -15.61 8.35
C LYS B 71 -33.95 -14.95 8.46
N ASP B 72 -34.60 -14.80 7.31
CA ASP B 72 -35.94 -14.29 7.15
C ASP B 72 -36.52 -15.11 6.05
N SER B 73 -37.18 -16.19 6.39
CA SER B 73 -37.74 -17.10 5.40
C SER B 73 -38.93 -16.50 4.61
N SER B 74 -39.52 -15.40 5.11
CA SER B 74 -40.61 -14.65 4.47
C SER B 74 -40.05 -13.79 3.30
N LYS B 75 -38.72 -13.57 3.28
CA LYS B 75 -38.03 -12.84 2.22
C LYS B 75 -37.06 -13.82 1.49
N ASN B 76 -37.06 -15.12 1.89
CA ASN B 76 -36.18 -16.17 1.34
C ASN B 76 -34.72 -15.72 1.42
N GLN B 77 -34.34 -15.17 2.58
CA GLN B 77 -33.03 -14.58 2.75
C GLN B 77 -32.35 -15.02 3.99
N VAL B 78 -31.04 -15.26 3.87
CA VAL B 78 -30.15 -15.52 4.98
C VAL B 78 -29.19 -14.33 5.03
N SER B 79 -28.81 -13.89 6.24
CA SER B 79 -27.94 -12.71 6.38
C SER B 79 -26.73 -13.00 7.21
N LEU B 80 -25.69 -12.21 6.99
CA LEU B 80 -24.45 -12.21 7.75
C LEU B 80 -24.16 -10.73 8.04
N LYS B 81 -23.84 -10.43 9.30
CA LYS B 81 -23.54 -9.09 9.78
C LYS B 81 -22.18 -9.14 10.44
N LEU B 82 -21.24 -8.39 9.91
CA LEU B 82 -19.91 -8.37 10.46
C LEU B 82 -19.62 -6.95 10.96
N SER B 83 -19.41 -6.81 12.27
CA SER B 83 -19.12 -5.51 12.85
C SER B 83 -17.61 -5.20 12.76
N SER B 84 -17.24 -3.92 12.86
CA SER B 84 -15.86 -3.38 12.89
C SER B 84 -14.90 -4.11 11.94
N VAL B 85 -15.18 -4.06 10.63
CA VAL B 85 -14.36 -4.73 9.61
C VAL B 85 -12.93 -4.20 9.58
N THR B 86 -12.02 -5.05 9.14
CA THR B 86 -10.61 -4.76 9.01
C THR B 86 -10.15 -5.39 7.71
N ALA B 87 -8.92 -5.06 7.26
CA ALA B 87 -8.27 -5.59 6.06
C ALA B 87 -8.27 -7.13 6.07
N ALA B 88 -8.20 -7.73 7.29
CA ALA B 88 -8.22 -9.16 7.55
C ALA B 88 -9.56 -9.81 7.13
N ASP B 89 -10.60 -8.99 6.92
CA ASP B 89 -11.96 -9.43 6.51
C ASP B 89 -12.18 -9.34 5.01
N THR B 90 -11.15 -8.88 4.24
CA THR B 90 -11.18 -8.91 2.76
C THR B 90 -11.15 -10.41 2.42
N ALA B 91 -12.10 -10.88 1.60
CA ALA B 91 -12.24 -12.31 1.22
C ALA B 91 -13.44 -12.48 0.31
N VAL B 92 -13.57 -13.67 -0.31
CA VAL B 92 -14.77 -13.98 -1.11
C VAL B 92 -15.66 -14.68 -0.05
N TYR B 93 -16.92 -14.28 0.06
CA TYR B 93 -17.83 -14.87 1.04
C TYR B 93 -18.82 -15.73 0.31
N PHE B 94 -18.89 -16.99 0.67
CA PHE B 94 -19.86 -17.90 0.08
C PHE B 94 -21.00 -18.22 1.05
N CYS B 95 -22.18 -18.46 0.48
CA CYS B 95 -23.39 -18.97 1.08
C CYS B 95 -23.43 -20.47 0.66
N ALA B 96 -23.55 -21.43 1.60
CA ALA B 96 -23.58 -22.85 1.21
C ALA B 96 -24.58 -23.63 2.05
N ARG B 97 -25.44 -24.37 1.38
CA ARG B 97 -26.48 -25.15 2.04
C ARG B 97 -25.97 -26.47 2.58
N HIS B 98 -26.57 -26.98 3.69
CA HIS B 98 -26.28 -28.33 4.11
C HIS B 98 -26.89 -29.19 2.99
N MET B 99 -26.21 -30.28 2.62
CA MET B 99 -26.66 -31.15 1.52
C MET B 99 -28.09 -31.68 1.69
N GLN B 100 -28.41 -32.16 2.89
CA GLN B 100 -29.69 -32.75 3.17
C GLN B 100 -30.52 -31.95 4.14
N VAL B 101 -31.83 -32.24 4.13
CA VAL B 101 -32.79 -31.62 5.06
C VAL B 101 -32.38 -31.97 6.50
N GLY B 102 -32.68 -31.08 7.43
CA GLY B 102 -32.35 -31.29 8.84
C GLY B 102 -33.31 -32.21 9.57
N GLY B 103 -32.81 -32.82 10.63
CA GLY B 103 -33.62 -33.65 11.52
C GLY B 103 -33.94 -35.06 11.08
N ALA B 104 -33.43 -35.51 9.92
CA ALA B 104 -33.70 -36.88 9.45
C ALA B 104 -32.72 -37.84 10.13
N PRO B 105 -32.99 -39.17 10.23
CA PRO B 105 -32.03 -40.08 10.91
C PRO B 105 -30.61 -39.96 10.39
N THR B 106 -30.46 -39.74 9.06
CA THR B 106 -29.16 -39.49 8.45
C THR B 106 -29.10 -37.97 8.23
N GLY B 107 -28.05 -37.34 8.76
CA GLY B 107 -27.83 -35.91 8.60
C GLY B 107 -27.17 -35.62 7.25
N SER B 108 -26.40 -34.53 7.17
CA SER B 108 -25.74 -34.14 5.92
C SER B 108 -24.31 -34.66 5.80
N MET B 109 -23.77 -35.27 6.89
CA MET B 109 -22.42 -35.87 6.96
C MET B 109 -21.27 -34.92 6.55
N ALA B 110 -21.35 -33.63 6.99
CA ALA B 110 -20.38 -32.56 6.71
C ALA B 110 -20.32 -32.12 5.23
N ALA B 111 -21.38 -32.46 4.45
CA ALA B 111 -21.51 -32.10 3.04
C ALA B 111 -22.28 -30.82 2.89
N PHE B 112 -21.85 -29.97 1.93
CA PHE B 112 -22.50 -28.69 1.61
C PHE B 112 -22.76 -28.68 0.14
N ASP B 113 -24.01 -28.47 -0.22
CA ASP B 113 -24.42 -28.48 -1.62
C ASP B 113 -25.86 -28.06 -1.69
N PRO B 114 -26.24 -27.09 -2.56
CA PRO B 114 -25.39 -26.26 -3.45
C PRO B 114 -24.64 -25.14 -2.72
N TRP B 115 -23.83 -24.40 -3.45
CA TRP B 115 -23.08 -23.25 -2.96
C TRP B 115 -23.49 -22.09 -3.82
N GLY B 116 -23.34 -20.88 -3.29
CA GLY B 116 -23.59 -19.68 -4.07
C GLY B 116 -22.36 -19.41 -4.91
N PRO B 117 -22.38 -18.50 -5.91
CA PRO B 117 -21.15 -18.24 -6.68
C PRO B 117 -20.06 -17.51 -5.90
N GLY B 118 -20.44 -16.87 -4.80
CA GLY B 118 -19.51 -16.09 -3.98
C GLY B 118 -19.57 -14.62 -4.33
N THR B 119 -19.36 -13.76 -3.33
CA THR B 119 -19.31 -12.31 -3.46
C THR B 119 -18.02 -11.82 -2.83
N LEU B 120 -17.22 -11.01 -3.57
CA LEU B 120 -15.97 -10.49 -3.02
C LEU B 120 -16.30 -9.23 -2.20
N VAL B 121 -15.64 -9.12 -1.04
CA VAL B 121 -15.76 -7.99 -0.14
C VAL B 121 -14.36 -7.43 0.01
N THR B 122 -14.15 -6.19 -0.39
CA THR B 122 -12.84 -5.53 -0.22
C THR B 122 -12.98 -4.51 0.92
N VAL B 123 -12.17 -4.63 1.97
CA VAL B 123 -12.18 -3.67 3.07
C VAL B 123 -11.08 -2.62 2.78
N SER B 124 -11.50 -1.38 2.38
CA SER B 124 -10.57 -0.30 1.99
C SER B 124 -11.14 1.11 2.16
N SER B 125 -10.24 2.06 2.50
CA SER B 125 -10.52 3.50 2.58
C SER B 125 -10.60 4.10 1.14
N ALA B 126 -10.01 3.40 0.14
CA ALA B 126 -9.94 3.85 -1.25
C ALA B 126 -11.31 3.84 -1.89
N SER B 127 -11.51 4.75 -2.83
CA SER B 127 -12.76 4.89 -3.54
C SER B 127 -12.79 4.13 -4.87
N THR B 128 -14.00 3.79 -5.30
CA THR B 128 -14.33 3.14 -6.55
C THR B 128 -13.75 3.92 -7.76
N LYS B 129 -13.01 3.23 -8.67
CA LYS B 129 -12.43 3.84 -9.89
C LYS B 129 -12.68 2.91 -11.07
N GLY B 130 -13.27 3.45 -12.12
CA GLY B 130 -13.54 2.69 -13.34
C GLY B 130 -12.28 2.50 -14.15
N PRO B 131 -12.19 1.46 -14.99
CA PRO B 131 -10.95 1.25 -15.74
C PRO B 131 -10.88 2.00 -17.07
N SER B 132 -9.65 2.09 -17.61
CA SER B 132 -9.40 2.59 -18.96
C SER B 132 -9.12 1.31 -19.76
N VAL B 133 -9.66 1.19 -20.97
CA VAL B 133 -9.50 -0.02 -21.77
C VAL B 133 -8.70 0.34 -23.04
N PHE B 134 -7.53 -0.26 -23.19
CA PHE B 134 -6.59 0.02 -24.28
C PHE B 134 -6.42 -1.20 -25.16
N PRO B 135 -6.22 -1.03 -26.48
CA PRO B 135 -6.05 -2.21 -27.32
C PRO B 135 -4.63 -2.74 -27.29
N LEU B 136 -4.51 -4.01 -27.64
CA LEU B 136 -3.26 -4.72 -27.81
C LEU B 136 -3.38 -5.11 -29.28
N ALA B 137 -2.88 -4.22 -30.16
CA ALA B 137 -2.92 -4.37 -31.63
C ALA B 137 -2.49 -5.77 -32.08
N PRO B 138 -3.16 -6.38 -33.09
CA PRO B 138 -2.78 -7.74 -33.51
C PRO B 138 -1.32 -7.90 -33.97
N SER B 139 -0.70 -8.99 -33.53
CA SER B 139 0.68 -9.38 -33.84
C SER B 139 0.52 -10.70 -34.59
N SER B 140 0.78 -10.66 -35.92
CA SER B 140 0.63 -11.82 -36.80
C SER B 140 1.83 -12.73 -36.89
N LYS B 141 1.58 -14.01 -37.13
CA LYS B 141 2.60 -15.03 -37.37
C LYS B 141 2.58 -15.24 -38.89
N SER B 142 3.77 -15.26 -39.56
CA SER B 142 3.84 -15.42 -41.00
C SER B 142 3.70 -16.88 -41.41
N THR B 143 4.15 -17.81 -40.56
CA THR B 143 4.01 -19.25 -40.77
C THR B 143 3.29 -19.87 -39.53
N SER B 144 3.50 -21.17 -39.26
CA SER B 144 2.85 -21.91 -38.14
C SER B 144 1.29 -21.72 -38.06
N GLY B 145 0.63 -21.73 -39.22
CA GLY B 145 -0.82 -21.63 -39.24
C GLY B 145 -1.40 -20.23 -39.36
N GLY B 146 -0.53 -19.23 -39.53
CA GLY B 146 -0.91 -17.85 -39.74
C GLY B 146 -1.88 -17.26 -38.73
N THR B 147 -1.63 -17.52 -37.44
CA THR B 147 -2.45 -16.97 -36.35
C THR B 147 -1.94 -15.59 -35.98
N ALA B 148 -2.75 -14.84 -35.24
CA ALA B 148 -2.46 -13.50 -34.75
C ALA B 148 -3.02 -13.44 -33.37
N ALA B 149 -2.28 -12.82 -32.45
CA ALA B 149 -2.74 -12.61 -31.08
C ALA B 149 -3.06 -11.13 -30.93
N LEU B 150 -4.17 -10.85 -30.28
CA LEU B 150 -4.64 -9.50 -30.02
C LEU B 150 -5.27 -9.48 -28.65
N GLY B 151 -5.61 -8.30 -28.16
CA GLY B 151 -6.23 -8.23 -26.84
C GLY B 151 -6.61 -6.86 -26.37
N CYS B 152 -6.86 -6.77 -25.06
CA CYS B 152 -7.23 -5.54 -24.39
C CYS B 152 -6.51 -5.47 -23.07
N LEU B 153 -5.99 -4.29 -22.72
CA LEU B 153 -5.43 -4.05 -21.41
C LEU B 153 -6.51 -3.25 -20.68
N VAL B 154 -6.95 -3.76 -19.53
CA VAL B 154 -7.96 -3.14 -18.69
C VAL B 154 -7.16 -2.59 -17.50
N LYS B 155 -6.89 -1.28 -17.52
CA LYS B 155 -5.99 -0.71 -16.53
C LYS B 155 -6.64 0.27 -15.56
N ASP B 156 -6.05 0.34 -14.35
CA ASP B 156 -6.35 1.24 -13.27
C ASP B 156 -7.81 1.23 -12.77
N TYR B 157 -8.31 0.07 -12.32
CA TYR B 157 -9.67 0.04 -11.75
C TYR B 157 -9.57 -0.41 -10.31
N PHE B 158 -10.63 -0.14 -9.52
CA PHE B 158 -10.74 -0.54 -8.12
C PHE B 158 -12.21 -0.42 -7.69
N PRO B 159 -12.78 -1.36 -6.89
CA PRO B 159 -12.18 -2.62 -6.43
C PRO B 159 -12.31 -3.67 -7.53
N GLU B 160 -11.85 -4.89 -7.27
CA GLU B 160 -12.11 -6.02 -8.17
C GLU B 160 -13.59 -6.39 -7.99
N PRO B 161 -14.27 -7.05 -8.95
CA PRO B 161 -13.77 -7.62 -10.21
C PRO B 161 -14.18 -6.89 -11.48
N VAL B 162 -13.51 -7.20 -12.61
CA VAL B 162 -13.90 -6.77 -13.94
C VAL B 162 -14.19 -8.06 -14.68
N THR B 163 -15.09 -8.00 -15.66
CA THR B 163 -15.38 -9.18 -16.47
C THR B 163 -15.08 -8.80 -17.91
N VAL B 164 -14.50 -9.72 -18.67
CA VAL B 164 -14.18 -9.44 -20.07
C VAL B 164 -14.75 -10.54 -20.93
N SER B 165 -15.45 -10.16 -22.00
CA SER B 165 -15.90 -11.10 -23.02
C SER B 165 -15.40 -10.57 -24.38
N TRP B 166 -15.56 -11.37 -25.44
CA TRP B 166 -15.14 -11.00 -26.78
C TRP B 166 -16.30 -11.22 -27.71
N ASN B 167 -16.58 -10.23 -28.58
CA ASN B 167 -17.68 -10.24 -29.55
C ASN B 167 -18.99 -10.74 -28.89
N SER B 168 -19.38 -10.04 -27.80
CA SER B 168 -20.55 -10.26 -26.94
C SER B 168 -20.79 -11.74 -26.56
N GLY B 169 -19.69 -12.45 -26.29
CA GLY B 169 -19.73 -13.86 -25.90
C GLY B 169 -19.60 -14.87 -27.02
N ALA B 170 -19.69 -14.43 -28.30
CA ALA B 170 -19.55 -15.31 -29.48
C ALA B 170 -18.14 -15.90 -29.59
N LEU B 171 -17.11 -15.12 -29.19
CA LEU B 171 -15.69 -15.52 -29.24
C LEU B 171 -15.21 -15.95 -27.87
N THR B 172 -14.95 -17.25 -27.71
CA THR B 172 -14.53 -17.92 -26.47
C THR B 172 -13.29 -18.84 -26.63
N SER B 173 -13.11 -19.49 -27.79
CA SER B 173 -11.96 -20.38 -27.99
C SER B 173 -10.65 -19.60 -28.18
N GLY B 174 -9.63 -19.95 -27.38
CA GLY B 174 -8.32 -19.31 -27.43
C GLY B 174 -8.20 -18.02 -26.63
N VAL B 175 -9.25 -17.67 -25.86
CA VAL B 175 -9.29 -16.48 -25.00
C VAL B 175 -8.52 -16.77 -23.69
N HIS B 176 -7.63 -15.86 -23.27
CA HIS B 176 -6.89 -15.98 -22.01
C HIS B 176 -7.02 -14.67 -21.22
N THR B 177 -8.02 -14.60 -20.33
CA THR B 177 -8.23 -13.44 -19.48
C THR B 177 -7.44 -13.73 -18.24
N PHE B 178 -6.36 -12.95 -18.02
CA PHE B 178 -5.46 -13.17 -16.90
C PHE B 178 -6.01 -12.71 -15.54
N PRO B 179 -5.53 -13.29 -14.40
CA PRO B 179 -5.92 -12.74 -13.10
C PRO B 179 -5.45 -11.30 -13.03
N ALA B 180 -6.16 -10.44 -12.26
CA ALA B 180 -5.80 -9.04 -12.09
C ALA B 180 -4.57 -8.95 -11.21
N VAL B 181 -3.70 -7.94 -11.43
CA VAL B 181 -2.53 -7.74 -10.57
C VAL B 181 -2.74 -6.41 -9.85
N LEU B 182 -2.28 -6.31 -8.60
CA LEU B 182 -2.35 -5.07 -7.84
C LEU B 182 -1.08 -4.27 -8.15
N GLN B 183 -1.26 -3.07 -8.72
CA GLN B 183 -0.13 -2.20 -9.06
C GLN B 183 0.32 -1.43 -7.83
N SER B 184 1.54 -0.84 -7.89
CA SER B 184 2.18 -0.03 -6.85
C SER B 184 1.33 1.19 -6.45
N SER B 185 0.40 1.60 -7.34
CA SER B 185 -0.51 2.74 -7.18
C SER B 185 -1.72 2.41 -6.32
N GLY B 186 -1.97 1.12 -6.09
CA GLY B 186 -3.13 0.66 -5.35
C GLY B 186 -4.32 0.32 -6.24
N LEU B 187 -4.14 0.33 -7.59
CA LEU B 187 -5.20 0.02 -8.56
C LEU B 187 -4.87 -1.27 -9.31
N TYR B 188 -5.91 -1.96 -9.78
CA TYR B 188 -5.79 -3.23 -10.48
C TYR B 188 -5.60 -3.08 -11.97
N SER B 189 -4.94 -4.07 -12.58
CA SER B 189 -4.73 -4.13 -14.01
C SER B 189 -4.80 -5.56 -14.48
N LEU B 190 -5.33 -5.76 -15.67
CA LEU B 190 -5.35 -7.09 -16.28
C LEU B 190 -5.41 -7.00 -17.79
N SER B 191 -4.96 -8.06 -18.47
CA SER B 191 -5.05 -8.16 -19.90
C SER B 191 -5.92 -9.38 -20.28
N SER B 192 -6.66 -9.25 -21.36
CA SER B 192 -7.41 -10.35 -21.92
C SER B 192 -6.90 -10.47 -23.35
N VAL B 193 -6.42 -11.67 -23.70
CA VAL B 193 -5.87 -11.92 -25.03
C VAL B 193 -6.67 -12.99 -25.79
N VAL B 194 -6.58 -12.97 -27.14
CA VAL B 194 -7.22 -13.96 -28.01
C VAL B 194 -6.39 -14.16 -29.28
N THR B 195 -6.29 -15.43 -29.72
CA THR B 195 -5.60 -15.81 -30.94
C THR B 195 -6.65 -16.09 -31.99
N VAL B 196 -6.56 -15.36 -33.10
CA VAL B 196 -7.49 -15.42 -34.23
C VAL B 196 -6.69 -15.66 -35.53
N PRO B 197 -7.33 -16.01 -36.69
CA PRO B 197 -6.54 -16.13 -37.93
C PRO B 197 -6.06 -14.74 -38.34
N SER B 198 -4.81 -14.64 -38.83
CA SER B 198 -4.24 -13.37 -39.30
C SER B 198 -5.03 -12.90 -40.52
N SER B 199 -5.51 -13.86 -41.33
CA SER B 199 -6.36 -13.70 -42.55
C SER B 199 -7.60 -12.81 -42.34
N SER B 200 -8.24 -12.90 -41.15
CA SER B 200 -9.47 -12.21 -40.78
C SER B 200 -9.28 -10.77 -40.26
N LEU B 201 -8.03 -10.30 -40.15
CA LEU B 201 -7.79 -8.95 -39.64
C LEU B 201 -8.18 -7.90 -40.66
N THR B 205 -14.03 -8.18 -37.38
CA THR B 205 -14.34 -7.23 -36.32
C THR B 205 -14.23 -7.93 -34.95
N TYR B 206 -13.34 -7.39 -34.09
CA TYR B 206 -13.04 -7.90 -32.74
C TYR B 206 -13.20 -6.80 -31.70
N ILE B 207 -14.16 -7.01 -30.80
CA ILE B 207 -14.51 -6.06 -29.75
C ILE B 207 -14.36 -6.76 -28.40
N CYS B 208 -13.76 -6.06 -27.41
CA CYS B 208 -13.67 -6.60 -26.08
C CYS B 208 -14.65 -5.85 -25.19
N ASN B 209 -15.58 -6.61 -24.62
CA ASN B 209 -16.66 -6.09 -23.79
C ASN B 209 -16.17 -6.16 -22.36
N VAL B 210 -15.94 -4.99 -21.77
CA VAL B 210 -15.43 -4.84 -20.41
C VAL B 210 -16.54 -4.33 -19.49
N ASN B 211 -16.70 -4.94 -18.31
CA ASN B 211 -17.69 -4.51 -17.33
C ASN B 211 -17.09 -4.43 -15.96
N HIS B 212 -17.17 -3.25 -15.34
CA HIS B 212 -16.72 -3.02 -13.98
C HIS B 212 -17.97 -2.55 -13.22
N LYS B 213 -18.70 -3.53 -12.65
CA LYS B 213 -19.93 -3.26 -11.91
C LYS B 213 -19.74 -2.20 -10.80
N PRO B 214 -18.70 -2.27 -9.91
CA PRO B 214 -18.54 -1.26 -8.85
C PRO B 214 -18.66 0.22 -9.24
N SER B 215 -18.16 0.59 -10.43
CA SER B 215 -18.20 1.97 -10.92
C SER B 215 -19.24 2.15 -12.01
N ASN B 216 -20.05 1.10 -12.28
CA ASN B 216 -21.07 1.04 -13.33
C ASN B 216 -20.44 1.43 -14.70
N THR B 217 -19.28 0.78 -15.03
CA THR B 217 -18.51 1.00 -16.26
C THR B 217 -18.71 -0.16 -17.23
N LYS B 218 -19.01 0.16 -18.48
CA LYS B 218 -19.23 -0.80 -19.56
C LYS B 218 -18.52 -0.23 -20.81
N VAL B 219 -17.40 -0.83 -21.22
CA VAL B 219 -16.62 -0.38 -22.37
C VAL B 219 -16.56 -1.47 -23.43
N ASP B 220 -16.92 -1.12 -24.68
CA ASP B 220 -16.87 -2.04 -25.80
C ASP B 220 -15.76 -1.50 -26.74
N LYS B 221 -14.54 -2.03 -26.56
CA LYS B 221 -13.37 -1.57 -27.30
C LYS B 221 -13.10 -2.38 -28.56
N LYS B 222 -13.12 -1.73 -29.73
CA LYS B 222 -12.83 -2.39 -31.00
C LYS B 222 -11.29 -2.37 -31.20
N VAL B 223 -10.67 -3.57 -31.30
CA VAL B 223 -9.22 -3.76 -31.49
C VAL B 223 -8.92 -3.94 -32.98
N GLU B 224 -8.17 -3.01 -33.57
CA GLU B 224 -7.83 -3.06 -34.99
C GLU B 224 -6.31 -2.84 -35.26
N PRO B 225 -5.76 -3.30 -36.41
CA PRO B 225 -4.31 -3.08 -36.68
C PRO B 225 -4.01 -1.64 -37.07
N ALA C 2 28.29 36.13 -4.23
CA ALA C 2 27.02 36.80 -3.89
C ALA C 2 26.41 36.29 -2.61
N VAL C 3 25.88 37.22 -1.81
CA VAL C 3 25.22 36.92 -0.54
C VAL C 3 23.84 37.55 -0.58
N LEU C 4 22.83 36.77 -0.22
CA LEU C 4 21.47 37.24 -0.14
C LEU C 4 21.12 37.33 1.32
N THR C 5 20.85 38.57 1.78
CA THR C 5 20.47 38.84 3.16
C THR C 5 18.98 38.95 3.28
N GLN C 6 18.40 38.03 4.06
CA GLN C 6 16.97 38.06 4.32
C GLN C 6 16.73 38.75 5.66
N SER C 7 15.61 39.47 5.78
CA SER C 7 15.24 40.17 7.02
C SER C 7 13.73 40.29 7.07
N PRO C 8 13.12 40.14 8.25
CA PRO C 8 13.73 39.83 9.56
C PRO C 8 14.04 38.32 9.63
N GLY C 9 14.77 37.87 10.63
CA GLY C 9 15.06 36.45 10.80
C GLY C 9 13.83 35.66 11.21
N THR C 10 13.00 36.26 12.08
CA THR C 10 11.77 35.69 12.60
C THR C 10 10.66 36.72 12.48
N LEU C 11 9.45 36.23 12.14
CA LEU C 11 8.25 37.04 12.02
C LEU C 11 7.14 36.22 12.67
N SER C 12 6.40 36.83 13.61
CA SER C 12 5.33 36.17 14.34
C SER C 12 4.09 37.01 14.14
N LEU C 13 3.08 36.46 13.44
CA LEU C 13 1.87 37.21 13.10
C LEU C 13 0.62 36.36 13.20
N SER C 14 -0.55 36.98 13.38
CA SER C 14 -1.82 36.24 13.50
C SER C 14 -2.40 35.90 12.12
N PRO C 15 -3.28 34.91 11.98
CA PRO C 15 -3.94 34.71 10.68
C PRO C 15 -4.75 35.98 10.32
N GLY C 16 -4.78 36.29 9.03
CA GLY C 16 -5.43 37.49 8.53
C GLY C 16 -4.49 38.68 8.39
N GLU C 17 -3.30 38.65 9.03
CA GLU C 17 -2.35 39.79 8.91
C GLU C 17 -1.44 39.67 7.67
N ARG C 18 -0.83 40.79 7.26
CA ARG C 18 0.08 40.89 6.11
C ARG C 18 1.53 40.66 6.53
N ALA C 19 2.20 39.71 5.86
CA ALA C 19 3.61 39.43 6.14
C ALA C 19 4.46 39.98 5.00
N THR C 20 5.50 40.77 5.31
CA THR C 20 6.41 41.32 4.31
C THR C 20 7.83 40.83 4.59
N LEU C 21 8.41 40.06 3.64
CA LEU C 21 9.74 39.51 3.73
C LEU C 21 10.65 40.20 2.76
N SER C 22 11.83 40.57 3.25
CA SER C 22 12.77 41.28 2.41
C SER C 22 14.00 40.41 2.11
N CYS C 23 14.60 40.65 0.94
CA CYS C 23 15.78 39.93 0.45
C CYS C 23 16.68 40.93 -0.27
N GLN C 24 17.88 41.15 0.26
CA GLN C 24 18.87 42.07 -0.28
C GLN C 24 20.07 41.27 -0.87
N SER C 25 20.30 41.39 -2.18
CA SER C 25 21.42 40.71 -2.87
C SER C 25 22.62 41.67 -2.89
N SER C 26 23.81 41.21 -2.46
CA SER C 26 25.01 42.05 -2.40
C SER C 26 25.52 42.48 -3.80
N GLN C 27 24.97 41.88 -4.86
CA GLN C 27 25.27 42.21 -6.26
C GLN C 27 24.02 41.93 -7.09
N SER C 28 23.80 42.70 -8.17
CA SER C 28 22.62 42.53 -9.02
C SER C 28 22.40 41.10 -9.48
N VAL C 29 21.15 40.67 -9.52
CA VAL C 29 20.83 39.35 -10.06
C VAL C 29 20.90 39.47 -11.58
N TYR C 30 21.11 38.33 -12.28
CA TYR C 30 21.17 38.31 -13.73
C TYR C 30 19.82 38.76 -14.29
N ASN C 31 19.84 39.61 -15.36
CA ASN C 31 18.63 40.13 -16.02
C ASN C 31 17.70 40.95 -15.06
N ASN C 32 18.21 41.26 -13.83
CA ASN C 32 17.55 42.00 -12.71
C ASN C 32 16.31 41.31 -12.13
N ASN C 33 15.94 40.13 -12.62
CA ASN C 33 14.77 39.45 -12.11
C ASN C 33 14.98 37.97 -11.81
N TYR C 34 16.23 37.50 -11.88
CA TYR C 34 16.56 36.10 -11.57
C TYR C 34 16.56 35.90 -10.05
N LEU C 35 15.37 36.00 -9.46
CA LEU C 35 15.13 35.89 -8.03
C LEU C 35 13.87 35.09 -7.77
N SER C 36 14.03 34.01 -7.00
CA SER C 36 12.91 33.14 -6.62
C SER C 36 12.67 33.04 -5.10
N TRP C 37 11.45 32.68 -4.74
CA TRP C 37 10.99 32.48 -3.35
C TRP C 37 10.51 31.10 -3.18
N PHE C 38 10.90 30.51 -2.04
CA PHE C 38 10.55 29.16 -1.68
C PHE C 38 10.01 29.13 -0.26
N GLN C 39 9.14 28.15 0.02
CA GLN C 39 8.58 27.91 1.33
C GLN C 39 9.00 26.49 1.77
N GLN C 40 9.59 26.35 2.97
CA GLN C 40 9.97 25.02 3.42
C GLN C 40 9.36 24.68 4.75
N LYS C 41 8.75 23.49 4.83
CA LYS C 41 8.14 22.89 6.00
C LYS C 41 9.11 21.87 6.54
N PRO C 42 9.09 21.57 7.86
CA PRO C 42 10.03 20.58 8.41
C PRO C 42 9.90 19.23 7.75
N GLY C 43 11.05 18.65 7.40
CA GLY C 43 11.17 17.34 6.75
C GLY C 43 10.66 17.28 5.32
N GLN C 44 10.31 18.44 4.74
CA GLN C 44 9.79 18.55 3.39
C GLN C 44 10.79 19.26 2.46
N PRO C 45 10.74 19.01 1.13
CA PRO C 45 11.60 19.79 0.24
C PRO C 45 11.06 21.22 0.12
N PRO C 46 11.91 22.22 -0.17
CA PRO C 46 11.41 23.58 -0.41
C PRO C 46 10.36 23.58 -1.52
N ARG C 47 9.35 24.45 -1.40
CA ARG C 47 8.27 24.57 -2.38
C ARG C 47 8.41 25.88 -3.13
N LEU C 48 8.48 25.81 -4.47
CA LEU C 48 8.60 27.05 -5.25
C LEU C 48 7.32 27.89 -5.11
N LEU C 49 7.47 29.18 -4.80
CA LEU C 49 6.35 30.12 -4.67
C LEU C 49 6.31 31.06 -5.85
N ILE C 50 7.38 31.84 -6.01
CA ILE C 50 7.50 32.89 -6.98
C ILE C 50 8.85 32.83 -7.68
N TYR C 51 8.83 33.02 -8.99
CA TYR C 51 10.03 33.06 -9.83
C TYR C 51 10.01 34.34 -10.67
N GLY C 52 11.18 34.76 -11.14
CA GLY C 52 11.30 35.97 -11.94
C GLY C 52 10.89 37.19 -11.14
N ALA C 53 11.14 37.11 -9.81
CA ALA C 53 10.86 38.12 -8.78
C ALA C 53 9.38 38.39 -8.53
N SER C 54 8.48 38.14 -9.51
CA SER C 54 7.08 38.52 -9.36
C SER C 54 6.07 37.59 -9.97
N THR C 55 6.50 36.47 -10.55
CA THR C 55 5.56 35.53 -11.15
C THR C 55 5.22 34.36 -10.19
N LEU C 56 3.91 34.14 -9.94
CA LEU C 56 3.41 33.05 -9.10
C LEU C 56 3.40 31.73 -9.88
N THR C 57 3.80 30.60 -9.23
CA THR C 57 3.78 29.28 -9.86
C THR C 57 2.38 28.67 -9.75
N SER C 58 2.11 27.59 -10.52
CA SER C 58 0.85 26.83 -10.55
C SER C 58 0.50 26.25 -9.17
N GLY C 59 -0.77 26.34 -8.80
CA GLY C 59 -1.29 25.83 -7.54
C GLY C 59 -0.84 26.54 -6.28
N VAL C 60 -0.22 27.73 -6.41
CA VAL C 60 0.26 28.55 -5.30
C VAL C 60 -0.82 29.61 -5.01
N PRO C 61 -1.38 29.64 -3.78
CA PRO C 61 -2.43 30.63 -3.49
C PRO C 61 -2.10 32.08 -3.83
N ASP C 62 -3.11 32.79 -4.40
CA ASP C 62 -3.05 34.19 -4.84
C ASP C 62 -2.66 35.22 -3.74
N ARG C 63 -2.59 34.81 -2.45
CA ARG C 63 -2.18 35.70 -1.35
C ARG C 63 -0.68 36.01 -1.37
N PHE C 64 0.12 35.22 -2.11
CA PHE C 64 1.55 35.44 -2.23
C PHE C 64 1.83 36.32 -3.43
N SER C 65 2.68 37.31 -3.26
CA SER C 65 3.08 38.22 -4.34
C SER C 65 4.52 38.62 -4.08
N GLY C 66 5.25 38.83 -5.16
CA GLY C 66 6.63 39.26 -5.10
C GLY C 66 6.77 40.49 -5.95
N SER C 67 7.76 41.31 -5.61
CA SER C 67 8.09 42.54 -6.27
C SER C 67 9.57 42.85 -6.02
N GLY C 68 10.13 43.78 -6.79
CA GLY C 68 11.52 44.22 -6.67
C GLY C 68 12.32 44.02 -7.94
N SER C 69 13.56 44.54 -7.94
CA SER C 69 14.45 44.45 -9.10
C SER C 69 15.90 44.64 -8.75
N GLY C 70 16.76 43.92 -9.48
CA GLY C 70 18.20 44.01 -9.40
C GLY C 70 18.82 43.51 -8.12
N THR C 71 18.70 44.33 -7.05
CA THR C 71 19.35 44.08 -5.75
C THR C 71 18.38 43.91 -4.54
N ASP C 72 17.18 44.52 -4.57
CA ASP C 72 16.22 44.49 -3.45
C ASP C 72 14.89 43.92 -3.83
N PHE C 73 14.39 42.95 -3.03
CA PHE C 73 13.21 42.16 -3.33
C PHE C 73 12.36 41.94 -2.09
N THR C 74 11.06 41.68 -2.33
CA THR C 74 10.11 41.47 -1.24
C THR C 74 9.09 40.44 -1.59
N LEU C 75 8.73 39.63 -0.61
CA LEU C 75 7.68 38.62 -0.72
C LEU C 75 6.63 39.14 0.24
N THR C 76 5.38 39.15 -0.23
CA THR C 76 4.25 39.59 0.57
C THR C 76 3.22 38.50 0.66
N ILE C 77 2.77 38.21 1.90
CA ILE C 77 1.65 37.32 2.14
C ILE C 77 0.55 38.33 2.58
N SER C 78 -0.49 38.54 1.76
CA SER C 78 -1.51 39.57 2.00
C SER C 78 -2.33 39.31 3.27
N ARG C 79 -2.76 38.07 3.47
CA ARG C 79 -3.48 37.63 4.67
C ARG C 79 -2.96 36.28 5.07
N LEU C 80 -2.17 36.21 6.15
CA LEU C 80 -1.61 34.95 6.66
C LEU C 80 -2.64 33.90 6.99
N GLU C 81 -2.40 32.66 6.54
CA GLU C 81 -3.23 31.51 6.88
C GLU C 81 -2.44 30.69 7.92
N PRO C 82 -3.09 29.83 8.76
CA PRO C 82 -2.31 29.01 9.71
C PRO C 82 -1.30 28.06 9.03
N GLU C 83 -1.60 27.56 7.80
CA GLU C 83 -0.63 26.68 7.13
C GLU C 83 0.57 27.44 6.50
N ASP C 84 0.67 28.78 6.68
CA ASP C 84 1.80 29.56 6.15
C ASP C 84 3.05 29.56 7.08
N PHE C 85 2.96 28.85 8.20
CA PHE C 85 4.10 28.68 9.10
C PHE C 85 5.14 27.87 8.28
N ALA C 86 6.38 28.38 8.19
CA ALA C 86 7.45 27.76 7.39
C ALA C 86 8.66 28.64 7.46
N VAL C 87 9.76 28.19 6.82
CA VAL C 87 10.94 29.05 6.65
C VAL C 87 10.89 29.42 5.17
N TYR C 88 11.02 30.70 4.87
CA TYR C 88 10.94 31.21 3.49
C TYR C 88 12.31 31.59 3.03
N TYR C 89 12.72 31.10 1.83
CA TYR C 89 14.05 31.40 1.27
C TYR C 89 13.94 32.15 -0.06
N CYS C 90 14.85 33.08 -0.29
CA CYS C 90 15.03 33.74 -1.59
C CYS C 90 16.27 33.09 -2.25
N ALA C 91 16.25 32.96 -3.60
CA ALA C 91 17.38 32.42 -4.39
C ALA C 91 17.63 33.33 -5.56
N GLY C 92 18.88 33.65 -5.79
CA GLY C 92 19.30 34.52 -6.87
C GLY C 92 20.14 33.77 -7.88
N GLY C 93 20.06 34.22 -9.14
CA GLY C 93 20.85 33.72 -10.26
C GLY C 93 21.91 34.74 -10.62
N TYR C 94 23.14 34.29 -10.89
CA TYR C 94 24.26 35.21 -11.12
C TYR C 94 25.15 34.84 -12.26
N SER C 95 25.82 35.87 -12.82
CA SER C 95 26.89 35.72 -13.81
C SER C 95 28.14 35.28 -13.05
N GLY C 96 28.96 34.42 -13.65
CA GLY C 96 30.23 33.99 -13.07
C GLY C 96 30.67 32.57 -13.41
N SER C 97 31.89 32.24 -12.99
CA SER C 97 32.44 30.91 -13.24
C SER C 97 32.06 29.89 -12.14
N SER C 98 31.49 30.34 -11.01
CA SER C 98 31.23 29.35 -9.96
C SER C 98 29.86 29.47 -9.28
N ASP C 99 29.60 30.56 -8.55
CA ASP C 99 28.36 30.79 -7.80
C ASP C 99 27.20 31.29 -8.66
N LYS C 100 26.74 30.42 -9.54
CA LYS C 100 25.63 30.60 -10.47
C LYS C 100 24.36 30.86 -9.70
N TYR C 101 24.13 30.12 -8.59
CA TYR C 101 22.97 30.34 -7.74
C TYR C 101 23.40 30.41 -6.29
N ALA C 102 22.61 31.11 -5.46
CA ALA C 102 22.83 31.20 -4.01
C ALA C 102 21.47 31.39 -3.37
N PHE C 103 21.32 30.88 -2.15
CA PHE C 103 20.12 31.03 -1.35
C PHE C 103 20.33 32.04 -0.26
N GLY C 104 19.25 32.69 0.15
CA GLY C 104 19.26 33.58 1.30
C GLY C 104 19.29 32.73 2.55
N GLY C 105 19.46 33.36 3.72
CA GLY C 105 19.51 32.59 4.96
C GLY C 105 18.18 32.13 5.50
N GLY C 106 17.09 32.62 4.91
CA GLY C 106 15.73 32.29 5.32
C GLY C 106 15.13 33.17 6.39
N THR C 107 13.80 33.27 6.37
CA THR C 107 13.01 34.00 7.37
C THR C 107 12.02 33.03 7.93
N LYS C 108 12.03 32.86 9.24
CA LYS C 108 11.07 31.95 9.84
C LYS C 108 9.74 32.70 10.10
N VAL C 109 8.61 32.12 9.65
CA VAL C 109 7.29 32.71 9.89
C VAL C 109 6.53 31.81 10.86
N GLU C 110 6.18 32.35 12.01
CA GLU C 110 5.41 31.65 13.04
C GLU C 110 4.04 32.33 13.16
N ILE C 111 3.02 31.54 13.40
CA ILE C 111 1.62 31.97 13.52
C ILE C 111 1.19 32.19 14.98
N LYS C 112 0.81 33.45 15.35
CA LYS C 112 0.34 33.79 16.69
C LYS C 112 -1.11 33.39 16.81
N ARG C 113 -1.50 32.82 17.96
CA ARG C 113 -2.88 32.43 18.26
C ARG C 113 -3.13 32.70 19.75
N THR C 114 -4.34 32.47 20.21
CA THR C 114 -4.72 32.67 21.61
C THR C 114 -4.12 31.60 22.51
N VAL C 115 -3.80 31.97 23.77
CA VAL C 115 -3.27 31.03 24.76
C VAL C 115 -4.17 29.78 24.84
N ALA C 116 -3.54 28.58 24.82
CA ALA C 116 -4.25 27.32 24.93
C ALA C 116 -3.49 26.40 25.92
N ALA C 117 -4.19 25.87 26.94
CA ALA C 117 -3.58 24.98 27.92
C ALA C 117 -3.27 23.58 27.34
N PRO C 118 -2.15 22.95 27.76
CA PRO C 118 -1.90 21.57 27.28
C PRO C 118 -2.74 20.53 27.99
N SER C 119 -3.15 19.50 27.25
CA SER C 119 -3.78 18.30 27.79
C SER C 119 -2.53 17.47 28.13
N VAL C 120 -2.36 17.06 29.40
CA VAL C 120 -1.16 16.35 29.84
C VAL C 120 -1.45 14.86 30.00
N PHE C 121 -0.55 14.00 29.49
CA PHE C 121 -0.66 12.53 29.63
C PHE C 121 0.66 11.96 30.14
N ILE C 122 0.60 10.96 31.03
CA ILE C 122 1.79 10.26 31.55
C ILE C 122 1.75 8.77 31.15
N PHE C 123 2.90 8.23 30.72
CA PHE C 123 3.03 6.84 30.30
C PHE C 123 4.14 6.16 31.09
N PRO C 124 3.84 5.07 31.83
CA PRO C 124 4.93 4.37 32.54
C PRO C 124 5.82 3.58 31.57
N PRO C 125 7.04 3.14 31.98
CA PRO C 125 7.83 2.25 31.09
C PRO C 125 7.02 1.03 30.75
N SER C 126 7.13 0.53 29.50
CA SER C 126 6.35 -0.63 29.08
C SER C 126 6.92 -1.92 29.67
N ASP C 127 6.09 -2.99 29.70
CA ASP C 127 6.51 -4.29 30.22
C ASP C 127 7.69 -4.81 29.39
N GLU C 128 7.56 -4.74 28.04
CA GLU C 128 8.58 -5.15 27.08
C GLU C 128 9.92 -4.49 27.36
N GLN C 129 9.95 -3.15 27.58
CA GLN C 129 11.19 -2.45 27.91
C GLN C 129 11.76 -2.89 29.26
N LEU C 130 10.86 -3.25 30.21
CA LEU C 130 11.30 -3.65 31.55
C LEU C 130 11.88 -5.06 31.53
N LYS C 131 11.68 -5.81 30.40
CA LYS C 131 12.31 -7.13 30.22
C LYS C 131 13.84 -6.91 30.08
N SER C 132 14.22 -5.67 29.68
CA SER C 132 15.58 -5.16 29.54
C SER C 132 15.93 -4.35 30.83
N GLY C 133 17.11 -3.76 30.89
CA GLY C 133 17.53 -3.04 32.09
C GLY C 133 17.27 -1.55 32.13
N THR C 134 16.48 -1.00 31.19
CA THR C 134 16.27 0.46 31.16
C THR C 134 14.80 0.84 31.22
N ALA C 135 14.53 2.01 31.83
CA ALA C 135 13.18 2.49 32.03
C ALA C 135 13.02 3.88 31.49
N SER C 136 12.10 4.02 30.55
CA SER C 136 11.79 5.32 29.96
C SER C 136 10.40 5.73 30.42
N VAL C 137 10.30 6.91 31.06
CA VAL C 137 9.00 7.44 31.49
C VAL C 137 8.65 8.59 30.55
N VAL C 138 7.49 8.52 29.87
CA VAL C 138 7.11 9.57 28.91
C VAL C 138 5.96 10.47 29.41
N CYS C 139 6.10 11.78 29.23
CA CYS C 139 5.06 12.77 29.56
C CYS C 139 4.77 13.55 28.29
N LEU C 140 3.51 13.58 27.88
CA LEU C 140 3.06 14.29 26.69
C LEU C 140 2.20 15.54 27.05
N LEU C 141 2.56 16.71 26.47
CA LEU C 141 1.83 17.98 26.59
C LEU C 141 1.24 18.12 25.22
N ASN C 142 -0.07 17.89 25.08
CA ASN C 142 -0.78 17.92 23.82
C ASN C 142 -1.53 19.23 23.51
N ASN C 143 -1.31 19.77 22.27
CA ASN C 143 -1.95 20.92 21.63
C ASN C 143 -2.05 22.17 22.50
N PHE C 144 -0.91 22.82 22.77
CA PHE C 144 -0.87 24.03 23.60
C PHE C 144 -0.25 25.22 22.86
N TYR C 145 -0.43 26.44 23.41
CA TYR C 145 0.16 27.68 22.87
C TYR C 145 0.28 28.73 24.00
N PRO C 146 1.38 29.51 24.20
CA PRO C 146 2.65 29.54 23.46
C PRO C 146 3.57 28.36 23.74
N ARG C 147 4.63 28.26 22.91
CA ARG C 147 5.69 27.24 22.92
C ARG C 147 6.27 27.04 24.33
N GLU C 148 6.55 28.14 25.06
CA GLU C 148 7.12 28.17 26.42
C GLU C 148 6.33 27.31 27.39
N ALA C 149 6.95 26.22 27.85
CA ALA C 149 6.33 25.32 28.82
C ALA C 149 7.38 24.75 29.74
N LYS C 150 7.04 24.62 31.04
CA LYS C 150 7.95 24.03 32.04
C LYS C 150 7.43 22.66 32.47
N VAL C 151 8.26 21.63 32.27
CA VAL C 151 7.96 20.25 32.62
C VAL C 151 9.02 19.80 33.63
N GLN C 152 8.56 19.32 34.79
CA GLN C 152 9.45 18.88 35.87
C GLN C 152 9.07 17.47 36.29
N TRP C 153 10.07 16.57 36.35
CA TRP C 153 9.84 15.17 36.74
C TRP C 153 10.07 15.01 38.25
N LYS C 154 9.15 14.30 38.92
CA LYS C 154 9.19 14.03 40.36
C LYS C 154 9.02 12.54 40.64
N VAL C 155 10.08 11.89 41.18
CA VAL C 155 10.02 10.47 41.57
C VAL C 155 9.95 10.45 43.10
N ASP C 156 8.77 10.09 43.63
CA ASP C 156 8.43 10.14 45.06
C ASP C 156 8.71 11.56 45.59
N ASN C 157 8.02 12.55 44.98
CA ASN C 157 8.07 13.99 45.26
C ASN C 157 9.49 14.64 45.15
N ALA C 158 10.53 13.85 44.77
CA ALA C 158 11.92 14.31 44.56
C ALA C 158 12.15 14.79 43.11
N LEU C 159 12.54 16.06 42.96
CA LEU C 159 12.78 16.78 41.71
C LEU C 159 13.98 16.23 40.93
N GLN C 160 13.72 15.73 39.70
CA GLN C 160 14.75 15.16 38.82
C GLN C 160 15.41 16.22 37.98
N SER C 161 16.70 16.01 37.64
CA SER C 161 17.51 16.89 36.80
C SER C 161 18.61 16.11 36.09
N GLY C 162 18.90 16.50 34.84
CA GLY C 162 19.92 15.86 34.02
C GLY C 162 19.58 14.46 33.49
N ASN C 163 18.39 13.91 33.77
CA ASN C 163 18.01 12.57 33.30
C ASN C 163 16.75 12.58 32.40
N SER C 164 16.42 13.74 31.80
CA SER C 164 15.25 13.89 30.95
C SER C 164 15.53 14.73 29.71
N GLN C 165 14.82 14.43 28.61
CA GLN C 165 14.96 15.18 27.36
C GLN C 165 13.60 15.48 26.77
N GLU C 166 13.51 16.61 26.07
CA GLU C 166 12.27 17.02 25.45
C GLU C 166 12.37 17.22 23.94
N SER C 167 11.28 16.93 23.25
CA SER C 167 11.12 17.19 21.82
C SER C 167 9.79 17.89 21.62
N VAL C 168 9.77 18.80 20.69
CA VAL C 168 8.57 19.58 20.44
C VAL C 168 8.22 19.52 18.96
N THR C 169 6.94 19.24 18.63
CA THR C 169 6.43 19.22 17.25
C THR C 169 6.44 20.66 16.70
N GLU C 170 6.32 20.79 15.39
CA GLU C 170 6.26 22.13 14.82
C GLU C 170 4.78 22.54 14.86
N GLN C 171 4.43 23.83 14.73
CA GLN C 171 3.03 24.28 14.84
C GLN C 171 2.13 23.49 13.94
N ASP C 172 0.97 23.07 14.44
CA ASP C 172 -0.01 22.36 13.61
C ASP C 172 -0.49 23.37 12.52
N SER C 173 -0.70 22.84 11.31
CA SER C 173 -1.11 23.59 10.13
C SER C 173 -2.52 24.15 10.23
N LYS C 174 -3.38 23.53 11.05
CA LYS C 174 -4.77 23.92 11.21
C LYS C 174 -5.03 24.77 12.45
N ASP C 175 -4.63 24.29 13.65
CA ASP C 175 -4.90 25.03 14.87
C ASP C 175 -3.72 25.83 15.43
N SER C 176 -2.50 25.77 14.84
CA SER C 176 -1.29 26.52 15.26
C SER C 176 -0.73 26.19 16.66
N THR C 177 -1.12 25.06 17.22
CA THR C 177 -0.62 24.62 18.54
C THR C 177 0.64 23.73 18.43
N TYR C 178 1.37 23.58 19.55
CA TYR C 178 2.54 22.71 19.67
C TYR C 178 2.17 21.50 20.50
N SER C 179 2.94 20.42 20.37
CA SER C 179 2.88 19.24 21.23
C SER C 179 4.30 18.98 21.66
N LEU C 180 4.47 18.40 22.84
CA LEU C 180 5.79 18.24 23.43
C LEU C 180 5.85 16.92 24.17
N SER C 181 7.00 16.24 24.08
CA SER C 181 7.18 15.01 24.84
C SER C 181 8.35 15.24 25.77
N SER C 182 8.27 14.71 26.98
CA SER C 182 9.40 14.78 27.89
C SER C 182 9.62 13.33 28.32
N THR C 183 10.80 12.84 28.06
CA THR C 183 11.20 11.47 28.37
C THR C 183 12.20 11.43 29.50
N LEU C 184 11.83 10.78 30.60
CA LEU C 184 12.70 10.58 31.76
C LEU C 184 13.31 9.18 31.59
N THR C 185 14.64 9.08 31.58
CA THR C 185 15.32 7.80 31.38
C THR C 185 16.02 7.38 32.69
N LEU C 186 15.65 6.21 33.24
CA LEU C 186 16.25 5.66 34.45
C LEU C 186 16.69 4.20 34.29
N SER C 187 17.63 3.76 35.15
CA SER C 187 18.10 2.39 35.25
C SER C 187 16.92 1.65 35.87
N LYS C 188 16.69 0.38 35.48
CA LYS C 188 15.55 -0.36 36.00
C LYS C 188 15.62 -0.59 37.53
N ALA C 189 16.83 -0.67 38.13
CA ALA C 189 16.97 -0.84 39.58
C ALA C 189 16.56 0.51 40.22
N ASP C 190 17.12 1.63 39.69
CA ASP C 190 16.83 3.00 40.10
C ASP C 190 15.33 3.26 40.02
N TYR C 191 14.66 2.75 38.95
CA TYR C 191 13.21 2.82 38.71
C TYR C 191 12.45 1.97 39.73
N GLU C 192 12.84 0.69 39.91
CA GLU C 192 12.14 -0.22 40.83
C GLU C 192 12.27 0.16 42.32
N LYS C 193 13.22 1.05 42.64
CA LYS C 193 13.48 1.61 43.98
C LYS C 193 12.37 2.60 44.44
N HIS C 194 11.69 3.29 43.49
CA HIS C 194 10.69 4.30 43.82
C HIS C 194 9.26 3.86 43.46
N LYS C 195 8.24 4.60 43.95
CA LYS C 195 6.83 4.24 43.73
C LYS C 195 6.06 5.22 42.85
N VAL C 196 5.98 6.50 43.27
CA VAL C 196 5.25 7.57 42.60
C VAL C 196 6.11 8.21 41.51
N TYR C 197 5.56 8.28 40.29
CA TYR C 197 6.22 8.95 39.16
C TYR C 197 5.32 10.06 38.69
N ALA C 198 5.80 11.27 38.82
CA ALA C 198 5.02 12.46 38.50
C ALA C 198 5.64 13.34 37.45
N CYS C 199 4.79 13.89 36.58
CA CYS C 199 5.19 14.88 35.60
C CYS C 199 4.45 16.20 35.96
N GLU C 200 5.19 17.28 36.30
CA GLU C 200 4.61 18.60 36.68
C GLU C 200 4.80 19.68 35.59
N VAL C 201 3.67 20.20 35.08
CA VAL C 201 3.63 21.15 33.96
C VAL C 201 3.18 22.59 34.34
N THR C 202 4.08 23.58 34.16
CA THR C 202 3.81 25.02 34.34
C THR C 202 3.63 25.59 32.90
N HIS C 203 2.46 26.22 32.63
CA HIS C 203 2.17 26.85 31.33
C HIS C 203 1.20 27.99 31.55
N GLN C 204 1.41 29.11 30.82
CA GLN C 204 0.57 30.31 30.87
C GLN C 204 -0.95 30.06 30.88
N GLY C 205 -1.39 29.00 30.18
CA GLY C 205 -2.79 28.61 30.07
C GLY C 205 -3.36 27.88 31.27
N LEU C 206 -2.52 27.63 32.26
CA LEU C 206 -2.90 26.96 33.51
C LEU C 206 -2.76 27.96 34.67
N SER C 207 -3.78 28.03 35.54
CA SER C 207 -3.79 28.95 36.70
C SER C 207 -2.67 28.56 37.70
N SER C 208 -2.50 27.25 37.87
CA SER C 208 -1.51 26.61 38.73
C SER C 208 -0.92 25.38 37.99
N PRO C 209 0.36 25.00 38.20
CA PRO C 209 0.90 23.81 37.51
C PRO C 209 0.07 22.54 37.70
N VAL C 210 0.07 21.69 36.66
CA VAL C 210 -0.68 20.43 36.62
C VAL C 210 0.28 19.25 36.81
N THR C 211 -0.18 18.23 37.55
CA THR C 211 0.61 17.02 37.75
C THR C 211 -0.18 15.83 37.29
N LYS C 212 0.49 14.94 36.54
CA LYS C 212 -0.04 13.66 36.10
C LYS C 212 0.91 12.61 36.69
N SER C 213 0.38 11.69 37.49
CA SER C 213 1.15 10.70 38.21
C SER C 213 0.71 9.29 37.96
N PHE C 214 1.52 8.35 38.46
CA PHE C 214 1.29 6.91 38.49
C PHE C 214 2.14 6.25 39.58
N ASN C 215 1.63 5.14 40.12
CA ASN C 215 2.31 4.30 41.12
C ASN C 215 2.82 3.08 40.36
N ARG C 216 4.14 2.83 40.41
CA ARG C 216 4.80 1.69 39.73
C ARG C 216 4.09 0.36 40.04
N GLY C 217 3.25 -0.09 39.11
CA GLY C 217 2.46 -1.32 39.23
C GLY C 217 1.20 -1.14 40.06
N GLN D 2 6.19 14.44 -13.47
CA GLN D 2 7.57 14.92 -13.37
C GLN D 2 8.07 14.85 -11.93
N GLN D 3 9.01 13.93 -11.66
CA GLN D 3 9.60 13.64 -10.34
C GLN D 3 11.12 13.51 -10.38
N LEU D 4 11.73 13.56 -9.18
CA LEU D 4 13.15 13.37 -8.85
C LEU D 4 13.22 12.61 -7.54
N GLN D 5 14.15 11.66 -7.42
CA GLN D 5 14.32 10.88 -6.19
C GLN D 5 15.79 10.69 -5.94
N GLU D 6 16.27 11.16 -4.79
CA GLU D 6 17.67 10.96 -4.40
C GLU D 6 17.82 9.64 -3.68
N SER D 7 19.03 9.06 -3.77
CA SER D 7 19.41 7.82 -3.12
C SER D 7 20.90 7.78 -2.89
N GLY D 8 21.31 6.97 -1.93
CA GLY D 8 22.72 6.78 -1.58
C GLY D 8 22.84 6.18 -0.21
N PRO D 9 24.05 5.95 0.33
CA PRO D 9 24.14 5.41 1.69
C PRO D 9 23.70 6.49 2.68
N GLY D 10 23.19 6.08 3.83
CA GLY D 10 22.75 7.01 4.86
C GLY D 10 23.87 7.36 5.79
N LEU D 11 24.96 6.55 5.76
CA LEU D 11 26.13 6.68 6.63
C LEU D 11 27.46 6.47 5.87
N VAL D 12 28.43 7.35 6.13
CA VAL D 12 29.74 7.27 5.50
C VAL D 12 30.81 7.65 6.54
N LYS D 13 31.99 6.98 6.52
CA LYS D 13 33.05 7.25 7.49
C LYS D 13 33.87 8.42 7.04
N PRO D 14 34.56 9.16 7.94
CA PRO D 14 35.38 10.30 7.48
C PRO D 14 36.52 9.83 6.56
N SER D 15 36.98 10.75 5.67
CA SER D 15 38.02 10.61 4.63
C SER D 15 37.56 9.74 3.43
N GLU D 16 36.38 9.09 3.51
CA GLU D 16 35.83 8.27 2.42
C GLU D 16 35.13 9.13 1.36
N THR D 17 34.67 8.48 0.27
CA THR D 17 33.95 9.18 -0.81
C THR D 17 32.46 8.86 -0.79
N LEU D 18 31.64 9.91 -0.75
CA LEU D 18 30.20 9.81 -0.76
C LEU D 18 29.68 9.88 -2.19
N SER D 19 28.81 8.94 -2.57
CA SER D 19 28.20 8.92 -3.89
C SER D 19 26.69 8.86 -3.78
N LEU D 20 26.03 9.92 -4.27
CA LEU D 20 24.57 10.01 -4.28
C LEU D 20 24.08 10.01 -5.72
N THR D 21 22.86 9.52 -5.92
CA THR D 21 22.20 9.43 -7.21
C THR D 21 20.81 10.08 -7.12
N CYS D 22 20.43 10.81 -8.16
CA CYS D 22 19.12 11.42 -8.36
C CYS D 22 18.52 10.71 -9.60
N THR D 23 17.35 10.08 -9.45
CA THR D 23 16.65 9.38 -10.51
C THR D 23 15.48 10.25 -10.89
N VAL D 24 15.39 10.62 -12.14
CA VAL D 24 14.33 11.50 -12.61
C VAL D 24 13.28 10.68 -13.38
N THR D 25 12.04 11.20 -13.45
CA THR D 25 10.89 10.58 -14.13
C THR D 25 10.08 11.70 -14.80
N GLY D 26 9.52 11.39 -15.98
CA GLY D 26 8.63 12.28 -16.72
C GLY D 26 9.27 13.38 -17.53
N PHE D 27 10.60 13.41 -17.58
CA PHE D 27 11.40 14.39 -18.34
C PHE D 27 12.80 13.87 -18.66
N SER D 28 13.44 14.51 -19.66
CA SER D 28 14.76 14.21 -20.15
C SER D 28 15.79 15.17 -19.60
N LEU D 29 16.98 14.63 -19.31
CA LEU D 29 18.14 15.35 -18.84
C LEU D 29 18.82 16.15 -19.98
N SER D 30 18.39 15.92 -21.24
CA SER D 30 18.88 16.67 -22.41
C SER D 30 18.17 18.01 -22.50
N SER D 31 17.06 18.17 -21.75
CA SER D 31 16.26 19.39 -21.75
C SER D 31 16.40 20.19 -20.46
N TYR D 32 16.76 19.52 -19.34
CA TYR D 32 16.82 20.21 -18.07
C TYR D 32 18.10 20.14 -17.29
N THR D 33 18.41 21.23 -16.56
CA THR D 33 19.54 21.31 -15.64
C THR D 33 19.05 20.72 -14.32
N VAL D 34 19.89 19.93 -13.68
CA VAL D 34 19.59 19.33 -12.38
C VAL D 34 20.67 19.82 -11.42
N ASN D 35 20.24 20.34 -10.27
CA ASN D 35 21.08 20.95 -9.24
C ASN D 35 21.11 20.08 -8.00
N TRP D 36 22.15 20.23 -7.17
CA TRP D 36 22.30 19.58 -5.87
C TRP D 36 22.36 20.69 -4.83
N VAL D 37 21.53 20.56 -3.79
CA VAL D 37 21.37 21.55 -2.74
C VAL D 37 21.55 20.84 -1.36
N ARG D 38 22.36 21.40 -0.46
CA ARG D 38 22.48 20.73 0.81
C ARG D 38 21.86 21.54 1.95
N GLN D 39 21.44 20.83 2.97
CA GLN D 39 20.88 21.47 4.13
C GLN D 39 21.34 20.78 5.43
N PRO D 40 22.38 21.31 6.11
CA PRO D 40 22.77 20.76 7.42
C PRO D 40 21.64 20.89 8.45
N ALA D 41 21.68 20.08 9.54
CA ALA D 41 20.64 20.10 10.58
C ALA D 41 20.48 21.50 11.18
N GLY D 42 19.24 22.01 11.19
CA GLY D 42 18.90 23.34 11.73
C GLY D 42 19.52 24.54 11.04
N LYS D 43 19.98 24.39 9.78
CA LYS D 43 20.59 25.46 9.01
C LYS D 43 19.81 25.65 7.70
N GLY D 44 20.21 26.66 6.93
CA GLY D 44 19.59 26.99 5.66
C GLY D 44 20.04 26.15 4.49
N LEU D 45 19.47 26.43 3.32
CA LEU D 45 19.76 25.76 2.06
C LEU D 45 21.07 26.28 1.48
N GLU D 46 21.85 25.40 0.86
CA GLU D 46 23.13 25.73 0.23
C GLU D 46 23.21 25.11 -1.13
N TRP D 47 23.17 25.92 -2.21
CA TRP D 47 23.34 25.40 -3.56
C TRP D 47 24.77 24.84 -3.69
N ILE D 48 24.90 23.60 -4.16
CA ILE D 48 26.20 22.96 -4.35
C ILE D 48 26.72 23.22 -5.75
N GLY D 49 25.89 22.89 -6.74
CA GLY D 49 26.23 23.03 -8.14
C GLY D 49 25.19 22.36 -9.00
N TYR D 50 25.47 22.23 -10.31
CA TYR D 50 24.55 21.59 -11.26
C TYR D 50 25.30 20.93 -12.40
N ILE D 51 24.57 20.15 -13.20
CA ILE D 51 24.99 19.58 -14.46
C ILE D 51 23.90 20.09 -15.39
N SER D 52 24.28 20.99 -16.31
CA SER D 52 23.32 21.68 -17.16
C SER D 52 22.66 20.77 -18.13
N TYR D 53 21.55 21.23 -18.71
CA TYR D 53 20.82 20.51 -19.77
C TYR D 53 21.78 20.21 -20.96
N GLY D 54 22.82 21.05 -21.15
CA GLY D 54 23.79 20.92 -22.22
C GLY D 54 25.05 20.12 -21.92
N GLY D 55 25.24 19.77 -20.65
CA GLY D 55 26.37 18.96 -20.18
C GLY D 55 27.44 19.68 -19.39
N SER D 56 27.22 20.95 -19.00
CA SER D 56 28.23 21.70 -18.24
C SER D 56 27.97 21.64 -16.76
N ALA D 57 29.03 21.38 -15.99
CA ALA D 57 28.99 21.25 -14.54
C ALA D 57 29.62 22.47 -13.90
N TYR D 58 28.87 23.16 -13.03
CA TYR D 58 29.27 24.36 -12.30
C TYR D 58 28.99 24.15 -10.83
N TYR D 59 29.87 24.70 -9.96
CA TYR D 59 29.89 24.49 -8.53
C TYR D 59 29.99 25.77 -7.72
N ALA D 60 29.53 25.73 -6.48
CA ALA D 60 29.66 26.85 -5.56
C ALA D 60 31.17 27.04 -5.28
N SER D 61 31.62 28.28 -5.02
CA SER D 61 33.03 28.58 -4.72
C SER D 61 33.50 27.78 -3.51
N TRP D 62 32.65 27.63 -2.48
CA TRP D 62 32.97 26.86 -1.26
C TRP D 62 33.28 25.38 -1.53
N ALA D 63 32.80 24.80 -2.67
CA ALA D 63 33.03 23.39 -3.02
C ALA D 63 34.52 23.01 -3.05
N ASN D 64 35.39 23.92 -3.51
CA ASN D 64 36.85 23.76 -3.58
C ASN D 64 37.28 22.42 -4.22
N GLY D 65 36.66 22.08 -5.35
CA GLY D 65 36.96 20.86 -6.10
C GLY D 65 36.61 19.54 -5.43
N ARG D 66 35.88 19.58 -4.30
CA ARG D 66 35.52 18.37 -3.57
C ARG D 66 34.29 17.64 -4.12
N PHE D 67 33.47 18.32 -4.93
CA PHE D 67 32.26 17.75 -5.52
C PHE D 67 32.41 17.57 -6.99
N THR D 68 31.82 16.49 -7.51
CA THR D 68 31.73 16.20 -8.93
C THR D 68 30.28 15.81 -9.24
N ILE D 69 29.65 16.54 -10.16
CA ILE D 69 28.27 16.29 -10.59
C ILE D 69 28.32 15.85 -12.03
N SER D 70 27.69 14.72 -12.31
CA SER D 70 27.69 14.14 -13.62
C SER D 70 26.31 13.64 -13.98
N LYS D 71 26.14 13.23 -15.23
CA LYS D 71 24.86 12.86 -15.79
C LYS D 71 24.97 11.57 -16.59
N ASP D 72 23.84 10.86 -16.75
CA ASP D 72 23.64 9.66 -17.58
C ASP D 72 22.20 9.78 -18.08
N SER D 73 21.98 10.50 -19.20
CA SER D 73 20.65 10.82 -19.72
C SER D 73 19.76 9.60 -20.01
N SER D 74 20.34 8.56 -20.65
CA SER D 74 19.66 7.31 -20.99
C SER D 74 19.03 6.63 -19.74
N LYS D 75 19.82 6.61 -18.63
CA LYS D 75 19.48 6.00 -17.33
C LYS D 75 18.57 6.88 -16.47
N ASN D 76 18.33 8.15 -16.91
CA ASN D 76 17.52 9.18 -16.25
C ASN D 76 18.10 9.51 -14.86
N GLN D 77 19.44 9.42 -14.75
CA GLN D 77 20.15 9.63 -13.50
C GLN D 77 21.20 10.74 -13.52
N VAL D 78 21.31 11.45 -12.38
CA VAL D 78 22.29 12.50 -12.13
C VAL D 78 23.04 12.03 -10.90
N SER D 79 24.35 12.24 -10.87
CA SER D 79 25.16 11.75 -9.78
C SER D 79 25.88 12.87 -9.10
N LEU D 80 26.19 12.68 -7.81
CA LEU D 80 26.96 13.62 -7.02
C LEU D 80 28.01 12.83 -6.29
N LYS D 81 29.27 13.21 -6.44
CA LYS D 81 30.36 12.57 -5.73
C LYS D 81 31.03 13.59 -4.86
N LEU D 82 31.29 13.23 -3.62
CA LEU D 82 31.96 14.13 -2.68
C LEU D 82 33.16 13.37 -2.08
N SER D 83 34.36 13.95 -2.21
CA SER D 83 35.61 13.33 -1.76
C SER D 83 36.03 13.75 -0.35
N SER D 84 36.69 12.82 0.37
CA SER D 84 37.26 12.98 1.72
C SER D 84 36.32 13.76 2.67
N VAL D 85 35.15 13.17 2.95
CA VAL D 85 34.09 13.71 3.82
C VAL D 85 34.51 13.87 5.29
N THR D 86 33.98 14.89 5.97
CA THR D 86 34.16 15.15 7.41
C THR D 86 32.76 15.40 8.01
N ALA D 87 32.71 15.68 9.33
CA ALA D 87 31.47 15.98 10.05
C ALA D 87 30.72 17.20 9.47
N ALA D 88 31.45 18.09 8.77
CA ALA D 88 30.91 19.26 8.10
C ALA D 88 29.98 18.83 6.94
N ASP D 89 30.16 17.61 6.39
CA ASP D 89 29.38 17.12 5.26
C ASP D 89 28.08 16.39 5.67
N THR D 90 27.80 16.30 6.99
CA THR D 90 26.54 15.73 7.49
C THR D 90 25.41 16.72 7.16
N ALA D 91 24.46 16.29 6.30
CA ALA D 91 23.34 17.13 5.85
C ALA D 91 22.30 16.33 5.07
N VAL D 92 21.16 16.96 4.80
CA VAL D 92 20.12 16.40 3.92
C VAL D 92 20.58 16.94 2.54
N TYR D 93 20.59 16.07 1.52
CA TYR D 93 20.99 16.44 0.17
C TYR D 93 19.78 16.36 -0.71
N PHE D 94 19.50 17.47 -1.43
CA PHE D 94 18.34 17.51 -2.35
C PHE D 94 18.82 17.61 -3.80
N CYS D 95 18.07 16.99 -4.73
CA CYS D 95 18.31 17.30 -6.15
C CYS D 95 17.09 18.13 -6.59
N ALA D 96 17.34 19.19 -7.37
CA ALA D 96 16.25 20.10 -7.76
C ALA D 96 16.44 20.47 -9.22
N ARG D 97 15.38 20.34 -10.01
CA ARG D 97 15.44 20.64 -11.44
C ARG D 97 15.22 22.14 -11.69
N HIS D 98 15.86 22.68 -12.75
CA HIS D 98 15.57 24.06 -13.17
C HIS D 98 14.12 23.94 -13.66
N MET D 99 13.27 24.94 -13.41
CA MET D 99 11.86 24.84 -13.78
C MET D 99 11.62 24.73 -15.29
N GLN D 100 12.33 25.52 -16.11
CA GLN D 100 12.11 25.51 -17.57
C GLN D 100 13.16 24.75 -18.34
N VAL D 101 12.77 24.27 -19.56
CA VAL D 101 13.70 23.62 -20.49
C VAL D 101 14.77 24.67 -20.83
N GLY D 102 16.02 24.26 -20.87
CA GLY D 102 17.11 25.19 -21.16
C GLY D 102 17.22 25.61 -22.62
N GLY D 103 17.91 26.73 -22.84
CA GLY D 103 18.23 27.26 -24.17
C GLY D 103 17.31 28.27 -24.83
N ALA D 104 16.10 28.46 -24.28
CA ALA D 104 15.09 29.33 -24.85
C ALA D 104 15.36 30.78 -24.54
N PRO D 105 14.74 31.76 -25.25
CA PRO D 105 15.00 33.18 -24.92
C PRO D 105 14.75 33.50 -23.45
N THR D 106 13.78 32.83 -22.81
CA THR D 106 13.53 33.04 -21.38
C THR D 106 13.93 31.75 -20.63
N GLY D 107 14.79 31.91 -19.63
CA GLY D 107 15.27 30.78 -18.84
C GLY D 107 14.35 30.48 -17.68
N SER D 108 14.92 29.89 -16.60
CA SER D 108 14.17 29.52 -15.41
C SER D 108 14.00 30.65 -14.40
N MET D 109 14.77 31.75 -14.52
CA MET D 109 14.71 32.92 -13.62
C MET D 109 14.86 32.55 -12.11
N ALA D 110 15.92 31.75 -11.83
CA ALA D 110 16.31 31.20 -10.51
C ALA D 110 15.25 30.29 -9.85
N ALA D 111 14.28 29.76 -10.64
CA ALA D 111 13.26 28.83 -10.20
C ALA D 111 13.78 27.40 -10.19
N PHE D 112 13.52 26.67 -9.11
CA PHE D 112 13.87 25.26 -8.96
C PHE D 112 12.60 24.49 -8.69
N ASP D 113 12.20 23.66 -9.65
CA ASP D 113 10.98 22.86 -9.53
C ASP D 113 10.99 21.79 -10.61
N PRO D 114 10.68 20.52 -10.27
CA PRO D 114 10.38 19.99 -8.94
C PRO D 114 11.65 19.67 -8.15
N TRP D 115 11.48 19.30 -6.86
CA TRP D 115 12.58 18.91 -5.95
C TRP D 115 12.38 17.44 -5.59
N GLY D 116 13.47 16.78 -5.23
CA GLY D 116 13.41 15.43 -4.71
C GLY D 116 13.01 15.53 -3.23
N PRO D 117 12.61 14.43 -2.55
CA PRO D 117 12.24 14.55 -1.13
C PRO D 117 13.44 14.79 -0.19
N GLY D 118 14.64 14.54 -0.69
CA GLY D 118 15.89 14.73 0.02
C GLY D 118 16.39 13.48 0.70
N THR D 119 17.73 13.36 0.83
CA THR D 119 18.28 12.17 1.47
C THR D 119 19.28 12.59 2.54
N LEU D 120 19.13 12.06 3.77
CA LEU D 120 20.04 12.40 4.84
C LEU D 120 21.34 11.59 4.75
N VAL D 121 22.48 12.27 4.94
CA VAL D 121 23.76 11.59 4.96
C VAL D 121 24.47 11.95 6.27
N THR D 122 24.85 10.95 7.09
CA THR D 122 25.58 11.19 8.34
C THR D 122 27.05 10.78 8.16
N VAL D 123 27.99 11.69 8.40
CA VAL D 123 29.41 11.32 8.30
C VAL D 123 29.85 10.99 9.73
N SER D 124 30.10 9.70 9.99
CA SER D 124 30.45 9.20 11.32
C SER D 124 31.26 7.90 11.26
N SER D 125 32.16 7.71 12.24
CA SER D 125 32.95 6.47 12.37
C SER D 125 32.12 5.40 13.11
N ALA D 126 30.95 5.81 13.68
CA ALA D 126 30.02 4.94 14.37
C ALA D 126 29.30 4.01 13.39
N SER D 127 28.85 2.86 13.86
CA SER D 127 28.20 1.80 13.08
C SER D 127 26.68 1.95 13.08
N THR D 128 25.95 1.28 12.15
CA THR D 128 24.48 1.36 12.17
C THR D 128 23.91 0.56 13.33
N LYS D 129 22.85 1.09 13.97
CA LYS D 129 22.20 0.39 15.07
C LYS D 129 20.68 0.46 14.89
N GLY D 130 20.02 -0.69 14.86
CA GLY D 130 18.58 -0.80 14.71
C GLY D 130 17.83 -0.46 16.00
N PRO D 131 16.59 0.05 15.90
CA PRO D 131 15.86 0.41 17.13
C PRO D 131 15.10 -0.74 17.80
N SER D 132 14.72 -0.49 19.07
CA SER D 132 13.82 -1.31 19.86
C SER D 132 12.56 -0.44 19.89
N VAL D 133 11.40 -1.05 19.67
CA VAL D 133 10.15 -0.33 19.61
C VAL D 133 9.28 -0.76 20.78
N PHE D 134 8.99 0.17 21.68
CA PHE D 134 8.19 -0.13 22.87
C PHE D 134 6.82 0.56 22.81
N PRO D 135 5.71 -0.09 23.25
CA PRO D 135 4.41 0.62 23.23
C PRO D 135 4.27 1.62 24.39
N LEU D 136 3.51 2.71 24.17
CA LEU D 136 3.17 3.73 25.18
C LEU D 136 1.67 3.51 25.30
N ALA D 137 1.32 2.55 26.18
CA ALA D 137 -0.04 2.07 26.32
C ALA D 137 -1.05 3.13 26.76
N PRO D 138 -2.28 3.11 26.16
CA PRO D 138 -3.32 4.06 26.59
C PRO D 138 -3.81 3.77 28.01
N THR D 147 -11.46 11.05 24.93
CA THR D 147 -10.17 11.03 24.21
C THR D 147 -8.99 10.51 25.07
N ALA D 148 -8.29 9.51 24.54
CA ALA D 148 -7.12 8.89 25.16
C ALA D 148 -5.92 8.92 24.23
N ALA D 149 -4.73 9.10 24.81
CA ALA D 149 -3.47 9.13 24.08
C ALA D 149 -2.77 7.79 24.17
N LEU D 150 -2.08 7.42 23.08
CA LEU D 150 -1.30 6.19 22.96
C LEU D 150 -0.14 6.43 22.02
N GLY D 151 0.83 5.53 22.02
CA GLY D 151 1.96 5.72 21.12
C GLY D 151 3.00 4.64 21.11
N CYS D 152 4.16 4.97 20.51
CA CYS D 152 5.31 4.10 20.41
C CYS D 152 6.57 4.84 20.75
N LEU D 153 7.45 4.18 21.47
CA LEU D 153 8.77 4.74 21.77
C LEU D 153 9.76 3.99 20.87
N VAL D 154 10.50 4.73 20.03
CA VAL D 154 11.47 4.18 19.08
C VAL D 154 12.83 4.53 19.63
N LYS D 155 13.43 3.58 20.36
CA LYS D 155 14.66 3.86 21.08
C LYS D 155 15.94 3.22 20.55
N ASP D 156 17.05 3.98 20.67
CA ASP D 156 18.43 3.55 20.40
C ASP D 156 18.71 3.09 18.97
N TYR D 157 18.63 4.03 18.02
CA TYR D 157 18.93 3.74 16.62
C TYR D 157 19.92 4.74 16.10
N PHE D 158 20.67 4.34 15.06
CA PHE D 158 21.66 5.16 14.41
C PHE D 158 21.95 4.64 13.01
N PRO D 159 22.11 5.52 12.01
CA PRO D 159 21.92 6.98 12.03
C PRO D 159 20.44 7.36 11.89
N GLU D 160 20.14 8.66 11.81
CA GLU D 160 18.77 9.03 11.49
C GLU D 160 18.59 8.67 9.99
N PRO D 161 17.37 8.54 9.45
CA PRO D 161 16.06 8.71 10.08
C PRO D 161 15.29 7.40 10.28
N VAL D 162 14.21 7.48 11.04
CA VAL D 162 13.25 6.39 11.18
C VAL D 162 11.97 7.00 10.70
N THR D 163 11.10 6.18 10.09
CA THR D 163 9.78 6.65 9.70
C THR D 163 8.77 5.95 10.60
N VAL D 164 7.69 6.66 10.96
CA VAL D 164 6.62 6.08 11.75
C VAL D 164 5.30 6.42 11.08
N SER D 165 4.50 5.39 10.80
CA SER D 165 3.14 5.52 10.29
C SER D 165 2.22 4.80 11.28
N TRP D 166 0.91 5.06 11.21
CA TRP D 166 -0.04 4.43 12.11
C TRP D 166 -1.11 3.68 11.32
N ASN D 167 -1.20 2.36 11.55
CA ASN D 167 -2.14 1.45 10.88
C ASN D 167 -1.99 1.48 9.35
N SER D 168 -0.75 1.20 8.88
CA SER D 168 -0.31 1.19 7.48
C SER D 168 -0.65 2.50 6.70
N GLY D 169 -0.70 3.62 7.44
CA GLY D 169 -0.99 4.94 6.91
C GLY D 169 -2.44 5.40 6.97
N ALA D 170 -3.36 4.53 7.44
CA ALA D 170 -4.82 4.80 7.55
C ALA D 170 -5.18 5.82 8.65
N LEU D 171 -4.36 5.89 9.72
CA LEU D 171 -4.54 6.82 10.84
C LEU D 171 -3.49 7.93 10.76
N THR D 172 -3.95 9.15 10.45
CA THR D 172 -3.11 10.35 10.33
C THR D 172 -3.58 11.47 11.28
N SER D 173 -4.87 11.46 11.68
CA SER D 173 -5.49 12.51 12.50
C SER D 173 -5.13 12.48 13.98
N GLY D 174 -4.57 13.59 14.44
CA GLY D 174 -4.13 13.75 15.82
C GLY D 174 -2.79 13.09 16.10
N VAL D 175 -2.11 12.62 15.04
CA VAL D 175 -0.80 11.98 15.14
C VAL D 175 0.26 13.04 15.37
N HIS D 176 1.15 12.81 16.35
CA HIS D 176 2.28 13.68 16.61
C HIS D 176 3.51 12.80 16.62
N THR D 177 4.41 13.00 15.64
CA THR D 177 5.66 12.27 15.53
C THR D 177 6.72 13.30 15.78
N PHE D 178 7.32 13.23 16.96
CA PHE D 178 8.29 14.23 17.42
C PHE D 178 9.64 14.14 16.69
N PRO D 179 10.39 15.25 16.59
CA PRO D 179 11.76 15.16 16.08
C PRO D 179 12.56 14.22 17.00
N ALA D 180 13.52 13.49 16.43
CA ALA D 180 14.34 12.58 17.20
C ALA D 180 15.28 13.36 18.09
N VAL D 181 15.69 12.77 19.24
CA VAL D 181 16.65 13.41 20.14
C VAL D 181 17.92 12.60 20.21
N LEU D 182 19.06 13.27 20.30
CA LEU D 182 20.31 12.54 20.42
C LEU D 182 20.49 12.26 21.90
N GLN D 183 20.50 10.97 22.26
CA GLN D 183 20.68 10.59 23.66
C GLN D 183 22.14 10.79 24.12
N SER D 184 22.36 10.73 25.44
CA SER D 184 23.70 10.86 26.04
C SER D 184 24.67 9.76 25.54
N SER D 185 24.09 8.65 25.04
CA SER D 185 24.72 7.47 24.48
C SER D 185 25.16 7.65 23.02
N GLY D 186 24.73 8.74 22.37
CA GLY D 186 25.06 9.00 20.98
C GLY D 186 24.12 8.30 20.01
N LEU D 187 23.08 7.65 20.54
CA LEU D 187 22.05 6.96 19.75
C LEU D 187 20.75 7.77 19.77
N TYR D 188 19.94 7.68 18.71
CA TYR D 188 18.69 8.41 18.58
C TYR D 188 17.50 7.74 19.21
N SER D 189 16.55 8.59 19.63
CA SER D 189 15.27 8.18 20.19
C SER D 189 14.14 9.14 19.72
N LEU D 190 12.91 8.61 19.54
CA LEU D 190 11.73 9.40 19.24
C LEU D 190 10.47 8.68 19.63
N SER D 191 9.42 9.44 19.93
CA SER D 191 8.08 8.93 20.23
C SER D 191 7.11 9.44 19.16
N SER D 192 6.08 8.65 18.88
CA SER D 192 5.00 9.00 17.98
C SER D 192 3.73 8.69 18.76
N VAL D 193 2.95 9.72 19.06
CA VAL D 193 1.71 9.58 19.83
C VAL D 193 0.51 9.92 18.95
N VAL D 194 -0.68 9.48 19.38
CA VAL D 194 -1.93 9.82 18.72
C VAL D 194 -3.05 9.95 19.76
N THR D 195 -3.89 10.96 19.61
CA THR D 195 -5.06 11.18 20.47
C THR D 195 -6.24 10.52 19.74
N VAL D 196 -6.83 9.51 20.38
CA VAL D 196 -7.87 8.64 19.84
C VAL D 196 -9.16 8.63 20.74
N PRO D 197 -10.40 8.41 20.20
CA PRO D 197 -11.58 8.37 21.08
C PRO D 197 -11.44 7.25 22.11
N SER D 198 -11.72 7.53 23.40
CA SER D 198 -11.61 6.57 24.50
C SER D 198 -12.43 5.29 24.29
N SER D 199 -13.61 5.43 23.64
CA SER D 199 -14.49 4.32 23.28
C SER D 199 -14.09 3.88 21.86
N SER D 200 -12.93 3.21 21.77
CA SER D 200 -12.32 2.68 20.54
C SER D 200 -11.32 1.57 20.90
N LEU D 201 -10.87 1.54 22.17
CA LEU D 201 -9.93 0.56 22.71
C LEU D 201 -10.69 -0.75 22.98
N GLY D 202 -10.11 -1.87 22.53
CA GLY D 202 -10.72 -3.18 22.65
C GLY D 202 -11.62 -3.53 21.48
N THR D 203 -11.87 -2.55 20.59
CA THR D 203 -12.69 -2.65 19.38
C THR D 203 -11.80 -2.40 18.13
N GLN D 204 -11.08 -1.27 18.13
CA GLN D 204 -10.20 -0.84 17.04
C GLN D 204 -8.74 -1.09 17.41
N THR D 205 -7.98 -1.75 16.53
CA THR D 205 -6.57 -2.07 16.78
C THR D 205 -5.68 -0.91 16.36
N TYR D 206 -4.61 -0.68 17.13
CA TYR D 206 -3.65 0.38 16.85
C TYR D 206 -2.24 -0.19 16.77
N ILE D 207 -1.63 -0.06 15.59
CA ILE D 207 -0.28 -0.58 15.33
C ILE D 207 0.63 0.53 14.77
N CYS D 208 1.82 0.70 15.34
CA CYS D 208 2.73 1.68 14.75
C CYS D 208 3.72 0.99 13.81
N ASN D 209 3.86 1.54 12.60
CA ASN D 209 4.76 0.97 11.60
C ASN D 209 6.06 1.72 11.60
N VAL D 210 7.09 1.06 12.11
CA VAL D 210 8.40 1.65 12.23
C VAL D 210 9.35 1.06 11.17
N ASN D 211 10.11 1.94 10.52
CA ASN D 211 11.09 1.47 9.57
C ASN D 211 12.38 2.22 9.73
N HIS D 212 13.45 1.51 10.05
CA HIS D 212 14.78 2.12 10.13
C HIS D 212 15.51 1.49 8.96
N LYS D 213 15.53 2.20 7.83
CA LYS D 213 16.13 1.67 6.60
C LYS D 213 17.64 1.42 6.73
N PRO D 214 18.47 2.30 7.36
CA PRO D 214 19.91 1.98 7.46
C PRO D 214 20.27 0.60 8.02
N SER D 215 19.51 0.14 9.03
CA SER D 215 19.80 -1.14 9.64
C SER D 215 18.93 -2.27 9.11
N ASN D 216 18.01 -1.99 8.17
CA ASN D 216 17.05 -2.94 7.57
C ASN D 216 16.02 -3.42 8.61
N THR D 217 15.74 -2.58 9.62
CA THR D 217 14.80 -2.90 10.70
C THR D 217 13.37 -2.41 10.41
N LYS D 218 12.45 -3.37 10.18
CA LYS D 218 11.03 -3.10 9.94
C LYS D 218 10.23 -3.70 11.09
N VAL D 219 9.62 -2.84 11.94
CA VAL D 219 8.87 -3.34 13.12
C VAL D 219 7.44 -2.81 13.11
N ASP D 220 6.48 -3.72 13.37
CA ASP D 220 5.06 -3.40 13.53
C ASP D 220 4.69 -3.74 14.99
N LYS D 221 4.44 -2.70 15.80
CA LYS D 221 4.16 -2.89 17.23
C LYS D 221 2.71 -2.59 17.58
N LYS D 222 1.96 -3.65 17.99
CA LYS D 222 0.57 -3.55 18.42
C LYS D 222 0.50 -2.87 19.80
N VAL D 223 -0.12 -1.67 19.85
CA VAL D 223 -0.28 -0.87 21.06
C VAL D 223 -1.63 -1.25 21.70
N GLU D 224 -1.56 -1.92 22.86
CA GLU D 224 -2.72 -2.42 23.59
C GLU D 224 -2.82 -1.86 25.01
N PRO D 225 -4.07 -1.64 25.55
CA PRO D 225 -4.21 -1.16 26.93
C PRO D 225 -3.83 -2.22 27.97
N ALA E 2 32.29 -15.10 -26.72
CA ALA E 2 33.41 -16.02 -26.56
C ALA E 2 33.45 -16.66 -25.17
N VAL E 3 33.74 -17.96 -25.10
CA VAL E 3 33.81 -18.82 -23.88
C VAL E 3 35.15 -19.60 -23.86
N LEU E 4 35.84 -19.64 -22.70
CA LEU E 4 37.05 -20.42 -22.49
C LEU E 4 36.73 -21.57 -21.53
N THR E 5 36.99 -22.79 -22.00
CA THR E 5 36.72 -24.02 -21.27
C THR E 5 38.04 -24.53 -20.78
N GLN E 6 38.21 -24.57 -19.45
CA GLN E 6 39.43 -25.11 -18.89
C GLN E 6 39.23 -26.55 -18.49
N SER E 7 40.23 -27.38 -18.73
CA SER E 7 40.12 -28.77 -18.32
C SER E 7 41.44 -29.31 -17.76
N PRO E 8 41.41 -30.22 -16.78
CA PRO E 8 40.22 -30.70 -16.04
C PRO E 8 39.78 -29.66 -15.01
N GLY E 9 38.62 -29.87 -14.38
CA GLY E 9 38.16 -29.01 -13.30
C GLY E 9 39.14 -29.12 -12.15
N THR E 10 39.54 -30.37 -11.78
CA THR E 10 40.49 -30.64 -10.72
C THR E 10 41.61 -31.56 -11.25
N LEU E 11 42.87 -31.18 -11.04
CA LEU E 11 44.05 -31.95 -11.42
C LEU E 11 44.74 -32.38 -10.11
N SER E 12 44.68 -33.69 -9.79
CA SER E 12 45.20 -34.24 -8.53
C SER E 12 46.52 -34.88 -8.77
N LEU E 13 47.56 -34.28 -8.23
CA LEU E 13 48.91 -34.73 -8.49
C LEU E 13 49.77 -34.67 -7.24
N SER E 14 50.92 -35.35 -7.29
CA SER E 14 51.88 -35.30 -6.20
C SER E 14 53.00 -34.30 -6.54
N PRO E 15 53.72 -33.70 -5.56
CA PRO E 15 54.88 -32.88 -5.90
C PRO E 15 55.89 -33.69 -6.71
N GLY E 16 56.55 -33.05 -7.66
CA GLY E 16 57.53 -33.70 -8.51
C GLY E 16 56.96 -34.14 -9.84
N GLU E 17 55.63 -34.25 -9.91
CA GLU E 17 54.94 -34.65 -11.12
C GLU E 17 54.73 -33.49 -12.09
N ARG E 18 54.54 -33.81 -13.37
CA ARG E 18 54.33 -32.84 -14.43
C ARG E 18 52.85 -32.52 -14.45
N ALA E 19 52.51 -31.24 -14.45
CA ALA E 19 51.11 -30.87 -14.52
C ALA E 19 50.82 -30.29 -15.89
N THR E 20 49.73 -30.72 -16.54
CA THR E 20 49.36 -30.15 -17.85
C THR E 20 47.92 -29.65 -17.74
N LEU E 21 47.66 -28.38 -18.01
CA LEU E 21 46.33 -27.79 -17.87
C LEU E 21 45.87 -27.31 -19.24
N SER E 22 44.61 -27.53 -19.60
CA SER E 22 44.19 -27.08 -20.92
C SER E 22 43.22 -25.95 -20.90
N CYS E 23 43.20 -25.18 -21.99
CA CYS E 23 42.30 -24.03 -22.16
C CYS E 23 41.83 -24.02 -23.63
N GLN E 24 40.54 -24.24 -23.86
CA GLN E 24 39.97 -24.23 -25.22
C GLN E 24 39.06 -23.02 -25.37
N SER E 25 39.25 -22.24 -26.43
CA SER E 25 38.42 -21.03 -26.67
C SER E 25 37.36 -21.34 -27.72
N SER E 26 36.14 -20.82 -27.54
CA SER E 26 35.05 -21.05 -28.50
C SER E 26 35.26 -20.35 -29.84
N GLN E 27 35.99 -19.22 -29.83
CA GLN E 27 36.36 -18.42 -31.02
C GLN E 27 37.86 -18.23 -30.98
N SER E 28 38.51 -17.98 -32.13
CA SER E 28 39.96 -17.75 -32.11
C SER E 28 40.29 -16.46 -31.33
N VAL E 29 41.27 -16.49 -30.40
CA VAL E 29 41.66 -15.26 -29.67
C VAL E 29 42.27 -14.25 -30.68
N TYR E 30 42.26 -12.96 -30.33
CA TYR E 30 42.81 -11.94 -31.22
C TYR E 30 44.28 -12.23 -31.48
N ASN E 31 44.73 -12.07 -32.75
CA ASN E 31 46.13 -12.30 -33.16
C ASN E 31 46.65 -13.76 -32.92
N ASN E 32 45.76 -14.68 -32.55
CA ASN E 32 45.91 -16.11 -32.22
C ASN E 32 46.78 -16.35 -30.96
N ASN E 33 47.28 -15.29 -30.32
CA ASN E 33 48.10 -15.47 -29.12
C ASN E 33 47.69 -14.54 -27.95
N TYR E 34 46.48 -13.91 -28.02
CA TYR E 34 45.97 -13.09 -26.92
C TYR E 34 45.39 -14.03 -25.86
N LEU E 35 46.30 -14.64 -25.13
CA LEU E 35 45.94 -15.65 -24.11
C LEU E 35 46.96 -15.61 -22.97
N SER E 36 46.48 -15.38 -21.75
CA SER E 36 47.32 -15.29 -20.54
C SER E 36 46.90 -16.31 -19.48
N TRP E 37 47.82 -16.63 -18.59
CA TRP E 37 47.61 -17.56 -17.50
C TRP E 37 47.87 -16.88 -16.19
N PHE E 38 47.05 -17.23 -15.18
CA PHE E 38 47.10 -16.69 -13.83
C PHE E 38 47.04 -17.77 -12.81
N GLN E 39 47.66 -17.51 -11.64
CA GLN E 39 47.59 -18.36 -10.47
C GLN E 39 46.80 -17.64 -9.39
N GLN E 40 45.94 -18.33 -8.65
CA GLN E 40 45.22 -17.69 -7.53
C GLN E 40 45.30 -18.55 -6.26
N LYS E 41 45.83 -17.97 -5.19
CA LYS E 41 45.93 -18.55 -3.87
C LYS E 41 44.88 -17.90 -2.95
N PRO E 42 44.46 -18.62 -1.84
CA PRO E 42 43.40 -18.10 -0.95
C PRO E 42 43.58 -16.66 -0.48
N GLY E 43 42.50 -15.90 -0.55
CA GLY E 43 42.45 -14.50 -0.12
C GLY E 43 43.29 -13.50 -0.90
N GLN E 44 43.96 -13.93 -1.98
CA GLN E 44 44.82 -13.08 -2.79
C GLN E 44 44.19 -12.77 -4.15
N PRO E 45 44.62 -11.67 -4.81
CA PRO E 45 44.21 -11.48 -6.20
C PRO E 45 44.95 -12.48 -7.09
N PRO E 46 44.45 -12.69 -8.33
CA PRO E 46 45.21 -13.53 -9.27
C PRO E 46 46.61 -12.96 -9.52
N ARG E 47 47.54 -13.82 -9.92
CA ARG E 47 48.91 -13.45 -10.20
C ARG E 47 49.22 -13.85 -11.62
N LEU E 48 49.66 -12.90 -12.46
CA LEU E 48 50.02 -13.13 -13.86
C LEU E 48 51.22 -14.06 -13.99
N LEU E 49 51.06 -15.16 -14.77
CA LEU E 49 52.16 -16.13 -14.97
C LEU E 49 52.76 -16.01 -16.36
N ILE E 50 51.90 -16.06 -17.38
CA ILE E 50 52.34 -16.09 -18.78
C ILE E 50 51.40 -15.22 -19.57
N TYR E 51 51.91 -14.51 -20.57
CA TYR E 51 51.13 -13.68 -21.48
C TYR E 51 51.49 -14.01 -22.92
N GLY E 52 50.61 -13.65 -23.87
CA GLY E 52 50.83 -13.94 -25.29
C GLY E 52 51.10 -15.43 -25.53
N ALA E 53 50.37 -16.30 -24.81
CA ALA E 53 50.36 -17.78 -24.82
C ALA E 53 51.62 -18.44 -24.28
N SER E 54 52.80 -17.83 -24.47
CA SER E 54 54.07 -18.49 -24.12
C SER E 54 55.11 -17.65 -23.39
N THR E 55 54.93 -16.32 -23.27
CA THR E 55 55.96 -15.50 -22.58
C THR E 55 55.76 -15.46 -21.08
N LEU E 56 56.79 -15.83 -20.34
CA LEU E 56 56.83 -15.84 -18.87
C LEU E 56 56.99 -14.42 -18.36
N THR E 57 56.17 -14.02 -17.36
CA THR E 57 56.34 -12.68 -16.75
C THR E 57 57.56 -12.79 -15.83
N SER E 58 58.21 -11.66 -15.53
CA SER E 58 59.38 -11.57 -14.65
C SER E 58 59.08 -12.15 -13.28
N GLY E 59 60.04 -12.90 -12.73
CA GLY E 59 59.92 -13.50 -11.40
C GLY E 59 59.28 -14.87 -11.32
N VAL E 60 58.62 -15.32 -12.41
CA VAL E 60 57.93 -16.62 -12.50
C VAL E 60 58.96 -17.73 -12.84
N PRO E 61 59.03 -18.83 -12.04
CA PRO E 61 60.04 -19.88 -12.29
C PRO E 61 59.97 -20.60 -13.64
N ASP E 62 61.14 -21.07 -14.09
CA ASP E 62 61.38 -21.78 -15.36
C ASP E 62 60.49 -22.99 -15.57
N ARG E 63 60.07 -23.66 -14.48
CA ARG E 63 59.18 -24.83 -14.53
C ARG E 63 57.81 -24.54 -15.21
N PHE E 64 57.37 -23.25 -15.27
CA PHE E 64 56.09 -22.90 -15.90
C PHE E 64 56.31 -22.57 -17.36
N SER E 65 55.48 -23.10 -18.24
CA SER E 65 55.57 -22.77 -19.67
C SER E 65 54.19 -22.87 -20.28
N GLY E 66 53.99 -22.12 -21.34
CA GLY E 66 52.71 -22.13 -22.03
C GLY E 66 52.91 -22.37 -23.49
N SER E 67 51.86 -22.94 -24.16
CA SER E 67 51.89 -23.18 -25.59
C SER E 67 50.51 -23.14 -26.14
N GLY E 68 50.43 -23.11 -27.46
CA GLY E 68 49.18 -23.14 -28.18
C GLY E 68 48.98 -21.89 -29.00
N SER E 69 47.89 -21.88 -29.76
CA SER E 69 47.57 -20.80 -30.69
C SER E 69 46.13 -20.99 -31.13
N GLY E 70 45.50 -19.89 -31.53
CA GLY E 70 44.15 -19.87 -32.07
C GLY E 70 43.10 -20.12 -31.00
N THR E 71 42.80 -21.40 -30.74
CA THR E 71 41.78 -21.81 -29.77
C THR E 71 42.25 -22.89 -28.77
N ASP E 72 43.44 -23.45 -28.95
CA ASP E 72 43.90 -24.58 -28.13
C ASP E 72 45.16 -24.17 -27.38
N PHE E 73 45.10 -24.15 -26.06
CA PHE E 73 46.21 -23.67 -25.23
C PHE E 73 46.50 -24.61 -24.07
N THR E 74 47.75 -24.65 -23.64
CA THR E 74 48.18 -25.49 -22.54
C THR E 74 49.14 -24.73 -21.62
N LEU E 75 49.01 -24.96 -20.32
CA LEU E 75 49.96 -24.47 -19.32
C LEU E 75 50.61 -25.73 -18.78
N THR E 76 51.92 -25.76 -18.73
CA THR E 76 52.62 -26.90 -18.19
C THR E 76 53.45 -26.45 -17.01
N ILE E 77 53.49 -27.25 -15.96
CA ILE E 77 54.38 -27.10 -14.80
C ILE E 77 55.23 -28.38 -14.93
N SER E 78 56.50 -28.22 -15.32
CA SER E 78 57.42 -29.33 -15.61
C SER E 78 57.53 -30.35 -14.44
N ARG E 79 57.70 -29.85 -13.21
CA ARG E 79 57.82 -30.64 -11.98
C ARG E 79 57.22 -29.82 -10.87
N LEU E 80 56.06 -30.21 -10.39
CA LEU E 80 55.34 -29.47 -9.34
C LEU E 80 56.10 -29.34 -8.06
N GLU E 81 56.03 -28.15 -7.48
CA GLU E 81 56.57 -27.76 -6.20
C GLU E 81 55.36 -27.59 -5.25
N PRO E 82 55.48 -27.83 -3.92
CA PRO E 82 54.29 -27.69 -3.03
C PRO E 82 53.60 -26.34 -3.09
N GLU E 83 54.34 -25.26 -3.43
CA GLU E 83 53.74 -23.93 -3.55
C GLU E 83 52.88 -23.78 -4.80
N ASP E 84 52.91 -24.76 -5.71
CA ASP E 84 52.14 -24.70 -6.96
C ASP E 84 50.68 -25.17 -6.85
N PHE E 85 50.27 -25.80 -5.71
CA PHE E 85 48.89 -26.26 -5.52
C PHE E 85 48.05 -25.03 -5.25
N ALA E 86 47.21 -24.66 -6.24
CA ALA E 86 46.40 -23.44 -6.27
C ALA E 86 45.41 -23.61 -7.42
N VAL E 87 44.67 -22.54 -7.73
CA VAL E 87 43.71 -22.50 -8.84
C VAL E 87 44.38 -21.70 -9.99
N TYR E 88 44.23 -22.17 -11.24
CA TYR E 88 44.84 -21.54 -12.41
C TYR E 88 43.76 -21.13 -13.36
N TYR E 89 43.83 -19.91 -13.88
CA TYR E 89 42.84 -19.38 -14.83
C TYR E 89 43.56 -18.99 -16.12
N CYS E 90 42.88 -19.15 -17.27
CA CYS E 90 43.36 -18.61 -18.53
C CYS E 90 42.43 -17.38 -18.84
N ALA E 91 42.92 -16.41 -19.57
CA ALA E 91 42.12 -15.28 -20.04
C ALA E 91 42.47 -15.03 -21.50
N GLY E 92 41.46 -14.82 -22.32
CA GLY E 92 41.69 -14.54 -23.73
C GLY E 92 41.17 -13.16 -24.10
N GLY E 93 41.73 -12.59 -25.16
CA GLY E 93 41.38 -11.29 -25.71
C GLY E 93 40.74 -11.45 -27.08
N TYR E 94 39.65 -10.72 -27.38
CA TYR E 94 38.87 -10.95 -28.60
C TYR E 94 38.43 -9.69 -29.26
N SER E 95 38.07 -9.83 -30.55
CA SER E 95 37.41 -8.82 -31.37
C SER E 95 35.92 -8.86 -30.98
N GLY E 96 35.23 -7.74 -31.11
CA GLY E 96 33.80 -7.62 -30.80
C GLY E 96 33.38 -6.33 -30.11
N SER E 97 32.09 -6.08 -30.11
CA SER E 97 31.47 -4.91 -29.48
C SER E 97 31.26 -5.14 -27.98
N SER E 98 31.52 -6.36 -27.53
CA SER E 98 31.43 -6.75 -26.13
C SER E 98 32.37 -7.95 -25.98
N ASP E 99 32.52 -8.51 -24.77
CA ASP E 99 33.40 -9.67 -24.55
C ASP E 99 34.79 -9.51 -25.13
N LYS E 100 35.42 -8.34 -24.89
CA LYS E 100 36.80 -8.00 -25.27
C LYS E 100 37.74 -8.98 -24.57
N TYR E 101 37.38 -9.39 -23.32
CA TYR E 101 38.14 -10.42 -22.56
C TYR E 101 37.20 -11.39 -21.88
N ALA E 102 37.66 -12.63 -21.63
CA ALA E 102 36.89 -13.65 -20.89
C ALA E 102 37.89 -14.46 -20.11
N PHE E 103 37.49 -15.00 -18.94
CA PHE E 103 38.36 -15.90 -18.22
C PHE E 103 37.77 -17.29 -18.35
N GLY E 104 38.62 -18.30 -18.33
CA GLY E 104 38.19 -19.69 -18.21
C GLY E 104 37.64 -19.93 -16.80
N GLY E 105 37.02 -21.10 -16.57
CA GLY E 105 36.41 -21.46 -15.29
C GLY E 105 37.36 -21.84 -14.18
N GLY E 106 38.63 -21.96 -14.51
CA GLY E 106 39.68 -22.33 -13.56
C GLY E 106 39.93 -23.83 -13.45
N THR E 107 41.15 -24.19 -13.09
CA THR E 107 41.53 -25.57 -12.83
C THR E 107 42.20 -25.53 -11.45
N LYS E 108 41.76 -26.43 -10.55
CA LYS E 108 42.34 -26.58 -9.22
C LYS E 108 43.41 -27.66 -9.29
N VAL E 109 44.65 -27.31 -8.94
CA VAL E 109 45.72 -28.27 -8.84
C VAL E 109 45.69 -28.66 -7.35
N GLU E 110 45.36 -29.92 -7.10
CA GLU E 110 45.03 -30.50 -5.80
C GLU E 110 46.05 -31.59 -5.38
N ILE E 111 46.28 -31.78 -4.07
CA ILE E 111 47.23 -32.79 -3.56
C ILE E 111 46.60 -34.14 -3.69
N LYS E 112 47.27 -35.05 -4.43
CA LYS E 112 46.81 -36.43 -4.60
C LYS E 112 47.17 -37.19 -3.32
N ARG E 113 46.29 -38.10 -2.90
CA ARG E 113 46.52 -39.03 -1.79
C ARG E 113 45.71 -40.27 -2.07
N THR E 114 45.85 -41.33 -1.23
CA THR E 114 45.09 -42.57 -1.40
C THR E 114 43.63 -42.36 -1.06
N VAL E 115 42.77 -43.16 -1.70
CA VAL E 115 41.35 -43.14 -1.45
C VAL E 115 41.06 -43.42 0.03
N ALA E 116 40.22 -42.57 0.65
CA ALA E 116 39.82 -42.77 2.04
C ALA E 116 38.31 -42.62 2.12
N ALA E 117 37.65 -43.68 2.55
CA ALA E 117 36.19 -43.72 2.71
C ALA E 117 35.83 -42.77 3.84
N PRO E 118 34.74 -41.99 3.70
CA PRO E 118 34.35 -41.10 4.82
C PRO E 118 33.75 -41.88 5.99
N SER E 119 33.95 -41.35 7.21
CA SER E 119 33.29 -41.86 8.42
C SER E 119 32.02 -41.00 8.44
N VAL E 120 30.86 -41.63 8.55
CA VAL E 120 29.58 -40.95 8.47
C VAL E 120 28.88 -40.94 9.84
N PHE E 121 28.32 -39.79 10.21
CA PHE E 121 27.63 -39.57 11.51
C PHE E 121 26.36 -38.81 11.29
N ILE E 122 25.27 -39.20 11.95
CA ILE E 122 24.02 -38.44 11.83
C ILE E 122 23.68 -37.84 13.21
N PHE E 123 23.23 -36.59 13.25
CA PHE E 123 22.85 -35.89 14.47
C PHE E 123 21.41 -35.42 14.37
N PRO E 124 20.54 -35.85 15.31
CA PRO E 124 19.18 -35.31 15.32
C PRO E 124 19.21 -33.86 15.80
N PRO E 125 18.16 -33.04 15.58
CA PRO E 125 18.18 -31.70 16.22
C PRO E 125 18.25 -31.84 17.73
N SER E 126 18.80 -30.83 18.39
CA SER E 126 18.90 -30.79 19.85
C SER E 126 17.52 -30.45 20.37
N ASP E 127 17.21 -30.88 21.60
CA ASP E 127 15.93 -30.56 22.26
C ASP E 127 15.68 -29.03 22.29
N GLU E 128 16.75 -28.23 22.57
CA GLU E 128 16.75 -26.76 22.65
C GLU E 128 16.22 -26.07 21.39
N GLN E 129 16.72 -26.50 20.21
CA GLN E 129 16.32 -25.89 18.95
C GLN E 129 14.81 -25.92 18.68
N LEU E 130 14.11 -26.95 19.16
CA LEU E 130 12.67 -27.11 18.89
C LEU E 130 11.82 -25.89 19.30
N LYS E 131 12.18 -25.18 20.39
CA LYS E 131 11.52 -23.94 20.84
C LYS E 131 11.54 -22.82 19.75
N SER E 132 12.50 -22.90 18.79
CA SER E 132 12.67 -21.95 17.70
C SER E 132 11.63 -22.17 16.60
N GLY E 133 11.04 -23.37 16.57
CA GLY E 133 10.08 -23.74 15.54
C GLY E 133 10.76 -24.34 14.32
N THR E 134 12.10 -24.52 14.40
CA THR E 134 12.92 -25.08 13.33
C THR E 134 13.68 -26.28 13.86
N ALA E 135 13.93 -27.27 13.01
CA ALA E 135 14.71 -28.43 13.37
C ALA E 135 15.75 -28.66 12.25
N SER E 136 17.02 -28.71 12.65
CA SER E 136 18.13 -28.96 11.73
C SER E 136 18.72 -30.36 11.98
N VAL E 137 18.75 -31.21 10.96
CA VAL E 137 19.31 -32.55 11.05
C VAL E 137 20.65 -32.51 10.30
N VAL E 138 21.77 -32.87 10.96
CA VAL E 138 23.12 -32.81 10.38
C VAL E 138 23.73 -34.19 10.07
N CYS E 139 24.33 -34.30 8.88
CA CYS E 139 25.06 -35.49 8.43
C CYS E 139 26.53 -35.10 8.18
N LEU E 140 27.46 -35.70 8.93
CA LEU E 140 28.87 -35.39 8.80
C LEU E 140 29.55 -36.51 8.01
N LEU E 141 30.37 -36.15 6.99
CA LEU E 141 31.20 -37.11 6.24
C LEU E 141 32.59 -36.66 6.59
N ASN E 142 33.31 -37.42 7.42
CA ASN E 142 34.61 -37.02 7.92
C ASN E 142 35.78 -37.67 7.24
N ASN E 143 36.85 -36.87 7.01
CA ASN E 143 38.17 -37.30 6.48
C ASN E 143 38.12 -38.24 5.28
N PHE E 144 37.55 -37.78 4.16
CA PHE E 144 37.51 -38.61 2.98
C PHE E 144 38.38 -38.05 1.83
N TYR E 145 38.62 -38.92 0.84
CA TYR E 145 39.32 -38.56 -0.38
C TYR E 145 38.98 -39.61 -1.48
N PRO E 146 38.56 -39.25 -2.70
CA PRO E 146 38.47 -37.90 -3.27
C PRO E 146 37.30 -37.05 -2.79
N ARG E 147 37.29 -35.80 -3.24
CA ARG E 147 36.30 -34.78 -2.88
C ARG E 147 34.86 -35.15 -3.29
N GLU E 148 34.67 -35.93 -4.38
CA GLU E 148 33.33 -36.28 -4.87
C GLU E 148 32.58 -37.19 -3.90
N ALA E 149 31.47 -36.71 -3.37
CA ALA E 149 30.66 -37.51 -2.45
C ALA E 149 29.21 -37.13 -2.66
N LYS E 150 28.31 -38.11 -2.65
CA LYS E 150 26.89 -37.81 -2.81
C LYS E 150 26.15 -38.19 -1.51
N VAL E 151 25.36 -37.24 -1.00
CA VAL E 151 24.55 -37.42 0.21
C VAL E 151 23.10 -37.26 -0.20
N GLN E 152 22.26 -38.24 0.17
CA GLN E 152 20.82 -38.19 -0.07
C GLN E 152 20.09 -38.31 1.26
N TRP E 153 19.14 -37.43 1.49
CA TRP E 153 18.30 -37.40 2.69
C TRP E 153 16.96 -38.07 2.40
N LYS E 154 16.52 -38.94 3.32
CA LYS E 154 15.26 -39.69 3.27
C LYS E 154 14.51 -39.61 4.60
N VAL E 155 13.34 -38.92 4.62
CA VAL E 155 12.51 -38.85 5.84
C VAL E 155 11.33 -39.84 5.65
N ASP E 156 11.31 -40.92 6.47
CA ASP E 156 10.34 -42.04 6.39
C ASP E 156 10.32 -42.70 5.00
N ASN E 157 11.54 -43.00 4.47
CA ASN E 157 11.83 -43.63 3.18
C ASN E 157 11.57 -42.69 1.96
N ALA E 158 11.02 -41.47 2.20
CA ALA E 158 10.75 -40.47 1.15
C ALA E 158 11.99 -39.58 0.89
N LEU E 159 12.45 -39.55 -0.36
CA LEU E 159 13.62 -38.79 -0.80
C LEU E 159 13.36 -37.29 -0.73
N GLN E 160 14.26 -36.57 -0.02
CA GLN E 160 14.17 -35.12 0.18
C GLN E 160 14.93 -34.36 -0.90
N SER E 161 14.42 -33.19 -1.29
CA SER E 161 15.08 -32.30 -2.25
C SER E 161 14.70 -30.83 -1.99
N GLY E 162 15.68 -29.94 -2.13
CA GLY E 162 15.49 -28.52 -1.95
C GLY E 162 15.46 -28.00 -0.52
N ASN E 163 15.64 -28.88 0.49
CA ASN E 163 15.62 -28.45 1.90
C ASN E 163 16.95 -28.79 2.66
N SER E 164 18.05 -28.96 1.90
CA SER E 164 19.35 -29.29 2.47
C SER E 164 20.46 -28.42 1.89
N GLN E 165 21.51 -28.18 2.68
CA GLN E 165 22.67 -27.41 2.24
C GLN E 165 23.95 -28.12 2.67
N GLU E 166 24.95 -28.17 1.77
CA GLU E 166 26.21 -28.81 2.09
C GLU E 166 27.31 -27.76 2.19
N SER E 167 28.30 -28.05 2.99
CA SER E 167 29.47 -27.23 3.15
C SER E 167 30.65 -28.18 3.21
N VAL E 168 31.77 -27.77 2.62
CA VAL E 168 32.95 -28.62 2.59
C VAL E 168 34.23 -27.86 3.04
N THR E 169 35.09 -28.55 3.77
CA THR E 169 36.36 -27.98 4.20
C THR E 169 37.38 -28.01 3.03
N GLU E 170 38.50 -27.26 3.19
CA GLU E 170 39.59 -27.25 2.25
C GLU E 170 40.42 -28.45 2.62
N GLN E 171 41.25 -28.96 1.67
CA GLN E 171 42.07 -30.13 1.92
C GLN E 171 42.81 -29.93 3.21
N ASP E 172 42.81 -30.95 4.09
CA ASP E 172 43.47 -30.85 5.39
C ASP E 172 44.98 -30.70 5.21
N SER E 173 45.60 -29.84 6.01
CA SER E 173 47.05 -29.59 5.91
C SER E 173 47.90 -30.83 6.27
N LYS E 174 47.44 -31.68 7.21
CA LYS E 174 48.18 -32.86 7.66
C LYS E 174 47.89 -34.18 6.91
N ASP E 175 46.61 -34.45 6.59
CA ASP E 175 46.27 -35.72 5.94
C ASP E 175 45.66 -35.60 4.52
N SER E 176 45.48 -34.36 3.96
CA SER E 176 44.99 -34.08 2.60
C SER E 176 43.57 -34.60 2.31
N THR E 177 42.75 -34.84 3.34
CA THR E 177 41.38 -35.31 3.19
C THR E 177 40.44 -34.10 3.26
N TYR E 178 39.14 -34.34 2.99
CA TYR E 178 38.09 -33.36 3.06
C TYR E 178 37.09 -33.87 4.07
N SER E 179 36.29 -32.96 4.62
CA SER E 179 35.18 -33.26 5.48
C SER E 179 34.02 -32.48 4.94
N LEU E 180 32.81 -33.00 5.10
CA LEU E 180 31.63 -32.37 4.53
C LEU E 180 30.50 -32.48 5.50
N SER E 181 29.67 -31.45 5.58
CA SER E 181 28.47 -31.54 6.39
C SER E 181 27.28 -31.27 5.48
N SER E 182 26.19 -31.97 5.70
CA SER E 182 24.94 -31.74 4.99
C SER E 182 23.88 -31.55 6.08
N THR E 183 23.18 -30.43 6.02
CA THR E 183 22.15 -30.04 6.97
C THR E 183 20.78 -30.06 6.30
N LEU E 184 19.86 -30.80 6.90
CA LEU E 184 18.47 -30.90 6.48
C LEU E 184 17.70 -29.95 7.42
N THR E 185 16.98 -28.95 6.88
CA THR E 185 16.20 -27.98 7.69
C THR E 185 14.72 -28.22 7.46
N LEU E 186 13.99 -28.40 8.56
CA LEU E 186 12.55 -28.63 8.56
C LEU E 186 11.90 -27.74 9.62
N SER E 187 10.60 -27.47 9.46
CA SER E 187 9.87 -26.76 10.49
C SER E 187 9.65 -27.77 11.63
N LYS E 188 9.38 -27.30 12.84
CA LYS E 188 9.14 -28.20 13.97
C LYS E 188 7.97 -29.18 13.67
N ALA E 189 6.90 -28.67 13.01
CA ALA E 189 5.73 -29.49 12.62
C ALA E 189 6.10 -30.62 11.65
N ASP E 190 6.82 -30.30 10.55
CA ASP E 190 7.26 -31.29 9.55
C ASP E 190 8.15 -32.34 10.20
N TYR E 191 9.06 -31.89 11.10
CA TYR E 191 9.98 -32.77 11.81
C TYR E 191 9.21 -33.77 12.64
N GLU E 192 8.21 -33.30 13.39
CA GLU E 192 7.43 -34.10 14.33
C GLU E 192 6.36 -35.01 13.69
N LYS E 193 6.09 -34.89 12.39
CA LYS E 193 5.15 -35.78 11.70
C LYS E 193 5.79 -37.13 11.34
N HIS E 194 7.15 -37.19 11.26
CA HIS E 194 7.89 -38.38 10.81
C HIS E 194 8.72 -39.09 11.90
N LYS E 195 9.19 -40.33 11.64
CA LYS E 195 9.97 -41.10 12.61
C LYS E 195 11.42 -41.38 12.21
N VAL E 196 11.68 -41.99 11.03
CA VAL E 196 13.03 -42.38 10.61
C VAL E 196 13.66 -41.29 9.73
N TYR E 197 14.89 -40.86 10.15
CA TYR E 197 15.69 -39.84 9.46
C TYR E 197 16.97 -40.50 9.07
N ALA E 198 17.25 -40.53 7.76
CA ALA E 198 18.43 -41.19 7.20
C ALA E 198 19.20 -40.34 6.22
N CYS E 199 20.52 -40.48 6.28
CA CYS E 199 21.49 -39.83 5.40
C CYS E 199 22.20 -40.98 4.66
N GLU E 200 22.05 -41.05 3.32
CA GLU E 200 22.66 -42.08 2.47
C GLU E 200 23.86 -41.48 1.71
N VAL E 201 25.05 -42.10 1.87
CA VAL E 201 26.32 -41.61 1.31
C VAL E 201 26.93 -42.52 0.23
N THR E 202 27.29 -41.93 -0.94
CA THR E 202 27.95 -42.65 -2.02
C THR E 202 29.33 -42.02 -2.20
N HIS E 203 30.39 -42.84 -2.19
CA HIS E 203 31.76 -42.36 -2.36
C HIS E 203 32.59 -43.50 -2.95
N GLN E 204 33.62 -43.16 -3.76
CA GLN E 204 34.61 -44.06 -4.38
C GLN E 204 35.18 -45.10 -3.38
N GLY E 205 35.38 -44.67 -2.12
CA GLY E 205 35.95 -45.50 -1.06
C GLY E 205 35.02 -46.53 -0.47
N LEU E 206 33.71 -46.48 -0.82
CA LEU E 206 32.72 -47.45 -0.31
C LEU E 206 32.19 -48.32 -1.45
N SER E 207 32.27 -49.67 -1.30
CA SER E 207 31.78 -50.60 -2.35
C SER E 207 30.30 -50.42 -2.64
N SER E 208 29.55 -50.11 -1.57
CA SER E 208 28.11 -49.91 -1.56
C SER E 208 27.81 -48.65 -0.72
N PRO E 209 26.77 -47.84 -1.08
CA PRO E 209 26.43 -46.66 -0.24
C PRO E 209 26.17 -46.97 1.23
N VAL E 210 26.63 -46.09 2.14
CA VAL E 210 26.45 -46.24 3.59
C VAL E 210 25.26 -45.41 4.06
N THR E 211 24.39 -46.01 4.88
CA THR E 211 23.22 -45.32 5.43
C THR E 211 23.34 -45.20 6.94
N LYS E 212 23.19 -43.95 7.45
CA LYS E 212 23.15 -43.58 8.86
C LYS E 212 21.79 -43.00 9.15
N SER E 213 21.12 -43.51 10.18
CA SER E 213 19.75 -43.11 10.49
C SER E 213 19.48 -43.03 11.98
N PHE E 214 18.39 -42.36 12.33
CA PHE E 214 17.89 -42.34 13.71
C PHE E 214 16.36 -42.41 13.65
N ASN E 215 15.72 -42.87 14.73
CA ASN E 215 14.26 -42.94 14.88
C ASN E 215 13.81 -42.00 16.01
N ARG E 216 12.85 -41.11 15.72
CA ARG E 216 12.30 -40.14 16.70
C ARG E 216 11.63 -40.79 17.93
N GLY E 217 11.37 -42.09 17.87
CA GLY E 217 10.79 -42.87 18.97
C GLY E 217 11.89 -43.44 19.86
N GLU E 218 13.15 -43.44 19.38
CA GLU E 218 14.26 -44.04 20.14
C GLU E 218 15.16 -42.99 20.82
N CYS E 219 16.06 -43.45 21.70
CA CYS E 219 17.04 -42.69 22.49
C CYS E 219 17.96 -41.78 21.67
N GLN F 2 53.62 1.10 -8.71
CA GLN F 2 52.39 0.84 -9.47
C GLN F 2 51.44 0.02 -8.63
N GLN F 3 50.36 0.64 -8.14
CA GLN F 3 49.34 -0.01 -7.31
C GLN F 3 47.94 0.41 -7.68
N LEU F 4 47.00 -0.44 -7.30
CA LEU F 4 45.55 -0.22 -7.46
C LEU F 4 44.88 -0.58 -6.14
N GLN F 5 43.89 0.21 -5.72
CA GLN F 5 43.17 -0.08 -4.49
C GLN F 5 41.69 0.20 -4.68
N GLU F 6 40.84 -0.83 -4.48
CA GLU F 6 39.37 -0.75 -4.57
C GLU F 6 38.81 -0.31 -3.22
N SER F 7 37.73 0.48 -3.26
CA SER F 7 37.05 0.91 -2.05
C SER F 7 35.61 1.11 -2.37
N GLY F 8 34.80 1.08 -1.32
CA GLY F 8 33.36 1.26 -1.45
C GLY F 8 32.62 0.52 -0.35
N PRO F 9 31.31 0.73 -0.23
CA PRO F 9 30.54 0.08 0.86
C PRO F 9 30.63 -1.45 0.81
N GLY F 10 30.72 -2.06 1.98
CA GLY F 10 30.78 -3.51 2.14
C GLY F 10 29.42 -4.13 2.03
N LEU F 11 28.39 -3.35 2.37
CA LEU F 11 26.98 -3.74 2.34
C LEU F 11 26.18 -2.87 1.41
N VAL F 12 25.32 -3.52 0.60
CA VAL F 12 24.46 -2.80 -0.33
C VAL F 12 23.11 -3.50 -0.27
N LYS F 13 22.03 -2.72 -0.32
CA LYS F 13 20.68 -3.31 -0.23
C LYS F 13 20.20 -3.81 -1.59
N PRO F 14 19.40 -4.89 -1.68
CA PRO F 14 18.84 -5.27 -2.98
C PRO F 14 18.05 -4.14 -3.62
N SER F 15 18.18 -4.02 -4.97
CA SER F 15 17.55 -3.07 -5.91
C SER F 15 18.22 -1.70 -5.92
N GLU F 16 19.19 -1.47 -5.04
CA GLU F 16 19.94 -0.23 -4.95
C GLU F 16 21.18 -0.27 -5.87
N THR F 17 21.85 0.87 -6.02
CA THR F 17 23.02 1.01 -6.86
C THR F 17 24.28 0.81 -6.04
N LEU F 18 25.19 -0.03 -6.56
CA LEU F 18 26.50 -0.32 -6.00
C LEU F 18 27.53 0.57 -6.68
N SER F 19 28.32 1.31 -5.90
CA SER F 19 29.37 2.17 -6.41
C SER F 19 30.71 1.71 -5.79
N LEU F 20 31.74 1.55 -6.63
CA LEU F 20 33.07 1.21 -6.15
C LEU F 20 34.03 2.15 -6.82
N THR F 21 35.15 2.41 -6.17
CA THR F 21 36.19 3.25 -6.74
C THR F 21 37.46 2.46 -6.73
N CYS F 22 38.31 2.65 -7.73
CA CYS F 22 39.64 2.06 -7.82
C CYS F 22 40.57 3.26 -7.86
N THR F 23 41.40 3.39 -6.83
CA THR F 23 42.40 4.44 -6.71
C THR F 23 43.74 3.86 -7.13
N VAL F 24 44.33 4.52 -8.09
CA VAL F 24 45.54 4.14 -8.79
C VAL F 24 46.72 5.00 -8.32
N THR F 25 47.91 4.39 -8.26
CA THR F 25 49.17 5.04 -7.88
C THR F 25 50.29 4.61 -8.83
N GLY F 26 51.14 5.56 -9.19
CA GLY F 26 52.34 5.31 -9.98
C GLY F 26 52.19 5.27 -11.47
N PHE F 27 50.98 5.36 -11.99
CA PHE F 27 50.78 5.34 -13.43
C PHE F 27 49.62 6.19 -13.83
N SER F 28 49.65 6.66 -15.09
CA SER F 28 48.59 7.52 -15.61
C SER F 28 47.49 6.70 -16.26
N LEU F 29 46.22 7.12 -16.07
CA LEU F 29 45.03 6.54 -16.72
C LEU F 29 44.94 6.99 -18.18
N SER F 30 45.80 7.93 -18.63
CA SER F 30 45.81 8.28 -20.05
C SER F 30 46.73 7.32 -20.81
N SER F 31 47.56 6.53 -20.08
CA SER F 31 48.44 5.57 -20.73
C SER F 31 47.98 4.11 -20.59
N TYR F 32 47.15 3.79 -19.58
CA TYR F 32 46.75 2.41 -19.31
C TYR F 32 45.25 2.25 -19.17
N THR F 33 44.73 1.11 -19.72
CA THR F 33 43.35 0.66 -19.57
C THR F 33 43.26 -0.03 -18.19
N VAL F 34 42.13 0.17 -17.51
CA VAL F 34 41.86 -0.43 -16.21
C VAL F 34 40.56 -1.22 -16.35
N ASN F 35 40.56 -2.44 -15.81
CA ASN F 35 39.48 -3.39 -15.92
C ASN F 35 38.84 -3.66 -14.60
N TRP F 36 37.60 -4.13 -14.64
CA TRP F 36 36.94 -4.63 -13.43
C TRP F 36 36.66 -6.09 -13.61
N VAL F 37 36.90 -6.85 -12.55
CA VAL F 37 36.77 -8.30 -12.52
C VAL F 37 36.13 -8.66 -11.19
N ARG F 38 35.14 -9.56 -11.20
CA ARG F 38 34.54 -9.99 -9.94
C ARG F 38 34.67 -11.47 -9.77
N GLN F 39 34.50 -11.91 -8.53
CA GLN F 39 34.66 -13.29 -8.18
C GLN F 39 33.59 -13.61 -7.15
N PRO F 40 32.44 -14.12 -7.65
CA PRO F 40 31.34 -14.49 -6.75
C PRO F 40 31.75 -15.57 -5.76
N ALA F 41 30.94 -15.75 -4.70
CA ALA F 41 31.18 -16.75 -3.66
C ALA F 41 31.44 -18.12 -4.26
N GLY F 42 32.60 -18.69 -3.94
CA GLY F 42 33.04 -20.01 -4.38
C GLY F 42 33.17 -20.26 -5.86
N LYS F 43 33.14 -19.18 -6.68
CA LYS F 43 33.20 -19.22 -8.13
C LYS F 43 34.50 -18.61 -8.66
N GLY F 44 34.64 -18.62 -9.96
CA GLY F 44 35.82 -18.15 -10.66
C GLY F 44 35.73 -16.68 -11.04
N LEU F 45 36.83 -16.17 -11.63
CA LEU F 45 36.99 -14.79 -12.10
C LEU F 45 36.04 -14.52 -13.27
N GLU F 46 35.45 -13.32 -13.32
CA GLU F 46 34.56 -12.88 -14.41
C GLU F 46 34.93 -11.50 -14.85
N TRP F 47 35.35 -11.34 -16.10
CA TRP F 47 35.66 -9.98 -16.59
C TRP F 47 34.36 -9.20 -16.77
N ILE F 48 34.27 -7.99 -16.18
CA ILE F 48 33.08 -7.18 -16.29
C ILE F 48 33.24 -6.20 -17.49
N GLY F 49 34.35 -5.48 -17.49
CA GLY F 49 34.57 -4.45 -18.50
C GLY F 49 35.81 -3.63 -18.21
N TYR F 50 36.02 -2.62 -19.04
CA TYR F 50 37.15 -1.73 -18.83
C TYR F 50 36.80 -0.33 -19.25
N ILE F 51 37.66 0.61 -18.87
CA ILE F 51 37.72 1.98 -19.37
C ILE F 51 39.13 2.09 -19.95
N SER F 52 39.21 2.24 -21.26
CA SER F 52 40.53 2.25 -21.90
C SER F 52 41.36 3.49 -21.63
N TYR F 53 42.67 3.36 -21.83
CA TYR F 53 43.62 4.49 -21.82
C TYR F 53 43.07 5.66 -22.70
N GLY F 54 42.34 5.34 -23.78
CA GLY F 54 41.77 6.30 -24.71
C GLY F 54 40.43 6.88 -24.31
N GLY F 55 39.78 6.23 -23.35
CA GLY F 55 38.50 6.68 -22.83
C GLY F 55 37.29 5.87 -23.28
N SER F 56 37.51 4.71 -23.90
CA SER F 56 36.38 3.85 -24.29
C SER F 56 36.03 2.80 -23.24
N ALA F 57 34.74 2.67 -22.94
CA ALA F 57 34.26 1.64 -22.00
C ALA F 57 33.61 0.52 -22.78
N TYR F 58 34.03 -0.70 -22.48
CA TYR F 58 33.52 -1.90 -23.10
C TYR F 58 33.19 -2.90 -22.02
N TYR F 59 32.17 -3.73 -22.24
CA TYR F 59 31.64 -4.63 -21.22
C TYR F 59 31.46 -6.05 -21.68
N ALA F 60 31.28 -6.96 -20.72
CA ALA F 60 30.97 -8.35 -20.99
C ALA F 60 29.57 -8.38 -21.62
N SER F 61 29.23 -9.37 -22.47
CA SER F 61 27.87 -9.38 -23.08
C SER F 61 26.80 -9.69 -22.04
N TRP F 62 27.18 -10.30 -20.89
CA TRP F 62 26.25 -10.58 -19.80
C TRP F 62 25.98 -9.31 -18.92
N ALA F 63 26.70 -8.20 -19.13
CA ALA F 63 26.53 -6.96 -18.36
C ALA F 63 25.11 -6.38 -18.46
N ASN F 64 24.47 -6.46 -19.66
CA ASN F 64 23.11 -6.00 -19.97
C ASN F 64 22.80 -4.53 -19.59
N GLY F 65 23.80 -3.66 -19.73
CA GLY F 65 23.67 -2.24 -19.40
C GLY F 65 23.55 -1.91 -17.92
N ARG F 66 23.77 -2.88 -17.03
CA ARG F 66 23.64 -2.59 -15.61
C ARG F 66 24.91 -2.00 -15.03
N PHE F 67 26.04 -2.23 -15.71
CA PHE F 67 27.33 -1.77 -15.25
C PHE F 67 27.77 -0.53 -15.99
N THR F 68 28.35 0.43 -15.27
CA THR F 68 28.92 1.61 -15.91
C THR F 68 30.31 1.80 -15.35
N ILE F 69 31.31 1.81 -16.22
CA ILE F 69 32.72 1.99 -15.85
C ILE F 69 33.17 3.30 -16.41
N SER F 70 33.82 4.14 -15.59
CA SER F 70 34.25 5.49 -15.99
C SER F 70 35.53 5.86 -15.26
N LYS F 71 36.17 6.96 -15.67
CA LYS F 71 37.40 7.40 -15.00
C LYS F 71 37.36 8.91 -14.75
N ASP F 72 38.07 9.35 -13.70
CA ASP F 72 38.28 10.73 -13.31
C ASP F 72 39.79 10.78 -13.14
N SER F 73 40.49 10.95 -14.26
CA SER F 73 41.96 10.93 -14.32
C SER F 73 42.67 11.92 -13.38
N SER F 74 42.06 13.10 -13.11
CA SER F 74 42.63 14.13 -12.24
C SER F 74 42.62 13.69 -10.78
N LYS F 75 41.74 12.72 -10.43
CA LYS F 75 41.65 12.15 -9.09
C LYS F 75 42.31 10.76 -9.02
N ASN F 76 42.83 10.25 -10.17
CA ASN F 76 43.52 8.93 -10.33
C ASN F 76 42.56 7.81 -9.98
N GLN F 77 41.31 7.97 -10.42
CA GLN F 77 40.23 7.09 -10.04
C GLN F 77 39.48 6.52 -11.21
N VAL F 78 39.12 5.25 -11.07
CA VAL F 78 38.31 4.52 -12.02
C VAL F 78 37.12 4.13 -11.18
N SER F 79 35.92 4.18 -11.74
CA SER F 79 34.74 3.83 -11.00
C SER F 79 33.93 2.77 -11.68
N LEU F 80 33.17 2.05 -10.88
CA LEU F 80 32.29 0.99 -11.32
C LEU F 80 30.96 1.28 -10.60
N LYS F 81 29.90 1.35 -11.38
CA LYS F 81 28.57 1.60 -10.83
C LYS F 81 27.73 0.44 -11.33
N LEU F 82 26.95 -0.20 -10.46
CA LEU F 82 26.13 -1.35 -10.82
C LEU F 82 24.73 -1.08 -10.29
N SER F 83 23.75 -1.06 -11.17
CA SER F 83 22.39 -0.73 -10.73
C SER F 83 21.56 -1.98 -10.42
N SER F 84 20.46 -1.78 -9.67
CA SER F 84 19.51 -2.84 -9.31
C SER F 84 20.18 -4.16 -8.87
N VAL F 85 21.08 -4.09 -7.86
CA VAL F 85 21.78 -5.29 -7.36
C VAL F 85 20.85 -6.32 -6.73
N THR F 86 21.20 -7.61 -6.85
CA THR F 86 20.52 -8.72 -6.17
C THR F 86 21.61 -9.47 -5.44
N ALA F 87 21.22 -10.51 -4.66
CA ALA F 87 22.11 -11.41 -3.94
C ALA F 87 23.21 -11.96 -4.85
N ALA F 88 22.89 -12.24 -6.14
CA ALA F 88 23.83 -12.77 -7.13
C ALA F 88 24.99 -11.82 -7.42
N ASP F 89 24.91 -10.54 -6.97
CA ASP F 89 25.96 -9.56 -7.19
C ASP F 89 26.97 -9.52 -6.01
N THR F 90 26.72 -10.33 -4.94
CA THR F 90 27.69 -10.49 -3.82
C THR F 90 28.95 -11.13 -4.42
N ALA F 91 30.10 -10.49 -4.28
CA ALA F 91 31.33 -11.01 -4.86
C ALA F 91 32.50 -10.19 -4.37
N VAL F 92 33.73 -10.67 -4.61
CA VAL F 92 34.90 -9.84 -4.39
C VAL F 92 35.05 -9.11 -5.76
N TYR F 93 35.22 -7.80 -5.77
CA TYR F 93 35.44 -6.97 -6.98
C TYR F 93 36.90 -6.55 -6.97
N PHE F 94 37.57 -6.78 -8.06
CA PHE F 94 38.96 -6.45 -8.30
C PHE F 94 39.05 -5.44 -9.39
N CYS F 95 39.97 -4.51 -9.26
CA CYS F 95 40.32 -3.69 -10.42
C CYS F 95 41.71 -4.16 -10.88
N ALA F 96 41.93 -4.16 -12.19
CA ALA F 96 43.17 -4.71 -12.72
C ALA F 96 43.59 -3.93 -13.93
N ARG F 97 44.86 -3.60 -14.00
CA ARG F 97 45.46 -2.91 -15.13
C ARG F 97 45.84 -3.79 -16.30
N HIS F 98 45.71 -3.28 -17.52
CA HIS F 98 46.32 -3.96 -18.66
C HIS F 98 47.84 -3.86 -18.35
N MET F 99 48.59 -4.87 -18.68
CA MET F 99 50.02 -4.96 -18.37
C MET F 99 50.82 -3.88 -19.08
N GLN F 100 50.48 -3.61 -20.37
CA GLN F 100 51.23 -2.63 -21.17
C GLN F 100 50.43 -1.36 -21.49
N VAL F 101 51.17 -0.27 -21.84
CA VAL F 101 50.60 1.00 -22.29
C VAL F 101 49.81 0.73 -23.57
N GLY F 102 48.67 1.41 -23.76
CA GLY F 102 47.87 1.18 -24.97
C GLY F 102 48.37 1.99 -26.14
N GLY F 103 47.97 1.56 -27.34
CA GLY F 103 48.20 2.26 -28.60
C GLY F 103 49.49 1.97 -29.33
N ALA F 104 50.37 1.19 -28.72
CA ALA F 104 51.66 0.84 -29.32
C ALA F 104 51.50 -0.36 -30.30
N PRO F 105 52.46 -0.66 -31.23
CA PRO F 105 52.26 -1.80 -32.14
C PRO F 105 52.05 -3.17 -31.45
N THR F 106 52.59 -3.34 -30.24
CA THR F 106 52.35 -4.56 -29.43
C THR F 106 51.42 -4.19 -28.25
N GLY F 107 50.37 -4.98 -28.02
CA GLY F 107 49.41 -4.72 -26.95
C GLY F 107 49.74 -5.44 -25.65
N SER F 108 48.76 -5.67 -24.78
CA SER F 108 49.05 -6.35 -23.51
C SER F 108 48.92 -7.87 -23.63
N MET F 109 48.45 -8.37 -24.77
CA MET F 109 48.28 -9.81 -25.07
C MET F 109 47.47 -10.58 -23.98
N ALA F 110 46.30 -9.98 -23.59
CA ALA F 110 45.30 -10.40 -22.57
C ALA F 110 45.87 -10.55 -21.13
N ALA F 111 47.03 -9.92 -20.86
CA ALA F 111 47.67 -9.89 -19.54
C ALA F 111 47.16 -8.70 -18.73
N PHE F 112 46.91 -8.98 -17.45
CA PHE F 112 46.43 -7.98 -16.50
C PHE F 112 47.42 -8.03 -15.38
N ASP F 113 48.01 -6.89 -15.07
CA ASP F 113 49.02 -6.75 -14.01
C ASP F 113 49.39 -5.26 -13.85
N PRO F 114 49.41 -4.68 -12.64
CA PRO F 114 49.02 -5.27 -11.35
C PRO F 114 47.51 -5.39 -11.16
N TRP F 115 47.15 -6.00 -10.06
CA TRP F 115 45.78 -6.20 -9.61
C TRP F 115 45.60 -5.48 -8.30
N GLY F 116 44.39 -5.04 -8.01
CA GLY F 116 44.10 -4.52 -6.69
C GLY F 116 43.89 -5.72 -5.73
N PRO F 117 43.96 -5.55 -4.39
CA PRO F 117 43.71 -6.70 -3.48
C PRO F 117 42.27 -7.24 -3.50
N GLY F 118 41.35 -6.46 -4.07
CA GLY F 118 39.94 -6.81 -4.14
C GLY F 118 39.16 -6.32 -2.93
N THR F 119 37.85 -6.13 -3.11
CA THR F 119 36.96 -5.69 -2.04
C THR F 119 35.69 -6.46 -2.11
N LEU F 120 35.24 -6.96 -0.96
CA LEU F 120 33.99 -7.71 -0.86
C LEU F 120 32.80 -6.77 -0.76
N VAL F 121 31.77 -7.06 -1.55
CA VAL F 121 30.53 -6.33 -1.48
C VAL F 121 29.47 -7.39 -1.31
N THR F 122 28.66 -7.29 -0.23
CA THR F 122 27.58 -8.21 0.06
C THR F 122 26.27 -7.49 -0.20
N VAL F 123 25.40 -8.10 -1.00
CA VAL F 123 24.09 -7.54 -1.27
C VAL F 123 23.15 -8.24 -0.32
N SER F 124 22.52 -7.49 0.61
CA SER F 124 21.67 -8.13 1.63
C SER F 124 20.59 -7.21 2.17
N SER F 125 19.48 -7.80 2.63
CA SER F 125 18.43 -7.04 3.32
C SER F 125 18.31 -7.48 4.80
N ALA F 126 19.29 -8.25 5.30
CA ALA F 126 19.29 -8.76 6.67
C ALA F 126 19.90 -7.71 7.61
N SER F 127 19.55 -7.78 8.92
CA SER F 127 20.04 -6.86 9.95
C SER F 127 21.04 -7.62 10.82
N THR F 128 21.91 -6.91 11.57
CA THR F 128 22.86 -7.57 12.47
C THR F 128 22.09 -8.51 13.43
N LYS F 129 22.57 -9.75 13.56
CA LYS F 129 21.90 -10.73 14.41
C LYS F 129 22.91 -11.75 14.89
N GLY F 130 22.88 -12.02 16.19
CA GLY F 130 23.77 -12.99 16.80
C GLY F 130 23.24 -14.39 16.60
N PRO F 131 24.11 -15.41 16.59
CA PRO F 131 23.62 -16.78 16.37
C PRO F 131 23.07 -17.47 17.62
N SER F 132 22.29 -18.56 17.40
CA SER F 132 21.86 -19.51 18.43
C SER F 132 22.82 -20.67 18.28
N VAL F 133 23.34 -21.21 19.39
CA VAL F 133 24.31 -22.30 19.36
C VAL F 133 23.66 -23.55 19.90
N PHE F 134 23.64 -24.60 19.09
CA PHE F 134 23.01 -25.87 19.44
C PHE F 134 24.05 -26.96 19.43
N PRO F 135 24.00 -27.90 20.40
CA PRO F 135 24.96 -29.00 20.40
C PRO F 135 24.61 -30.08 19.37
N LEU F 136 25.64 -30.75 18.87
CA LEU F 136 25.58 -31.93 18.01
C LEU F 136 26.14 -33.03 18.92
N ALA F 137 25.23 -33.60 19.75
CA ALA F 137 25.60 -34.56 20.82
C ALA F 137 26.25 -35.85 20.31
N PRO F 138 27.36 -36.33 20.93
CA PRO F 138 27.93 -37.63 20.51
C PRO F 138 27.07 -38.81 21.00
N SER F 139 27.19 -39.98 20.35
CA SER F 139 26.46 -41.21 20.69
C SER F 139 27.44 -42.38 20.90
N SER F 140 26.97 -43.47 21.53
CA SER F 140 27.81 -44.66 21.74
C SER F 140 27.32 -45.84 20.88
N ALA F 148 34.16 -41.18 18.52
CA ALA F 148 32.89 -40.43 18.61
C ALA F 148 33.00 -39.02 17.98
N ALA F 149 31.97 -38.59 17.28
CA ALA F 149 32.03 -37.22 16.73
C ALA F 149 31.02 -36.38 17.46
N LEU F 150 31.32 -35.11 17.69
CA LEU F 150 30.41 -34.18 18.35
C LEU F 150 30.66 -32.81 17.75
N GLY F 151 29.84 -31.83 18.12
CA GLY F 151 30.00 -30.50 17.53
C GLY F 151 29.00 -29.48 18.00
N CYS F 152 29.00 -28.33 17.32
CA CYS F 152 28.08 -27.23 17.56
C CYS F 152 27.59 -26.71 16.24
N LEU F 153 26.32 -26.43 16.19
CA LEU F 153 25.64 -25.82 15.05
C LEU F 153 25.42 -24.37 15.46
N VAL F 154 26.01 -23.44 14.71
CA VAL F 154 25.98 -21.99 14.92
C VAL F 154 25.07 -21.47 13.84
N LYS F 155 23.86 -21.18 14.24
CA LYS F 155 22.79 -20.87 13.31
C LYS F 155 22.27 -19.46 13.34
N ASP F 156 21.87 -18.93 12.15
CA ASP F 156 21.14 -17.68 11.93
C ASP F 156 21.81 -16.42 12.40
N TYR F 157 22.94 -16.10 11.81
CA TYR F 157 23.67 -14.89 12.19
C TYR F 157 23.94 -14.01 10.99
N PHE F 158 24.15 -12.73 11.24
CA PHE F 158 24.50 -11.76 10.21
C PHE F 158 25.26 -10.61 10.86
N PRO F 159 26.35 -10.07 10.25
CA PRO F 159 27.01 -10.54 9.02
C PRO F 159 28.03 -11.64 9.35
N GLU F 160 28.81 -12.08 8.36
CA GLU F 160 29.91 -12.99 8.66
C GLU F 160 31.03 -12.14 9.34
N PRO F 161 31.96 -12.69 10.13
CA PRO F 161 32.17 -14.11 10.45
C PRO F 161 31.85 -14.45 11.91
N VAL F 162 31.85 -15.73 12.22
CA VAL F 162 31.79 -16.25 13.58
C VAL F 162 33.12 -16.97 13.73
N THR F 163 33.67 -17.00 14.95
CA THR F 163 34.89 -17.77 15.22
C THR F 163 34.50 -18.88 16.17
N VAL F 164 35.10 -20.05 16.03
CA VAL F 164 34.80 -21.21 16.89
C VAL F 164 36.08 -21.85 17.40
N SER F 165 36.19 -22.03 18.71
CA SER F 165 37.31 -22.78 19.26
C SER F 165 36.73 -23.90 20.13
N TRP F 166 37.53 -24.92 20.45
CA TRP F 166 37.13 -26.04 21.32
C TRP F 166 38.00 -26.03 22.59
N ASN F 167 37.38 -26.06 23.77
CA ASN F 167 38.01 -26.02 25.10
C ASN F 167 39.06 -24.91 25.21
N SER F 168 38.66 -23.69 24.81
CA SER F 168 39.42 -22.44 24.82
C SER F 168 40.72 -22.52 23.98
N GLY F 169 40.69 -23.38 22.95
CA GLY F 169 41.78 -23.58 22.01
C GLY F 169 42.72 -24.73 22.33
N ALA F 170 42.50 -25.42 23.48
CA ALA F 170 43.30 -26.56 23.90
C ALA F 170 43.01 -27.80 23.05
N LEU F 171 41.78 -27.88 22.52
CA LEU F 171 41.41 -29.02 21.67
C LEU F 171 41.50 -28.56 20.23
N THR F 172 42.41 -29.16 19.46
CA THR F 172 42.68 -28.76 18.08
C THR F 172 42.69 -29.95 17.12
N SER F 173 43.13 -31.13 17.59
CA SER F 173 43.18 -32.33 16.76
C SER F 173 41.80 -32.88 16.46
N GLY F 174 41.55 -33.13 15.18
CA GLY F 174 40.28 -33.65 14.69
C GLY F 174 39.17 -32.62 14.58
N VAL F 175 39.48 -31.33 14.80
CA VAL F 175 38.51 -30.20 14.72
C VAL F 175 38.32 -29.78 13.25
N HIS F 176 37.06 -29.73 12.78
CA HIS F 176 36.73 -29.27 11.42
C HIS F 176 35.67 -28.21 11.55
N THR F 177 35.98 -26.93 11.23
CA THR F 177 34.98 -25.86 11.29
C THR F 177 34.63 -25.59 9.84
N PHE F 178 33.36 -25.85 9.48
CA PHE F 178 32.92 -25.68 8.10
C PHE F 178 32.76 -24.22 7.62
N PRO F 179 32.97 -23.94 6.32
CA PRO F 179 32.66 -22.59 5.85
C PRO F 179 31.18 -22.33 6.10
N ALA F 180 30.81 -21.06 6.18
CA ALA F 180 29.43 -20.70 6.38
C ALA F 180 28.63 -20.91 5.11
N VAL F 181 27.34 -21.21 5.29
CA VAL F 181 26.41 -21.29 4.17
C VAL F 181 25.41 -20.16 4.31
N LEU F 182 25.04 -19.52 3.20
CA LEU F 182 24.00 -18.49 3.26
C LEU F 182 22.66 -19.22 3.10
N GLN F 183 21.72 -19.06 4.06
CA GLN F 183 20.40 -19.67 4.06
C GLN F 183 19.40 -18.78 3.34
N SER F 184 18.23 -19.32 2.93
CA SER F 184 17.14 -18.62 2.22
C SER F 184 16.61 -17.37 2.94
N SER F 185 16.76 -17.31 4.30
CA SER F 185 16.40 -16.19 5.18
C SER F 185 17.40 -14.99 5.07
N GLY F 186 18.56 -15.22 4.44
CA GLY F 186 19.59 -14.19 4.31
C GLY F 186 20.58 -14.23 5.47
N LEU F 187 20.41 -15.20 6.37
CA LEU F 187 21.27 -15.41 7.53
C LEU F 187 22.21 -16.57 7.31
N TYR F 188 23.39 -16.54 7.94
CA TYR F 188 24.42 -17.57 7.77
C TYR F 188 24.28 -18.65 8.77
N SER F 189 24.80 -19.83 8.45
CA SER F 189 24.81 -20.95 9.39
C SER F 189 26.10 -21.70 9.15
N LEU F 190 26.62 -22.36 10.19
CA LEU F 190 27.79 -23.24 10.06
C LEU F 190 27.83 -24.19 11.22
N SER F 191 28.59 -25.28 11.05
CA SER F 191 28.83 -26.26 12.08
C SER F 191 30.33 -26.36 12.31
N SER F 192 30.69 -26.76 13.51
CA SER F 192 32.08 -27.06 13.85
C SER F 192 31.94 -28.42 14.53
N VAL F 193 32.74 -29.37 14.11
CA VAL F 193 32.74 -30.75 14.63
C VAL F 193 34.14 -31.12 15.10
N VAL F 194 34.23 -32.13 15.98
CA VAL F 194 35.48 -32.69 16.50
C VAL F 194 35.28 -34.19 16.79
N THR F 195 36.25 -34.99 16.41
CA THR F 195 36.23 -36.42 16.67
C THR F 195 37.07 -36.63 17.89
N VAL F 196 36.52 -37.38 18.86
CA VAL F 196 37.17 -37.68 20.15
C VAL F 196 37.10 -39.20 20.48
N PRO F 197 37.89 -39.70 21.48
CA PRO F 197 37.79 -41.12 21.84
C PRO F 197 36.41 -41.39 22.44
N SER F 198 35.84 -42.56 22.13
CA SER F 198 34.53 -42.94 22.67
C SER F 198 34.59 -43.04 24.22
N SER F 199 35.74 -43.50 24.76
CA SER F 199 35.99 -43.65 26.20
C SER F 199 35.99 -42.34 26.99
N SER F 200 36.49 -41.25 26.39
CA SER F 200 36.59 -39.92 27.00
C SER F 200 35.24 -39.25 27.34
N LEU F 201 34.12 -39.73 26.75
CA LEU F 201 32.79 -39.17 27.00
C LEU F 201 32.37 -39.59 28.39
N GLY F 202 31.96 -38.64 29.21
CA GLY F 202 31.57 -38.92 30.58
C GLY F 202 32.64 -38.52 31.58
N THR F 203 33.89 -38.42 31.12
CA THR F 203 35.03 -38.03 31.95
C THR F 203 35.74 -36.75 31.43
N GLN F 204 35.55 -36.41 30.14
CA GLN F 204 36.19 -35.24 29.53
C GLN F 204 35.15 -34.22 29.11
N THR F 205 35.32 -32.96 29.50
CA THR F 205 34.37 -31.89 29.16
C THR F 205 34.65 -31.31 27.77
N TYR F 206 33.61 -31.14 26.93
CA TYR F 206 33.78 -30.53 25.58
C TYR F 206 32.92 -29.33 25.47
N ILE F 207 33.59 -28.18 25.31
CA ILE F 207 32.95 -26.88 25.20
C ILE F 207 33.33 -26.24 23.85
N CYS F 208 32.33 -25.73 23.11
CA CYS F 208 32.61 -24.98 21.87
C CYS F 208 32.44 -23.52 22.21
N ASN F 209 33.49 -22.73 21.94
CA ASN F 209 33.52 -21.31 22.28
C ASN F 209 33.24 -20.55 20.98
N VAL F 210 32.06 -19.95 20.90
CA VAL F 210 31.58 -19.27 19.70
C VAL F 210 31.59 -17.77 19.94
N ASN F 211 32.17 -17.03 19.02
CA ASN F 211 32.19 -15.57 19.15
C ASN F 211 31.67 -14.87 17.86
N HIS F 212 30.73 -13.91 17.99
CA HIS F 212 30.25 -13.14 16.85
C HIS F 212 30.39 -11.67 17.29
N LYS F 213 31.52 -11.04 16.98
CA LYS F 213 31.85 -9.67 17.39
C LYS F 213 30.79 -8.62 16.99
N PRO F 214 30.16 -8.61 15.76
CA PRO F 214 29.15 -7.56 15.47
C PRO F 214 27.94 -7.50 16.41
N SER F 215 27.52 -8.64 16.96
CA SER F 215 26.39 -8.68 17.88
C SER F 215 26.85 -8.83 19.34
N ASN F 216 28.17 -8.93 19.58
CA ASN F 216 28.78 -9.17 20.89
C ASN F 216 28.31 -10.48 21.49
N THR F 217 27.99 -11.48 20.64
CA THR F 217 27.55 -12.81 21.10
C THR F 217 28.78 -13.64 21.46
N LYS F 218 28.84 -14.11 22.70
CA LYS F 218 29.91 -14.99 23.19
C LYS F 218 29.22 -16.15 23.88
N VAL F 219 29.31 -17.34 23.30
CA VAL F 219 28.67 -18.55 23.84
C VAL F 219 29.71 -19.62 24.11
N ASP F 220 29.62 -20.30 25.27
CA ASP F 220 30.51 -21.42 25.63
C ASP F 220 29.57 -22.61 25.84
N LYS F 221 29.33 -23.39 24.80
CA LYS F 221 28.35 -24.47 24.89
C LYS F 221 28.98 -25.81 25.22
N LYS F 222 28.55 -26.40 26.35
CA LYS F 222 29.02 -27.71 26.82
C LYS F 222 28.29 -28.78 26.01
N VAL F 223 29.02 -29.64 25.32
CA VAL F 223 28.39 -30.67 24.48
C VAL F 223 28.59 -32.01 25.13
N GLU F 224 27.49 -32.66 25.53
CA GLU F 224 27.56 -33.94 26.21
C GLU F 224 26.63 -34.95 25.58
N PRO F 225 26.89 -36.28 25.74
CA PRO F 225 25.94 -37.28 25.20
C PRO F 225 24.55 -37.06 25.80
N LYS F 226 23.48 -37.57 25.14
CA LYS F 226 22.12 -37.39 25.68
C LYS F 226 21.99 -38.21 26.97
N SER F 227 21.10 -37.78 27.91
CA SER F 227 20.89 -38.49 29.17
C SER F 227 20.54 -39.97 29.00
N CYS F 228 19.81 -40.32 27.92
CA CYS F 228 19.44 -41.72 27.64
C CYS F 228 20.68 -42.61 27.41
N ASP F 229 21.79 -42.01 26.92
CA ASP F 229 23.08 -42.68 26.71
C ASP F 229 23.78 -42.79 28.07
N GLU G 1 -51.54 6.53 7.77
CA GLU G 1 -52.92 6.45 8.21
C GLU G 1 -53.36 7.77 8.86
N ALA G 2 -53.01 7.96 10.15
CA ALA G 2 -53.34 9.16 10.91
C ALA G 2 -52.46 10.31 10.47
N VAL G 3 -53.06 11.49 10.29
CA VAL G 3 -52.31 12.67 9.88
C VAL G 3 -52.54 13.80 10.84
N LEU G 4 -51.43 14.40 11.30
CA LEU G 4 -51.48 15.56 12.19
C LEU G 4 -51.18 16.81 11.39
N THR G 5 -52.16 17.72 11.35
CA THR G 5 -52.07 18.97 10.60
C THR G 5 -51.82 20.12 11.56
N GLN G 6 -50.63 20.71 11.46
CA GLN G 6 -50.28 21.83 12.30
C GLN G 6 -50.55 23.11 11.54
N SER G 7 -51.18 24.05 12.21
CA SER G 7 -51.46 25.34 11.63
C SER G 7 -51.20 26.46 12.63
N PRO G 8 -50.73 27.62 12.14
CA PRO G 8 -50.33 27.88 10.74
C PRO G 8 -48.92 27.31 10.50
N GLY G 9 -48.51 27.21 9.22
CA GLY G 9 -47.17 26.76 8.84
C GLY G 9 -46.07 27.60 9.46
N THR G 10 -46.29 28.92 9.46
CA THR G 10 -45.41 29.94 10.02
C THR G 10 -46.23 30.93 10.86
N LEU G 11 -45.73 31.24 12.05
CA LEU G 11 -46.27 32.18 13.01
C LEU G 11 -45.19 33.27 13.24
N SER G 12 -45.45 34.53 12.78
CA SER G 12 -44.51 35.64 12.91
C SER G 12 -44.96 36.51 14.07
N LEU G 13 -44.15 36.54 15.14
CA LEU G 13 -44.48 37.25 16.37
C LEU G 13 -43.26 37.95 16.89
N SER G 14 -43.46 38.98 17.75
CA SER G 14 -42.38 39.71 18.39
C SER G 14 -42.18 39.11 19.78
N PRO G 15 -40.97 39.21 20.37
CA PRO G 15 -40.81 38.74 21.76
C PRO G 15 -41.77 39.52 22.69
N GLY G 16 -42.44 38.81 23.61
CA GLY G 16 -43.41 39.38 24.55
C GLY G 16 -44.85 39.05 24.20
N GLU G 17 -45.14 38.75 22.92
CA GLU G 17 -46.48 38.43 22.45
C GLU G 17 -46.90 37.00 22.83
N ARG G 18 -48.20 36.72 22.79
CA ARG G 18 -48.74 35.38 23.05
C ARG G 18 -48.71 34.55 21.75
N ALA G 19 -48.26 33.27 21.82
CA ALA G 19 -48.25 32.37 20.66
C ALA G 19 -49.20 31.22 20.87
N THR G 20 -50.01 30.92 19.86
CA THR G 20 -50.93 29.78 19.88
C THR G 20 -50.73 29.02 18.61
N LEU G 21 -50.44 27.76 18.78
CA LEU G 21 -50.13 26.80 17.73
C LEU G 21 -51.17 25.70 17.82
N SER G 22 -51.73 25.35 16.69
CA SER G 22 -52.77 24.33 16.61
C SER G 22 -52.22 23.05 16.02
N CYS G 23 -52.76 21.92 16.46
CA CYS G 23 -52.47 20.57 15.94
C CYS G 23 -53.82 19.86 15.88
N GLN G 24 -54.19 19.37 14.69
CA GLN G 24 -55.45 18.63 14.50
C GLN G 24 -55.15 17.28 13.87
N SER G 25 -55.59 16.21 14.54
CA SER G 25 -55.40 14.83 14.10
C SER G 25 -56.60 14.35 13.27
N SER G 26 -56.36 13.55 12.21
CA SER G 26 -57.43 13.02 11.35
C SER G 26 -58.33 12.01 12.11
N GLN G 27 -57.73 11.20 12.99
CA GLN G 27 -58.43 10.26 13.88
C GLN G 27 -58.05 10.59 15.32
N SER G 28 -58.95 10.31 16.28
CA SER G 28 -58.69 10.57 17.71
C SER G 28 -57.45 9.80 18.16
N VAL G 29 -56.59 10.48 18.94
CA VAL G 29 -55.34 9.85 19.43
C VAL G 29 -55.74 8.80 20.43
N TYR G 30 -54.85 7.85 20.73
CA TYR G 30 -55.16 6.83 21.70
C TYR G 30 -55.45 7.44 23.04
N ASN G 31 -56.53 6.98 23.71
CA ASN G 31 -56.95 7.44 25.04
C ASN G 31 -57.29 8.95 25.08
N ASN G 32 -57.48 9.60 23.90
CA ASN G 32 -57.77 11.02 23.72
C ASN G 32 -56.70 11.99 24.27
N ASN G 33 -55.62 11.47 24.87
CA ASN G 33 -54.55 12.33 25.41
C ASN G 33 -53.13 11.93 24.92
N TYR G 34 -53.00 10.97 24.00
CA TYR G 34 -51.66 10.61 23.49
C TYR G 34 -51.17 11.63 22.46
N LEU G 35 -50.73 12.79 22.95
CA LEU G 35 -50.28 13.93 22.17
C LEU G 35 -49.22 14.69 22.94
N SER G 36 -48.07 14.85 22.31
CA SER G 36 -46.92 15.55 22.86
C SER G 36 -46.41 16.66 21.92
N TRP G 37 -45.77 17.69 22.49
CA TRP G 37 -45.16 18.84 21.81
C TRP G 37 -43.66 18.86 21.99
N PHE G 38 -42.97 19.22 20.92
CA PHE G 38 -41.52 19.26 20.87
C PHE G 38 -41.07 20.54 20.22
N GLN G 39 -39.92 21.03 20.65
CA GLN G 39 -39.30 22.21 20.05
C GLN G 39 -38.03 21.73 19.35
N GLN G 40 -37.71 22.31 18.19
CA GLN G 40 -36.46 21.97 17.51
C GLN G 40 -35.70 23.20 17.01
N LYS G 41 -34.43 23.28 17.42
CA LYS G 41 -33.48 24.31 17.02
C LYS G 41 -32.54 23.71 15.93
N PRO G 42 -31.93 24.53 15.04
CA PRO G 42 -31.04 23.98 13.98
C PRO G 42 -29.85 23.19 14.53
N GLY G 43 -29.57 22.06 13.89
CA GLY G 43 -28.48 21.16 14.25
C GLY G 43 -28.66 20.37 15.53
N GLN G 44 -29.86 20.45 16.14
CA GLN G 44 -30.16 19.78 17.38
C GLN G 44 -31.28 18.77 17.27
N PRO G 45 -31.33 17.75 18.17
CA PRO G 45 -32.50 16.86 18.19
C PRO G 45 -33.72 17.59 18.77
N PRO G 46 -34.96 17.13 18.53
CA PRO G 46 -36.14 17.79 19.17
C PRO G 46 -36.07 17.69 20.69
N ARG G 47 -36.66 18.68 21.37
CA ARG G 47 -36.74 18.77 22.83
C ARG G 47 -38.18 18.60 23.24
N LEU G 48 -38.43 17.66 24.15
CA LEU G 48 -39.75 17.38 24.68
C LEU G 48 -40.23 18.56 25.55
N LEU G 49 -41.45 19.07 25.29
CA LEU G 49 -42.02 20.18 26.06
C LEU G 49 -43.19 19.74 26.90
N ILE G 50 -44.21 19.15 26.26
CA ILE G 50 -45.45 18.77 26.89
C ILE G 50 -45.84 17.36 26.44
N TYR G 51 -46.36 16.58 27.37
CA TYR G 51 -46.85 15.25 27.10
C TYR G 51 -48.26 15.10 27.63
N GLY G 52 -48.99 14.13 27.10
CA GLY G 52 -50.37 13.87 27.50
C GLY G 52 -51.28 15.08 27.37
N ALA G 53 -51.05 15.86 26.27
CA ALA G 53 -51.72 17.10 25.85
C ALA G 53 -51.48 18.30 26.75
N SER G 54 -51.31 18.11 28.06
CA SER G 54 -51.22 19.25 28.96
C SER G 54 -50.19 19.17 30.05
N THR G 55 -49.42 18.06 30.15
CA THR G 55 -48.43 17.99 31.23
C THR G 55 -47.06 18.53 30.81
N LEU G 56 -46.59 19.58 31.46
CA LEU G 56 -45.27 20.18 31.24
C LEU G 56 -44.18 19.21 31.71
N THR G 57 -43.15 19.00 30.87
CA THR G 57 -41.98 18.19 31.21
C THR G 57 -41.13 19.02 32.20
N SER G 58 -40.41 18.36 33.13
CA SER G 58 -39.54 19.04 34.11
C SER G 58 -38.48 19.89 33.44
N GLY G 59 -38.29 21.07 33.98
CA GLY G 59 -37.31 22.04 33.50
C GLY G 59 -37.81 22.92 32.38
N VAL G 60 -39.04 22.66 31.89
CA VAL G 60 -39.63 23.47 30.81
C VAL G 60 -40.32 24.67 31.49
N PRO G 61 -40.01 25.93 31.08
CA PRO G 61 -40.63 27.11 31.74
C PRO G 61 -42.16 27.10 31.70
N ASP G 62 -42.78 27.70 32.71
CA ASP G 62 -44.25 27.72 32.88
C ASP G 62 -45.00 28.51 31.81
N ARG G 63 -44.31 29.32 31.00
CA ARG G 63 -44.94 30.04 29.89
C ARG G 63 -45.53 29.10 28.83
N PHE G 64 -45.10 27.80 28.80
CA PHE G 64 -45.58 26.78 27.86
C PHE G 64 -46.71 26.04 28.51
N SER G 65 -47.78 25.81 27.77
CA SER G 65 -48.91 25.06 28.28
C SER G 65 -49.58 24.42 27.10
N GLY G 66 -50.29 23.35 27.34
CA GLY G 66 -50.96 22.63 26.27
C GLY G 66 -52.38 22.34 26.68
N SER G 67 -53.28 22.22 25.68
CA SER G 67 -54.68 21.90 25.92
C SER G 67 -55.26 21.11 24.77
N GLY G 68 -56.43 20.56 24.98
CA GLY G 68 -57.13 19.77 23.97
C GLY G 68 -57.26 18.30 24.35
N SER G 69 -58.09 17.59 23.58
CA SER G 69 -58.36 16.16 23.70
C SER G 69 -58.92 15.69 22.36
N GLY G 70 -58.85 14.39 22.15
CA GLY G 70 -59.39 13.74 20.96
C GLY G 70 -58.62 14.04 19.70
N THR G 71 -59.07 15.06 18.96
CA THR G 71 -58.43 15.44 17.69
C THR G 71 -57.89 16.87 17.68
N ASP G 72 -58.37 17.78 18.55
CA ASP G 72 -57.95 19.16 18.50
C ASP G 72 -57.07 19.57 19.67
N PHE G 73 -55.86 20.03 19.36
CA PHE G 73 -54.87 20.40 20.35
C PHE G 73 -54.24 21.75 20.11
N THR G 74 -53.82 22.38 21.19
CA THR G 74 -53.16 23.69 21.12
C THR G 74 -51.98 23.70 22.06
N LEU G 75 -50.91 24.38 21.64
CA LEU G 75 -49.75 24.68 22.47
C LEU G 75 -49.78 26.21 22.58
N THR G 76 -49.63 26.73 23.78
CA THR G 76 -49.64 28.17 24.01
C THR G 76 -48.34 28.57 24.65
N ILE G 77 -47.78 29.68 24.19
CA ILE G 77 -46.60 30.28 24.83
C ILE G 77 -47.15 31.66 25.28
N SER G 78 -47.37 31.82 26.60
CA SER G 78 -47.98 33.00 27.23
C SER G 78 -47.34 34.34 26.80
N ARG G 79 -45.99 34.44 26.86
CA ARG G 79 -45.19 35.60 26.48
C ARG G 79 -43.90 35.02 25.89
N LEU G 80 -43.69 35.20 24.60
CA LEU G 80 -42.53 34.66 23.86
C LEU G 80 -41.23 35.27 24.31
N GLU G 81 -40.24 34.41 24.55
CA GLU G 81 -38.88 34.84 24.86
C GLU G 81 -38.08 34.65 23.61
N PRO G 82 -36.94 35.37 23.42
CA PRO G 82 -36.15 35.19 22.18
C PRO G 82 -35.74 33.76 21.88
N GLU G 83 -35.49 32.95 22.93
CA GLU G 83 -35.11 31.56 22.78
C GLU G 83 -36.28 30.66 22.32
N ASP G 84 -37.48 31.19 22.27
CA ASP G 84 -38.66 30.41 21.88
C ASP G 84 -38.88 30.36 20.36
N PHE G 85 -38.14 31.19 19.57
CA PHE G 85 -38.22 31.18 18.09
C PHE G 85 -37.49 29.94 17.58
N ALA G 86 -38.28 28.97 17.15
CA ALA G 86 -37.82 27.65 16.76
C ALA G 86 -38.97 26.97 16.01
N VAL G 87 -38.79 25.69 15.62
CA VAL G 87 -39.84 24.90 14.94
C VAL G 87 -40.45 24.01 16.03
N TYR G 88 -41.79 23.90 16.04
CA TYR G 88 -42.53 23.12 17.01
C TYR G 88 -43.30 22.02 16.31
N TYR G 89 -43.22 20.81 16.86
CA TYR G 89 -43.89 19.64 16.31
C TYR G 89 -44.80 19.01 17.36
N CYS G 90 -45.94 18.48 16.90
CA CYS G 90 -46.84 17.69 17.72
C CYS G 90 -46.64 16.21 17.27
N ALA G 91 -46.82 15.26 18.20
CA ALA G 91 -46.70 13.82 17.92
C ALA G 91 -47.89 13.14 18.54
N GLY G 92 -48.53 12.28 17.78
CA GLY G 92 -49.71 11.56 18.24
C GLY G 92 -49.44 10.08 18.37
N GLY G 93 -50.11 9.45 19.32
CA GLY G 93 -50.03 8.00 19.52
C GLY G 93 -51.34 7.39 19.09
N TYR G 94 -51.28 6.25 18.35
CA TYR G 94 -52.47 5.62 17.78
C TYR G 94 -52.52 4.08 17.91
N SER G 95 -53.76 3.54 17.86
CA SER G 95 -54.02 2.10 17.76
C SER G 95 -53.70 1.69 16.31
N GLY G 96 -53.32 0.44 16.10
CA GLY G 96 -53.04 -0.10 14.78
C GLY G 96 -51.93 -1.13 14.70
N SER G 97 -51.83 -1.80 13.56
CA SER G 97 -50.79 -2.80 13.30
C SER G 97 -49.54 -2.14 12.65
N SER G 98 -49.63 -0.82 12.42
CA SER G 98 -48.64 0.05 11.82
C SER G 98 -49.01 1.46 12.29
N ASP G 99 -48.10 2.44 12.08
CA ASP G 99 -48.36 3.84 12.41
C ASP G 99 -48.82 4.04 13.85
N LYS G 100 -48.01 3.50 14.77
CA LYS G 100 -48.23 3.61 16.20
C LYS G 100 -48.08 5.07 16.61
N TYR G 101 -47.15 5.80 15.97
CA TYR G 101 -46.92 7.23 16.22
C TYR G 101 -46.78 7.99 14.95
N ALA G 102 -47.12 9.28 14.97
CA ALA G 102 -46.92 10.16 13.81
C ALA G 102 -46.58 11.55 14.30
N PHE G 103 -45.76 12.31 13.57
CA PHE G 103 -45.48 13.72 13.90
C PHE G 103 -46.28 14.58 12.93
N GLY G 104 -46.69 15.77 13.37
CA GLY G 104 -47.29 16.78 12.50
C GLY G 104 -46.17 17.37 11.64
N GLY G 105 -46.52 18.21 10.66
CA GLY G 105 -45.55 18.82 9.74
C GLY G 105 -44.68 19.92 10.31
N GLY G 106 -45.05 20.41 11.48
CA GLY G 106 -44.30 21.46 12.16
C GLY G 106 -44.79 22.86 11.85
N THR G 107 -44.56 23.74 12.82
CA THR G 107 -44.92 25.16 12.79
C THR G 107 -43.67 25.90 13.19
N LYS G 108 -43.27 26.83 12.34
CA LYS G 108 -42.11 27.70 12.57
C LYS G 108 -42.63 28.94 13.27
N VAL G 109 -41.98 29.30 14.36
CA VAL G 109 -42.26 30.49 15.14
C VAL G 109 -41.10 31.40 14.81
N GLU G 110 -41.41 32.36 13.96
CA GLU G 110 -40.52 33.32 13.33
C GLU G 110 -40.58 34.72 14.00
N ILE G 111 -39.46 35.45 13.97
CA ILE G 111 -39.38 36.79 14.56
C ILE G 111 -40.00 37.81 13.61
N LYS G 112 -41.00 38.56 14.10
CA LYS G 112 -41.69 39.62 13.36
C LYS G 112 -40.80 40.89 13.28
N ARG G 113 -40.85 41.53 12.12
CA ARG G 113 -40.17 42.80 11.83
C ARG G 113 -40.91 43.51 10.67
N THR G 114 -40.53 44.77 10.36
CA THR G 114 -41.13 45.58 9.29
C THR G 114 -40.77 45.06 7.91
N VAL G 115 -41.64 45.34 6.91
CA VAL G 115 -41.41 44.99 5.51
C VAL G 115 -40.10 45.70 5.06
N ALA G 116 -39.15 44.94 4.47
CA ALA G 116 -37.87 45.51 4.00
C ALA G 116 -37.62 44.98 2.62
N ALA G 117 -37.46 45.89 1.65
CA ALA G 117 -37.17 45.49 0.27
C ALA G 117 -35.69 45.06 0.25
N PRO G 118 -35.32 44.05 -0.56
CA PRO G 118 -33.91 43.64 -0.57
C PRO G 118 -33.02 44.58 -1.37
N SER G 119 -31.72 44.65 -1.01
CA SER G 119 -30.73 45.35 -1.82
C SER G 119 -30.29 44.25 -2.83
N VAL G 120 -30.49 44.47 -4.13
CA VAL G 120 -30.23 43.47 -5.17
C VAL G 120 -28.81 43.64 -5.79
N PHE G 121 -28.17 42.52 -6.15
CA PHE G 121 -26.84 42.50 -6.79
C PHE G 121 -26.79 41.34 -7.76
N ILE G 122 -26.21 41.58 -8.95
CA ILE G 122 -26.02 40.53 -9.97
C ILE G 122 -24.51 40.30 -10.12
N PHE G 123 -24.12 39.05 -10.30
CA PHE G 123 -22.73 38.65 -10.47
C PHE G 123 -22.60 37.81 -11.73
N PRO G 124 -21.82 38.31 -12.72
CA PRO G 124 -21.60 37.51 -13.93
C PRO G 124 -20.70 36.31 -13.65
N PRO G 125 -20.71 35.26 -14.51
CA PRO G 125 -19.76 34.14 -14.30
C PRO G 125 -18.33 34.67 -14.33
N SER G 126 -17.53 34.13 -13.40
CA SER G 126 -16.12 34.42 -13.18
C SER G 126 -15.31 34.03 -14.42
N ASP G 127 -14.12 34.62 -14.57
CA ASP G 127 -13.20 34.31 -15.67
C ASP G 127 -12.78 32.84 -15.51
N GLU G 128 -12.38 32.49 -14.26
CA GLU G 128 -11.95 31.16 -13.81
C GLU G 128 -12.96 30.05 -14.10
N GLN G 129 -14.28 30.32 -13.91
CA GLN G 129 -15.35 29.35 -14.13
C GLN G 129 -15.62 29.06 -15.60
N LEU G 130 -15.56 30.11 -16.44
CA LEU G 130 -15.79 29.96 -17.86
C LEU G 130 -14.77 29.02 -18.49
N LYS G 131 -13.53 28.96 -17.92
CA LYS G 131 -12.43 28.09 -18.35
C LYS G 131 -12.80 26.59 -18.34
N SER G 132 -13.75 26.17 -17.47
CA SER G 132 -14.15 24.77 -17.36
C SER G 132 -15.11 24.36 -18.49
N GLY G 133 -16.41 24.62 -18.33
CA GLY G 133 -17.44 24.28 -19.30
C GLY G 133 -18.83 24.67 -18.84
N THR G 134 -18.90 25.36 -17.67
CA THR G 134 -20.17 25.81 -17.06
C THR G 134 -20.12 27.30 -16.69
N ALA G 135 -21.30 27.89 -16.60
CA ALA G 135 -21.48 29.30 -16.26
C ALA G 135 -22.61 29.42 -15.28
N SER G 136 -22.32 30.05 -14.13
CA SER G 136 -23.27 30.34 -13.09
C SER G 136 -23.40 31.86 -12.96
N VAL G 137 -24.64 32.35 -13.05
CA VAL G 137 -25.02 33.77 -12.91
C VAL G 137 -25.68 33.88 -11.53
N VAL G 138 -25.17 34.76 -10.63
CA VAL G 138 -25.69 34.83 -9.26
C VAL G 138 -26.44 36.15 -9.00
N CYS G 139 -27.66 36.04 -8.44
CA CYS G 139 -28.47 37.17 -8.03
C CYS G 139 -28.67 37.10 -6.54
N LEU G 140 -28.15 38.10 -5.85
CA LEU G 140 -28.19 38.23 -4.40
C LEU G 140 -29.24 39.24 -3.97
N LEU G 141 -30.17 38.81 -3.10
CA LEU G 141 -31.24 39.62 -2.49
C LEU G 141 -30.82 39.70 -1.02
N ASN G 142 -30.23 40.83 -0.62
CA ASN G 142 -29.65 40.96 0.72
C ASN G 142 -30.48 41.72 1.78
N ASN G 143 -30.70 41.07 2.95
CA ASN G 143 -31.35 41.60 4.17
C ASN G 143 -32.77 42.17 3.98
N PHE G 144 -33.70 41.31 3.55
CA PHE G 144 -35.11 41.64 3.31
C PHE G 144 -36.06 40.94 4.31
N TYR G 145 -37.39 41.27 4.21
CA TYR G 145 -38.52 40.72 4.99
C TYR G 145 -39.88 41.17 4.36
N PRO G 146 -40.92 40.30 4.19
CA PRO G 146 -41.00 38.86 4.57
C PRO G 146 -40.14 37.94 3.70
N ARG G 147 -40.10 36.63 4.06
CA ARG G 147 -39.31 35.59 3.38
C ARG G 147 -39.68 35.45 1.90
N GLU G 148 -40.98 35.59 1.59
CA GLU G 148 -41.49 35.50 0.23
C GLU G 148 -40.86 36.57 -0.68
N ALA G 149 -40.30 36.08 -1.79
CA ALA G 149 -39.63 36.83 -2.85
C ALA G 149 -39.62 35.96 -4.09
N LYS G 150 -39.73 36.59 -5.28
CA LYS G 150 -39.72 35.90 -6.55
C LYS G 150 -38.57 36.46 -7.41
N VAL G 151 -37.86 35.55 -8.09
CA VAL G 151 -36.74 35.86 -8.97
C VAL G 151 -37.00 35.19 -10.31
N GLN G 152 -37.09 36.00 -11.37
CA GLN G 152 -37.26 35.54 -12.74
C GLN G 152 -36.00 35.94 -13.50
N TRP G 153 -35.34 34.96 -14.15
CA TRP G 153 -34.17 35.19 -14.99
C TRP G 153 -34.63 35.57 -16.41
N LYS G 154 -33.96 36.55 -17.00
CA LYS G 154 -34.26 37.11 -18.33
C LYS G 154 -32.98 37.23 -19.16
N VAL G 155 -32.85 36.36 -20.18
CA VAL G 155 -31.71 36.43 -21.09
C VAL G 155 -32.20 36.98 -22.44
N ASP G 156 -31.78 38.24 -22.72
CA ASP G 156 -32.13 39.06 -23.89
C ASP G 156 -33.59 39.54 -23.84
N ASN G 157 -34.54 38.58 -23.74
CA ASN G 157 -35.99 38.77 -23.70
C ASN G 157 -36.57 37.59 -22.89
N ALA G 158 -36.20 36.36 -23.31
CA ALA G 158 -36.63 35.06 -22.81
C ALA G 158 -36.59 34.90 -21.29
N LEU G 159 -37.78 34.63 -20.72
CA LEU G 159 -37.95 34.33 -19.31
C LEU G 159 -37.46 32.89 -19.18
N GLN G 160 -36.62 32.62 -18.17
CA GLN G 160 -36.04 31.29 -17.98
C GLN G 160 -36.83 30.38 -17.05
N SER G 161 -36.71 29.04 -17.26
CA SER G 161 -37.37 28.03 -16.44
C SER G 161 -36.59 26.69 -16.42
N GLY G 162 -36.35 26.19 -15.20
CA GLY G 162 -35.67 24.92 -14.95
C GLY G 162 -34.15 24.95 -14.88
N ASN G 163 -33.54 26.12 -15.18
CA ASN G 163 -32.08 26.32 -15.19
C ASN G 163 -31.55 27.12 -13.99
N SER G 164 -32.44 27.43 -13.02
CA SER G 164 -32.10 28.16 -11.81
C SER G 164 -32.60 27.44 -10.55
N GLN G 165 -31.82 27.59 -9.47
CA GLN G 165 -32.10 27.02 -8.15
C GLN G 165 -31.85 28.16 -7.16
N GLU G 166 -32.75 28.32 -6.17
CA GLU G 166 -32.60 29.37 -5.18
C GLU G 166 -32.40 28.81 -3.78
N SER G 167 -31.71 29.58 -2.93
CA SER G 167 -31.38 29.19 -1.57
C SER G 167 -31.60 30.38 -0.61
N VAL G 168 -32.24 30.15 0.55
CA VAL G 168 -32.52 31.23 1.52
C VAL G 168 -31.80 30.95 2.82
N THR G 169 -31.27 31.97 3.45
CA THR G 169 -30.61 31.85 4.75
C THR G 169 -31.65 31.85 5.91
N GLU G 170 -31.22 31.57 7.15
CA GLU G 170 -32.10 31.63 8.31
C GLU G 170 -32.22 33.09 8.68
N GLN G 171 -33.15 33.44 9.57
CA GLN G 171 -33.26 34.82 10.01
C GLN G 171 -31.96 35.25 10.69
N ASP G 172 -31.40 36.37 10.23
CA ASP G 172 -30.13 36.95 10.72
C ASP G 172 -30.23 37.26 12.22
N SER G 173 -29.23 36.81 13.02
CA SER G 173 -29.23 37.02 14.47
C SER G 173 -28.67 38.39 14.89
N LYS G 174 -29.32 39.47 14.41
CA LYS G 174 -28.98 40.88 14.67
C LYS G 174 -30.05 41.84 14.13
N ASP G 175 -30.66 41.50 12.98
CA ASP G 175 -31.66 42.33 12.29
C ASP G 175 -32.88 41.53 11.78
N SER G 176 -32.93 40.21 12.08
CA SER G 176 -34.02 39.28 11.75
C SER G 176 -34.47 39.31 10.27
N THR G 177 -33.52 39.57 9.37
CA THR G 177 -33.84 39.60 7.94
C THR G 177 -33.38 38.29 7.28
N TYR G 178 -33.80 38.07 6.03
CA TYR G 178 -33.42 36.97 5.13
C TYR G 178 -32.53 37.55 4.04
N SER G 179 -31.73 36.67 3.44
CA SER G 179 -30.87 36.89 2.29
C SER G 179 -31.18 35.70 1.42
N LEU G 180 -31.31 35.94 0.12
CA LEU G 180 -31.59 34.90 -0.85
C LEU G 180 -30.55 35.01 -1.97
N SER G 181 -30.14 33.85 -2.48
CA SER G 181 -29.30 33.77 -3.67
C SER G 181 -30.03 32.89 -4.66
N SER G 182 -30.04 33.28 -5.90
CA SER G 182 -30.56 32.48 -7.00
C SER G 182 -29.42 32.41 -7.99
N THR G 183 -29.12 31.18 -8.43
CA THR G 183 -28.07 30.89 -9.39
C THR G 183 -28.72 30.34 -10.64
N LEU G 184 -28.40 30.95 -11.80
CA LEU G 184 -28.79 30.55 -13.13
C LEU G 184 -27.59 29.75 -13.69
N THR G 185 -27.77 28.46 -13.94
CA THR G 185 -26.65 27.65 -14.45
C THR G 185 -26.88 27.32 -15.94
N LEU G 186 -25.86 27.61 -16.77
CA LEU G 186 -25.83 27.38 -18.22
C LEU G 186 -24.49 26.78 -18.65
N SER G 187 -24.44 26.09 -19.79
CA SER G 187 -23.16 25.60 -20.25
C SER G 187 -22.43 26.76 -20.95
N LYS G 188 -21.09 26.76 -20.90
CA LYS G 188 -20.19 27.77 -21.51
C LYS G 188 -20.64 28.19 -22.93
N ALA G 189 -21.12 27.22 -23.74
CA ALA G 189 -21.63 27.42 -25.11
C ALA G 189 -23.02 28.07 -25.12
N ASP G 190 -23.91 27.67 -24.20
CA ASP G 190 -25.26 28.26 -24.09
C ASP G 190 -25.22 29.71 -23.57
N TYR G 191 -24.16 30.05 -22.81
CA TYR G 191 -23.92 31.37 -22.23
C TYR G 191 -23.35 32.36 -23.25
N GLU G 192 -22.42 31.92 -24.12
CA GLU G 192 -21.81 32.79 -25.14
C GLU G 192 -22.77 33.19 -26.29
N LYS G 193 -23.92 32.48 -26.41
CA LYS G 193 -24.95 32.72 -27.41
C LYS G 193 -25.71 34.04 -27.19
N HIS G 194 -25.80 34.53 -25.94
CA HIS G 194 -26.59 35.72 -25.61
C HIS G 194 -25.79 36.87 -24.96
N LYS G 195 -26.40 38.07 -24.85
CA LYS G 195 -25.73 39.28 -24.38
C LYS G 195 -26.24 39.85 -23.04
N VAL G 196 -27.51 40.29 -22.97
CA VAL G 196 -28.00 40.91 -21.73
C VAL G 196 -28.64 39.86 -20.80
N TYR G 197 -28.10 39.76 -19.57
CA TYR G 197 -28.56 38.84 -18.52
C TYR G 197 -29.16 39.65 -17.37
N ALA G 198 -30.44 39.38 -17.05
CA ALA G 198 -31.14 40.17 -16.04
C ALA G 198 -31.83 39.36 -14.95
N CYS G 199 -31.78 39.91 -13.73
CA CYS G 199 -32.44 39.38 -12.54
C CYS G 199 -33.63 40.29 -12.21
N GLU G 200 -34.87 39.78 -12.40
CA GLU G 200 -36.14 40.45 -12.12
C GLU G 200 -36.62 39.97 -10.73
N VAL G 201 -36.65 40.89 -9.76
CA VAL G 201 -36.97 40.66 -8.35
C VAL G 201 -38.37 41.19 -7.96
N THR G 202 -39.26 40.28 -7.49
CA THR G 202 -40.56 40.70 -6.93
C THR G 202 -40.62 40.39 -5.43
N HIS G 203 -40.96 41.40 -4.64
CA HIS G 203 -41.07 41.36 -3.17
C HIS G 203 -42.22 42.27 -2.73
N GLN G 204 -42.75 42.04 -1.51
CA GLN G 204 -43.82 42.84 -0.89
C GLN G 204 -43.36 44.30 -0.78
N GLY G 205 -42.10 44.52 -0.37
CA GLY G 205 -41.50 45.84 -0.21
C GLY G 205 -41.12 46.58 -1.49
N LEU G 206 -41.55 46.07 -2.67
CA LEU G 206 -41.25 46.76 -3.93
C LEU G 206 -42.51 47.06 -4.76
N SER G 207 -42.61 48.35 -5.14
CA SER G 207 -43.68 48.98 -5.91
C SER G 207 -43.78 48.39 -7.33
N SER G 208 -42.63 48.12 -7.94
CA SER G 208 -42.47 47.57 -9.28
C SER G 208 -41.29 46.59 -9.21
N PRO G 209 -41.25 45.51 -10.03
CA PRO G 209 -40.11 44.57 -9.97
C PRO G 209 -38.78 45.25 -10.22
N VAL G 210 -37.77 44.91 -9.40
CA VAL G 210 -36.42 45.46 -9.50
C VAL G 210 -35.64 44.62 -10.52
N THR G 211 -34.80 45.28 -11.35
CA THR G 211 -33.96 44.64 -12.35
C THR G 211 -32.51 45.07 -12.18
N LYS G 212 -31.60 44.08 -12.16
CA LYS G 212 -30.15 44.26 -12.13
C LYS G 212 -29.64 43.45 -13.30
N SER G 213 -28.85 44.09 -14.18
CA SER G 213 -28.39 43.40 -15.37
C SER G 213 -26.99 43.76 -15.78
N PHE G 214 -26.43 42.93 -16.64
CA PHE G 214 -25.11 43.16 -17.22
C PHE G 214 -25.16 42.68 -18.66
N ASN G 215 -24.24 43.21 -19.48
CA ASN G 215 -24.07 42.79 -20.87
C ASN G 215 -22.81 41.92 -20.87
N ARG G 216 -22.97 40.61 -21.17
CA ARG G 216 -21.90 39.60 -21.23
C ARG G 216 -20.62 40.15 -21.88
N GLY G 217 -19.51 40.13 -21.12
CA GLY G 217 -18.19 40.61 -21.53
C GLY G 217 -17.94 42.10 -21.31
N GLU G 218 -18.57 42.68 -20.27
CA GLU G 218 -18.50 44.10 -19.86
C GLU G 218 -17.08 44.57 -19.57
N GLN H 2 -30.29 7.19 30.48
CA GLN H 2 -30.17 8.65 30.42
C GLN H 2 -29.48 9.18 29.15
N GLN H 3 -28.84 8.30 28.31
CA GLN H 3 -28.15 8.65 27.06
C GLN H 3 -28.34 7.65 25.87
N LEU H 4 -28.32 8.19 24.64
CA LEU H 4 -28.45 7.48 23.36
C LEU H 4 -27.47 8.09 22.34
N GLN H 5 -26.79 7.25 21.59
CA GLN H 5 -25.82 7.69 20.59
C GLN H 5 -25.99 6.86 19.33
N GLU H 6 -26.31 7.49 18.20
CA GLU H 6 -26.47 6.81 16.91
C GLU H 6 -25.11 6.78 16.22
N SER H 7 -24.86 5.72 15.45
CA SER H 7 -23.63 5.56 14.67
C SER H 7 -24.00 4.89 13.37
N GLY H 8 -23.26 5.17 12.32
CA GLY H 8 -23.51 4.61 10.99
C GLY H 8 -22.47 5.02 9.98
N PRO H 9 -22.60 4.55 8.72
CA PRO H 9 -21.64 4.99 7.70
C PRO H 9 -22.09 6.38 7.22
N GLY H 10 -21.13 7.20 6.82
CA GLY H 10 -21.49 8.51 6.32
C GLY H 10 -22.28 8.37 5.05
N LEU H 11 -21.80 7.49 4.14
CA LEU H 11 -22.42 7.29 2.83
C LEU H 11 -22.86 5.91 2.57
N VAL H 12 -23.83 5.79 1.67
CA VAL H 12 -24.33 4.50 1.19
C VAL H 12 -24.58 4.70 -0.29
N LYS H 13 -24.25 3.69 -1.08
CA LYS H 13 -24.53 3.80 -2.50
C LYS H 13 -25.98 3.30 -2.74
N PRO H 14 -26.72 3.80 -3.75
CA PRO H 14 -28.10 3.31 -3.95
C PRO H 14 -28.13 1.79 -4.12
N SER H 15 -29.26 1.16 -3.74
CA SER H 15 -29.54 -0.29 -3.79
C SER H 15 -28.91 -1.08 -2.65
N GLU H 16 -27.91 -0.52 -1.96
CA GLU H 16 -27.23 -1.19 -0.86
C GLU H 16 -28.07 -1.17 0.41
N THR H 17 -27.58 -1.81 1.49
CA THR H 17 -28.31 -1.88 2.75
C THR H 17 -27.62 -1.02 3.77
N LEU H 18 -28.41 -0.24 4.47
CA LEU H 18 -27.92 0.67 5.49
C LEU H 18 -28.04 0.02 6.87
N SER H 19 -26.96 0.05 7.67
CA SER H 19 -26.99 -0.46 9.03
C SER H 19 -26.62 0.66 9.99
N LEU H 20 -27.50 0.96 10.95
CA LEU H 20 -27.26 1.98 11.98
C LEU H 20 -27.36 1.34 13.32
N THR H 21 -26.59 1.86 14.27
CA THR H 21 -26.61 1.42 15.66
C THR H 21 -27.00 2.60 16.58
N CYS H 22 -27.69 2.30 17.66
CA CYS H 22 -28.02 3.22 18.72
C CYS H 22 -27.47 2.54 19.98
N THR H 23 -26.40 3.11 20.54
CA THR H 23 -25.78 2.68 21.79
C THR H 23 -26.45 3.45 22.92
N VAL H 24 -26.96 2.71 23.89
CA VAL H 24 -27.74 3.17 25.03
C VAL H 24 -26.91 3.11 26.34
N THR H 25 -27.13 4.10 27.24
CA THR H 25 -26.49 4.22 28.55
C THR H 25 -27.49 4.72 29.61
N GLY H 26 -27.44 4.14 30.81
CA GLY H 26 -28.22 4.57 31.96
C GLY H 26 -29.60 4.01 32.16
N PHE H 27 -30.08 3.21 31.21
CA PHE H 27 -31.41 2.60 31.27
C PHE H 27 -31.35 1.26 30.55
N SER H 28 -32.23 0.34 30.96
CA SER H 28 -32.36 -1.01 30.44
C SER H 28 -33.34 -1.05 29.26
N LEU H 29 -32.99 -1.82 28.22
CA LEU H 29 -33.81 -1.99 27.05
C LEU H 29 -34.97 -2.92 27.30
N SER H 30 -34.94 -3.63 28.44
CA SER H 30 -36.01 -4.53 28.90
C SER H 30 -37.13 -3.73 29.60
N SER H 31 -36.84 -2.44 29.88
CA SER H 31 -37.72 -1.51 30.56
C SER H 31 -38.28 -0.41 29.64
N TYR H 32 -37.53 -0.03 28.60
CA TYR H 32 -37.93 1.07 27.70
C TYR H 32 -37.95 0.72 26.23
N THR H 33 -38.94 1.32 25.50
CA THR H 33 -39.09 1.25 24.05
C THR H 33 -38.17 2.28 23.43
N VAL H 34 -37.48 1.88 22.35
CA VAL H 34 -36.56 2.73 21.61
C VAL H 34 -37.06 2.87 20.17
N ASN H 35 -37.13 4.11 19.68
CA ASN H 35 -37.68 4.45 18.38
C ASN H 35 -36.63 5.00 17.46
N TRP H 36 -36.90 4.93 16.14
CA TRP H 36 -36.11 5.53 15.09
C TRP H 36 -36.96 6.59 14.44
N VAL H 37 -36.36 7.76 14.23
CA VAL H 37 -37.05 8.93 13.66
C VAL H 37 -36.10 9.53 12.64
N ARG H 38 -36.55 9.82 11.41
CA ARG H 38 -35.64 10.43 10.47
C ARG H 38 -36.08 11.83 10.09
N GLN H 39 -35.17 12.61 9.58
CA GLN H 39 -35.45 13.98 9.21
C GLN H 39 -34.71 14.33 7.94
N PRO H 40 -35.37 14.27 6.77
CA PRO H 40 -34.70 14.69 5.53
C PRO H 40 -34.37 16.18 5.58
N ALA H 41 -33.33 16.62 4.84
CA ALA H 41 -32.90 18.02 4.82
C ALA H 41 -34.05 18.93 4.43
N GLY H 42 -34.29 19.95 5.25
CA GLY H 42 -35.36 20.91 5.06
C GLY H 42 -36.76 20.39 5.32
N LYS H 43 -36.90 19.11 5.80
CA LYS H 43 -38.22 18.53 6.06
C LYS H 43 -38.43 18.27 7.55
N GLY H 44 -39.62 17.79 7.89
CA GLY H 44 -39.96 17.51 9.28
C GLY H 44 -39.53 16.15 9.75
N LEU H 45 -39.87 15.88 11.01
CA LEU H 45 -39.56 14.61 11.67
C LEU H 45 -40.52 13.55 11.17
N GLU H 46 -40.00 12.33 10.92
CA GLU H 46 -40.76 11.17 10.45
C GLU H 46 -40.47 9.95 11.32
N TRP H 47 -41.49 9.47 12.06
CA TRP H 47 -41.36 8.26 12.90
C TRP H 47 -41.22 7.05 11.97
N ILE H 48 -40.16 6.22 12.19
CA ILE H 48 -39.90 5.02 11.38
C ILE H 48 -40.51 3.81 12.06
N GLY H 49 -40.14 3.61 13.29
CA GLY H 49 -40.62 2.46 14.05
C GLY H 49 -39.94 2.35 15.38
N TYR H 50 -40.24 1.26 16.09
CA TYR H 50 -39.61 1.00 17.38
C TYR H 50 -39.36 -0.46 17.55
N ILE H 51 -38.58 -0.76 18.61
CA ILE H 51 -38.42 -2.06 19.18
C ILE H 51 -38.85 -1.83 20.63
N SER H 52 -39.95 -2.48 21.01
CA SER H 52 -40.54 -2.23 22.32
C SER H 52 -39.75 -2.79 23.48
N TYR H 53 -40.03 -2.29 24.70
CA TYR H 53 -39.43 -2.78 25.93
C TYR H 53 -39.62 -4.31 26.05
N GLY H 54 -40.69 -4.83 25.43
CA GLY H 54 -41.05 -6.24 25.45
C GLY H 54 -40.57 -7.08 24.27
N GLY H 55 -39.90 -6.44 23.29
CA GLY H 55 -39.36 -7.09 22.10
C GLY H 55 -40.22 -7.05 20.85
N SER H 56 -41.29 -6.24 20.83
CA SER H 56 -42.11 -6.17 19.60
C SER H 56 -41.67 -5.00 18.71
N ALA H 57 -41.52 -5.27 17.40
CA ALA H 57 -41.10 -4.25 16.43
C ALA H 57 -42.27 -3.77 15.61
N TYR H 58 -42.55 -2.45 15.65
CA TYR H 58 -43.64 -1.85 14.86
C TYR H 58 -43.11 -0.78 13.93
N TYR H 59 -43.73 -0.62 12.75
CA TYR H 59 -43.23 0.29 11.71
C TYR H 59 -44.31 1.18 11.12
N ALA H 60 -43.90 2.29 10.50
CA ALA H 60 -44.82 3.17 9.79
C ALA H 60 -45.32 2.40 8.57
N SER H 61 -46.55 2.66 8.10
CA SER H 61 -47.08 1.97 6.92
C SER H 61 -46.22 2.19 5.65
N TRP H 62 -45.55 3.37 5.54
CA TRP H 62 -44.67 3.70 4.40
C TRP H 62 -43.35 2.93 4.41
N ALA H 63 -43.00 2.27 5.54
CA ALA H 63 -41.75 1.48 5.64
C ALA H 63 -41.66 0.40 4.54
N ASN H 64 -42.82 -0.24 4.17
CA ASN H 64 -42.95 -1.29 3.14
C ASN H 64 -42.00 -2.49 3.33
N GLY H 65 -41.78 -2.86 4.60
CA GLY H 65 -40.91 -3.98 4.95
C GLY H 65 -39.43 -3.78 4.66
N ARG H 66 -39.03 -2.53 4.32
CA ARG H 66 -37.64 -2.22 3.97
C ARG H 66 -36.80 -2.03 5.22
N PHE H 67 -37.46 -1.77 6.35
CA PHE H 67 -36.76 -1.53 7.61
C PHE H 67 -36.83 -2.72 8.58
N THR H 68 -35.74 -2.98 9.30
CA THR H 68 -35.75 -3.91 10.41
C THR H 68 -35.13 -3.19 11.59
N ILE H 69 -35.88 -3.14 12.71
CA ILE H 69 -35.45 -2.54 13.98
C ILE H 69 -35.40 -3.69 14.97
N SER H 70 -34.27 -3.81 15.67
CA SER H 70 -34.07 -4.89 16.61
C SER H 70 -33.17 -4.39 17.70
N LYS H 71 -32.88 -5.24 18.69
CA LYS H 71 -32.04 -4.88 19.82
C LYS H 71 -31.24 -6.07 20.35
N ASP H 72 -30.17 -5.76 21.09
CA ASP H 72 -29.35 -6.74 21.79
C ASP H 72 -29.02 -6.11 23.13
N SER H 73 -29.80 -6.47 24.16
CA SER H 73 -29.70 -5.97 25.54
C SER H 73 -28.29 -6.13 26.12
N SER H 74 -27.63 -7.28 25.88
CA SER H 74 -26.29 -7.60 26.39
C SER H 74 -25.21 -6.64 25.89
N LYS H 75 -25.44 -6.01 24.73
CA LYS H 75 -24.51 -5.05 24.13
C LYS H 75 -24.96 -3.58 24.26
N ASN H 76 -26.17 -3.34 24.83
CA ASN H 76 -26.85 -2.03 25.00
C ASN H 76 -26.98 -1.35 23.64
N GLN H 77 -27.46 -2.13 22.67
CA GLN H 77 -27.58 -1.69 21.30
C GLN H 77 -28.93 -1.94 20.70
N VAL H 78 -29.40 -0.95 19.96
CA VAL H 78 -30.61 -0.97 19.16
C VAL H 78 -30.12 -0.83 17.74
N SER H 79 -30.65 -1.64 16.82
CA SER H 79 -30.21 -1.62 15.43
C SER H 79 -31.26 -1.19 14.48
N LEU H 80 -30.84 -0.55 13.40
CA LEU H 80 -31.74 -0.24 12.29
C LEU H 80 -31.06 -0.77 11.05
N LYS H 81 -31.80 -1.56 10.24
CA LYS H 81 -31.33 -2.10 8.96
C LYS H 81 -32.32 -1.62 7.94
N LEU H 82 -31.85 -0.96 6.89
CA LEU H 82 -32.70 -0.48 5.81
C LEU H 82 -32.17 -1.05 4.47
N SER H 83 -33.01 -1.75 3.72
CA SER H 83 -32.60 -2.35 2.47
C SER H 83 -33.07 -1.55 1.26
N SER H 84 -32.42 -1.75 0.08
CA SER H 84 -32.81 -1.15 -1.22
C SER H 84 -32.97 0.38 -1.12
N VAL H 85 -31.92 0.98 -0.61
CA VAL H 85 -31.75 2.40 -0.32
C VAL H 85 -31.81 3.25 -1.62
N THR H 86 -32.55 4.35 -1.60
CA THR H 86 -32.68 5.29 -2.73
C THR H 86 -32.27 6.65 -2.20
N ALA H 87 -32.20 7.64 -3.08
CA ALA H 87 -31.82 9.02 -2.73
C ALA H 87 -32.80 9.58 -1.68
N ALA H 88 -34.05 9.11 -1.72
CA ALA H 88 -35.12 9.54 -0.81
C ALA H 88 -34.85 9.16 0.66
N ASP H 89 -33.86 8.29 0.91
CA ASP H 89 -33.47 7.83 2.24
C ASP H 89 -32.38 8.69 2.88
N THR H 90 -31.87 9.71 2.14
CA THR H 90 -30.88 10.68 2.67
C THR H 90 -31.58 11.45 3.77
N ALA H 91 -31.00 11.45 4.98
CA ALA H 91 -31.61 12.09 6.14
C ALA H 91 -30.72 11.94 7.33
N VAL H 92 -31.07 12.71 8.38
CA VAL H 92 -30.53 12.61 9.73
C VAL H 92 -31.46 11.56 10.35
N TYR H 93 -30.88 10.57 10.97
CA TYR H 93 -31.59 9.50 11.65
C TYR H 93 -31.33 9.64 13.13
N PHE H 94 -32.39 9.82 13.92
CA PHE H 94 -32.30 9.88 15.37
C PHE H 94 -32.85 8.59 15.98
N CYS H 95 -32.30 8.18 17.13
CA CYS H 95 -32.98 7.19 17.97
C CYS H 95 -33.57 7.99 19.17
N ALA H 96 -34.81 7.68 19.57
CA ALA H 96 -35.51 8.36 20.65
C ALA H 96 -36.14 7.36 21.59
N ARG H 97 -35.88 7.52 22.87
CA ARG H 97 -36.47 6.64 23.86
C ARG H 97 -37.88 7.08 24.22
N HIS H 98 -38.79 6.12 24.47
CA HIS H 98 -40.10 6.43 25.06
C HIS H 98 -39.77 7.07 26.42
N MET H 99 -40.50 8.13 26.82
CA MET H 99 -40.22 8.86 28.09
C MET H 99 -40.28 7.97 29.32
N GLN H 100 -41.29 7.12 29.42
CA GLN H 100 -41.48 6.25 30.58
C GLN H 100 -41.31 4.78 30.26
N VAL H 101 -41.16 3.97 31.33
CA VAL H 101 -41.05 2.50 31.27
C VAL H 101 -42.38 1.94 30.70
N GLY H 102 -42.32 0.83 29.96
CA GLY H 102 -43.52 0.22 29.40
C GLY H 102 -44.25 -0.66 30.40
N GLY H 103 -45.53 -0.92 30.13
CA GLY H 103 -46.32 -1.89 30.89
C GLY H 103 -47.20 -1.45 32.05
N ALA H 104 -47.02 -0.25 32.57
CA ALA H 104 -47.81 0.22 33.70
C ALA H 104 -49.25 0.72 33.29
N PRO H 105 -50.22 0.93 34.23
CA PRO H 105 -51.52 1.50 33.81
C PRO H 105 -51.37 2.84 33.04
N THR H 106 -50.32 3.63 33.32
CA THR H 106 -50.02 4.87 32.58
C THR H 106 -48.82 4.65 31.62
N GLY H 107 -48.98 5.03 30.36
CA GLY H 107 -47.94 4.93 29.33
C GLY H 107 -47.07 6.17 29.21
N SER H 108 -46.48 6.39 28.03
CA SER H 108 -45.61 7.54 27.76
C SER H 108 -46.33 8.76 27.15
N MET H 109 -47.58 8.58 26.70
CA MET H 109 -48.44 9.62 26.09
C MET H 109 -47.84 10.31 24.92
N ALA H 110 -47.22 9.52 24.00
CA ALA H 110 -46.56 9.96 22.76
C ALA H 110 -45.33 10.86 22.99
N ALA H 111 -44.79 10.78 24.21
CA ALA H 111 -43.59 11.50 24.57
C ALA H 111 -42.37 10.63 24.32
N PHE H 112 -41.34 11.26 23.77
CA PHE H 112 -40.05 10.69 23.43
C PHE H 112 -39.03 11.59 24.15
N ASP H 113 -38.23 10.97 25.00
CA ASP H 113 -37.19 11.63 25.81
C ASP H 113 -36.36 10.56 26.57
N PRO H 114 -35.02 10.56 26.48
CA PRO H 114 -34.17 11.45 25.67
C PRO H 114 -34.06 11.04 24.21
N TRP H 115 -33.36 11.88 23.43
CA TRP H 115 -33.07 11.73 22.03
C TRP H 115 -31.57 11.71 21.89
N GLY H 116 -31.09 11.01 20.86
CA GLY H 116 -29.67 11.02 20.53
C GLY H 116 -29.37 12.24 19.67
N PRO H 117 -28.08 12.57 19.43
CA PRO H 117 -27.75 13.75 18.60
C PRO H 117 -28.13 13.68 17.11
N GLY H 118 -28.40 12.48 16.59
CA GLY H 118 -28.71 12.30 15.17
C GLY H 118 -27.48 11.95 14.35
N THR H 119 -27.65 11.08 13.33
CA THR H 119 -26.57 10.67 12.43
C THR H 119 -27.00 10.93 11.00
N LEU H 120 -26.15 11.62 10.24
CA LEU H 120 -26.41 11.94 8.86
C LEU H 120 -26.10 10.76 7.95
N VAL H 121 -27.06 10.41 7.11
CA VAL H 121 -26.95 9.34 6.13
C VAL H 121 -27.20 9.97 4.78
N THR H 122 -26.25 9.83 3.85
CA THR H 122 -26.38 10.37 2.50
C THR H 122 -26.41 9.20 1.53
N VAL H 123 -27.46 9.11 0.69
CA VAL H 123 -27.53 8.04 -0.30
C VAL H 123 -27.14 8.62 -1.66
N SER H 124 -25.99 8.18 -2.19
CA SER H 124 -25.49 8.69 -3.47
C SER H 124 -24.46 7.76 -4.10
N SER H 125 -24.42 7.79 -5.44
CA SER H 125 -23.41 7.06 -6.23
C SER H 125 -22.21 7.95 -6.55
N ALA H 126 -22.30 9.27 -6.23
CA ALA H 126 -21.23 10.24 -6.49
C ALA H 126 -20.05 9.97 -5.57
N SER H 127 -18.84 10.34 -6.00
CA SER H 127 -17.63 10.13 -5.22
C SER H 127 -17.11 11.41 -4.58
N THR H 128 -16.48 11.26 -3.39
CA THR H 128 -15.86 12.31 -2.61
C THR H 128 -14.97 13.17 -3.50
N LYS H 129 -15.28 14.47 -3.56
CA LYS H 129 -14.63 15.45 -4.43
C LYS H 129 -14.60 16.83 -3.75
N GLY H 130 -13.44 17.47 -3.81
CA GLY H 130 -13.23 18.80 -3.27
C GLY H 130 -13.92 19.84 -4.14
N PRO H 131 -14.34 20.99 -3.56
CA PRO H 131 -15.01 22.01 -4.38
C PRO H 131 -14.08 22.83 -5.22
N SER H 132 -14.64 23.46 -6.26
CA SER H 132 -13.94 24.46 -7.06
C SER H 132 -14.61 25.78 -6.62
N VAL H 133 -13.84 26.77 -6.11
CA VAL H 133 -14.45 28.01 -5.64
C VAL H 133 -14.07 29.16 -6.59
N PHE H 134 -15.10 29.96 -6.96
CA PHE H 134 -15.01 31.07 -7.90
C PHE H 134 -15.42 32.39 -7.29
N PRO H 135 -14.64 33.48 -7.48
CA PRO H 135 -15.09 34.79 -6.95
C PRO H 135 -16.36 35.34 -7.64
N LEU H 136 -17.18 36.09 -6.87
CA LEU H 136 -18.40 36.79 -7.28
C LEU H 136 -17.97 38.25 -7.05
N ALA H 137 -17.28 38.83 -8.04
CA ALA H 137 -16.64 40.12 -7.94
C ALA H 137 -17.59 41.31 -7.72
N PRO H 138 -17.20 42.29 -6.86
CA PRO H 138 -18.03 43.50 -6.71
C PRO H 138 -17.88 44.42 -7.95
N SER H 139 -18.70 45.49 -8.06
CA SER H 139 -18.59 46.47 -9.15
C SER H 139 -17.32 47.34 -9.01
N THR H 147 -22.23 50.96 -0.46
CA THR H 147 -22.06 49.55 -0.10
C THR H 147 -21.95 48.65 -1.33
N ALA H 148 -20.99 47.73 -1.28
CA ALA H 148 -20.79 46.74 -2.32
C ALA H 148 -20.97 45.34 -1.71
N ALA H 149 -21.24 44.38 -2.57
CA ALA H 149 -21.38 42.98 -2.18
C ALA H 149 -20.36 42.22 -2.97
N LEU H 150 -19.79 41.18 -2.37
CA LEU H 150 -18.82 40.33 -3.04
C LEU H 150 -18.96 38.96 -2.45
N GLY H 151 -18.40 37.97 -3.12
CA GLY H 151 -18.48 36.63 -2.58
C GLY H 151 -17.69 35.60 -3.31
N CYS H 152 -18.02 34.34 -3.00
CA CYS H 152 -17.44 33.14 -3.55
C CYS H 152 -18.52 32.12 -3.84
N LEU H 153 -18.37 31.41 -4.95
CA LEU H 153 -19.28 30.36 -5.39
C LEU H 153 -18.50 29.06 -5.21
N VAL H 154 -18.85 28.30 -4.15
CA VAL H 154 -18.25 27.01 -3.78
C VAL H 154 -19.08 25.96 -4.52
N LYS H 155 -18.56 25.50 -5.65
CA LYS H 155 -19.29 24.60 -6.53
C LYS H 155 -18.69 23.20 -6.69
N ASP H 156 -19.57 22.24 -7.04
CA ASP H 156 -19.36 20.83 -7.37
C ASP H 156 -18.53 20.07 -6.34
N TYR H 157 -19.07 19.92 -5.14
CA TYR H 157 -18.39 19.17 -4.07
C TYR H 157 -19.24 18.00 -3.56
N PHE H 158 -18.57 16.99 -2.99
CA PHE H 158 -19.23 15.84 -2.40
C PHE H 158 -18.35 15.22 -1.31
N PRO H 159 -18.88 14.84 -0.12
CA PRO H 159 -20.26 15.00 0.36
C PRO H 159 -20.55 16.41 0.92
N GLU H 160 -21.78 16.63 1.43
CA GLU H 160 -22.37 17.87 1.94
C GLU H 160 -21.51 18.79 2.84
N PRO H 161 -20.77 18.36 3.89
CA PRO H 161 -20.12 19.35 4.78
C PRO H 161 -18.97 20.24 4.23
N VAL H 162 -19.24 21.58 4.09
CA VAL H 162 -18.21 22.60 3.77
C VAL H 162 -18.31 23.79 4.76
N THR H 163 -17.15 24.36 5.14
CA THR H 163 -17.04 25.52 6.03
C THR H 163 -16.48 26.72 5.21
N VAL H 164 -17.10 27.91 5.36
CA VAL H 164 -16.64 29.12 4.66
C VAL H 164 -16.48 30.27 5.67
N SER H 165 -15.28 30.87 5.68
CA SER H 165 -14.98 32.04 6.51
C SER H 165 -14.33 33.12 5.63
N TRP H 166 -14.25 34.37 6.11
CA TRP H 166 -13.64 35.46 5.34
C TRP H 166 -12.50 36.10 6.12
N ASN H 167 -11.38 36.39 5.41
CA ASN H 167 -10.18 37.02 5.95
C ASN H 167 -9.61 36.26 7.16
N SER H 168 -9.61 34.90 7.08
CA SER H 168 -9.14 33.96 8.11
C SER H 168 -9.92 34.05 9.43
N GLY H 169 -11.23 34.35 9.33
CA GLY H 169 -12.12 34.45 10.47
C GLY H 169 -12.35 35.83 11.03
N ALA H 170 -11.48 36.79 10.64
CA ALA H 170 -11.53 38.19 11.09
C ALA H 170 -12.79 38.93 10.64
N LEU H 171 -13.26 38.66 9.40
CA LEU H 171 -14.44 39.31 8.82
C LEU H 171 -15.67 38.43 9.07
N THR H 172 -16.61 38.93 9.90
CA THR H 172 -17.84 38.21 10.29
C THR H 172 -19.11 39.01 9.99
N SER H 173 -19.06 40.37 10.08
CA SER H 173 -20.21 41.25 9.81
C SER H 173 -20.63 41.27 8.35
N GLY H 174 -21.95 41.15 8.14
CA GLY H 174 -22.55 41.15 6.82
C GLY H 174 -22.27 39.91 6.00
N VAL H 175 -21.73 38.85 6.64
CA VAL H 175 -21.40 37.57 6.00
C VAL H 175 -22.67 36.74 5.92
N HIS H 176 -23.03 36.26 4.71
CA HIS H 176 -24.17 35.37 4.50
C HIS H 176 -23.77 34.11 3.70
N THR H 177 -23.62 32.95 4.38
CA THR H 177 -23.29 31.69 3.71
C THR H 177 -24.59 30.92 3.51
N PHE H 178 -25.00 30.74 2.25
CA PHE H 178 -26.24 30.08 1.87
C PHE H 178 -26.26 28.57 1.97
N PRO H 179 -27.40 27.97 2.41
CA PRO H 179 -27.49 26.49 2.44
C PRO H 179 -27.12 25.91 1.09
N ALA H 180 -26.42 24.77 1.07
CA ALA H 180 -26.03 24.12 -0.17
C ALA H 180 -27.23 23.54 -0.90
N VAL H 181 -27.10 23.41 -2.21
CA VAL H 181 -28.13 22.84 -3.06
C VAL H 181 -27.55 21.59 -3.68
N LEU H 182 -28.37 20.53 -3.78
CA LEU H 182 -27.99 19.29 -4.43
C LEU H 182 -28.37 19.45 -5.91
N GLN H 183 -27.37 19.40 -6.79
CA GLN H 183 -27.55 19.58 -8.23
C GLN H 183 -27.94 18.26 -8.89
N SER H 184 -28.52 18.30 -10.13
CA SER H 184 -28.92 17.13 -10.94
C SER H 184 -27.78 16.11 -11.07
N SER H 185 -26.55 16.62 -11.12
CA SER H 185 -25.27 15.91 -11.20
C SER H 185 -24.97 15.03 -9.96
N GLY H 186 -25.49 15.39 -8.79
CA GLY H 186 -25.25 14.69 -7.54
C GLY H 186 -24.21 15.40 -6.69
N LEU H 187 -23.72 16.55 -7.18
CA LEU H 187 -22.73 17.35 -6.45
C LEU H 187 -23.38 18.59 -5.84
N TYR H 188 -22.85 19.06 -4.74
CA TYR H 188 -23.38 20.20 -4.01
C TYR H 188 -22.76 21.50 -4.45
N SER H 189 -23.49 22.60 -4.21
CA SER H 189 -23.06 23.94 -4.58
C SER H 189 -23.65 24.95 -3.60
N LEU H 190 -22.81 25.90 -3.14
CA LEU H 190 -23.24 27.00 -2.29
C LEU H 190 -22.48 28.29 -2.56
N SER H 191 -23.03 29.41 -2.08
CA SER H 191 -22.41 30.72 -2.20
C SER H 191 -22.25 31.32 -0.80
N SER H 192 -21.22 32.15 -0.62
CA SER H 192 -20.98 32.92 0.60
C SER H 192 -20.76 34.34 0.14
N VAL H 193 -21.42 35.27 0.78
CA VAL H 193 -21.35 36.69 0.40
C VAL H 193 -21.05 37.56 1.62
N VAL H 194 -20.68 38.81 1.33
CA VAL H 194 -20.38 39.82 2.33
C VAL H 194 -20.60 41.22 1.69
N THR H 195 -21.28 42.10 2.44
CA THR H 195 -21.48 43.48 2.03
C THR H 195 -20.42 44.27 2.76
N VAL H 196 -19.71 45.14 2.04
CA VAL H 196 -18.60 45.93 2.61
C VAL H 196 -18.67 47.34 2.04
N PRO H 197 -18.04 48.35 2.71
CA PRO H 197 -18.04 49.70 2.13
C PRO H 197 -17.32 49.68 0.78
N SER H 198 -17.95 50.27 -0.24
CA SER H 198 -17.40 50.35 -1.60
C SER H 198 -16.01 51.01 -1.62
N SER H 199 -15.78 51.97 -0.71
CA SER H 199 -14.53 52.72 -0.61
C SER H 199 -13.33 51.88 -0.15
N SER H 200 -13.57 50.67 0.43
CA SER H 200 -12.54 49.75 0.94
C SER H 200 -12.07 48.71 -0.09
N LEU H 201 -12.71 48.68 -1.27
CA LEU H 201 -12.40 47.80 -2.39
C LEU H 201 -11.06 48.29 -3.00
N GLY H 202 -10.00 47.55 -2.78
CA GLY H 202 -8.67 47.87 -3.27
C GLY H 202 -7.63 48.03 -2.18
N THR H 203 -8.06 48.40 -0.94
CA THR H 203 -7.12 48.54 0.19
C THR H 203 -7.29 47.43 1.22
N GLN H 204 -8.54 46.99 1.44
CA GLN H 204 -8.84 45.90 2.34
C GLN H 204 -8.83 44.66 1.48
N THR H 205 -8.04 43.68 1.87
CA THR H 205 -7.96 42.43 1.13
C THR H 205 -9.16 41.59 1.52
N TYR H 206 -9.85 41.01 0.51
CA TYR H 206 -10.98 40.10 0.72
C TYR H 206 -10.68 38.72 0.19
N ILE H 207 -10.64 37.76 1.12
CA ILE H 207 -10.33 36.36 0.80
C ILE H 207 -11.38 35.46 1.43
N CYS H 208 -11.89 34.51 0.65
CA CYS H 208 -12.83 33.54 1.19
C CYS H 208 -12.07 32.25 1.48
N ASN H 209 -12.20 31.74 2.71
CA ASN H 209 -11.54 30.55 3.21
C ASN H 209 -12.56 29.43 3.20
N VAL H 210 -12.38 28.49 2.27
CA VAL H 210 -13.25 27.32 2.08
C VAL H 210 -12.50 26.04 2.48
N ASN H 211 -13.12 25.22 3.35
CA ASN H 211 -12.56 23.95 3.80
C ASN H 211 -13.58 22.81 3.64
N HIS H 212 -13.19 21.76 2.90
CA HIS H 212 -14.01 20.56 2.71
C HIS H 212 -13.21 19.42 3.33
N LYS H 213 -13.58 19.06 4.58
CA LYS H 213 -12.90 18.02 5.36
C LYS H 213 -13.02 16.62 4.74
N PRO H 214 -14.20 16.16 4.24
CA PRO H 214 -14.27 14.79 3.68
C PRO H 214 -13.28 14.48 2.57
N SER H 215 -12.71 15.50 1.88
CA SER H 215 -11.71 15.32 0.83
C SER H 215 -10.34 15.95 1.16
N ASN H 216 -10.17 16.53 2.39
CA ASN H 216 -8.93 17.17 2.88
C ASN H 216 -8.48 18.38 2.02
N THR H 217 -9.47 19.07 1.40
CA THR H 217 -9.24 20.23 0.52
C THR H 217 -9.44 21.54 1.29
N LYS H 218 -8.49 22.47 1.11
CA LYS H 218 -8.53 23.82 1.66
C LYS H 218 -8.09 24.82 0.59
N VAL H 219 -9.05 25.57 0.06
CA VAL H 219 -8.82 26.56 -1.00
C VAL H 219 -9.29 27.97 -0.55
N ASP H 220 -8.40 28.97 -0.70
CA ASP H 220 -8.62 30.37 -0.32
C ASP H 220 -8.42 31.25 -1.54
N LYS H 221 -9.43 32.08 -1.85
CA LYS H 221 -9.44 32.90 -3.06
C LYS H 221 -9.61 34.37 -2.78
N LYS H 222 -8.81 35.19 -3.47
CA LYS H 222 -8.93 36.65 -3.36
C LYS H 222 -10.12 37.06 -4.22
N VAL H 223 -10.95 37.98 -3.70
CA VAL H 223 -12.14 38.51 -4.41
C VAL H 223 -11.92 39.99 -4.50
N GLU H 224 -11.72 40.47 -5.74
CA GLU H 224 -11.37 41.86 -6.03
C GLU H 224 -12.19 42.41 -7.23
N PRO H 225 -12.44 43.73 -7.34
CA PRO H 225 -13.19 44.23 -8.50
C PRO H 225 -12.36 44.16 -9.79
N ALA I 1 21.54 13.94 -41.77
CA ALA I 1 22.24 14.91 -40.92
C ALA I 1 21.51 15.21 -39.59
N LEU I 2 22.30 15.41 -38.53
CA LEU I 2 21.81 15.74 -37.20
C LEU I 2 21.62 17.25 -37.19
N ASP I 3 20.54 17.69 -37.86
CA ASP I 3 20.22 19.08 -38.07
C ASP I 3 18.92 19.45 -37.35
N ALA I 4 18.47 20.71 -37.43
CA ALA I 4 17.24 21.14 -36.73
C ALA I 4 16.04 20.30 -37.12
N ALA I 5 15.89 20.05 -38.44
CA ALA I 5 14.78 19.29 -39.00
C ALA I 5 14.60 17.92 -38.34
N TYR I 6 15.71 17.21 -38.08
CA TYR I 6 15.63 15.93 -37.42
C TYR I 6 15.62 16.07 -35.89
N CYS I 7 16.54 16.86 -35.35
CA CYS I 7 16.78 16.95 -33.89
C CYS I 7 15.70 17.67 -33.07
N PHE I 8 15.13 18.77 -33.58
CA PHE I 8 14.17 19.54 -32.79
C PHE I 8 12.78 18.92 -32.63
N ARG I 9 12.34 18.06 -33.58
CA ARG I 9 11.02 17.43 -33.50
C ARG I 9 10.85 16.57 -32.24
N ASN I 10 11.74 15.60 -32.03
CA ASN I 10 11.71 14.71 -30.86
C ASN I 10 13.02 14.90 -30.13
N VAL I 11 12.95 15.19 -28.84
CA VAL I 11 14.12 15.37 -27.98
C VAL I 11 14.78 13.99 -27.76
N GLN I 12 16.03 13.84 -28.23
CA GLN I 12 16.82 12.61 -28.14
C GLN I 12 17.91 12.71 -27.09
N ASP I 13 18.28 11.58 -26.46
CA ASP I 13 19.38 11.59 -25.47
C ASP I 13 20.69 11.53 -26.24
N ASN I 14 20.68 10.90 -27.42
CA ASN I 14 21.90 10.83 -28.23
C ASN I 14 22.29 12.15 -28.87
N CYS I 15 23.49 12.17 -29.44
CA CYS I 15 24.07 13.33 -30.09
C CYS I 15 23.08 14.00 -31.02
N CYS I 16 22.78 15.30 -30.78
CA CYS I 16 21.87 16.02 -31.64
C CYS I 16 22.08 17.52 -31.50
N LEU I 17 21.50 18.26 -32.43
CA LEU I 17 21.53 19.71 -32.39
C LEU I 17 20.54 20.11 -31.31
N ARG I 18 20.92 21.12 -30.51
CA ARG I 18 20.11 21.60 -29.42
C ARG I 18 19.90 23.10 -29.59
N PRO I 19 18.67 23.61 -29.34
CA PRO I 19 18.46 25.06 -29.46
C PRO I 19 19.18 25.85 -28.37
N LEU I 20 19.65 27.05 -28.73
CA LEU I 20 20.29 28.01 -27.83
C LEU I 20 20.15 29.39 -28.44
N TYR I 21 19.38 30.25 -27.76
CA TYR I 21 19.21 31.65 -28.16
C TYR I 21 20.19 32.45 -27.28
N ILE I 22 20.95 33.34 -27.88
CA ILE I 22 21.92 34.17 -27.18
C ILE I 22 21.54 35.64 -27.42
N ASP I 23 21.43 36.42 -26.32
CA ASP I 23 21.16 37.85 -26.33
C ASP I 23 22.52 38.48 -26.19
N PHE I 24 22.92 39.34 -27.15
CA PHE I 24 24.24 39.97 -27.12
C PHE I 24 24.56 40.75 -25.85
N LYS I 25 23.69 41.69 -25.46
CA LYS I 25 23.97 42.55 -24.32
C LYS I 25 23.96 41.75 -23.05
N ARG I 26 22.92 40.96 -22.84
CA ARG I 26 22.76 40.24 -21.57
C ARG I 26 23.64 38.99 -21.41
N ASP I 27 23.88 38.21 -22.49
CA ASP I 27 24.66 36.96 -22.41
C ASP I 27 26.12 37.05 -22.82
N LEU I 28 26.48 38.04 -23.65
CA LEU I 28 27.87 38.16 -24.09
C LEU I 28 28.53 39.44 -23.67
N GLY I 29 27.74 40.41 -23.24
CA GLY I 29 28.25 41.73 -22.85
C GLY I 29 28.68 42.52 -24.08
N TRP I 30 28.08 42.19 -25.27
CA TRP I 30 28.38 42.85 -26.53
C TRP I 30 27.41 43.98 -26.61
N LYS I 31 27.89 45.16 -26.28
CA LYS I 31 27.08 46.35 -26.12
C LYS I 31 26.87 47.23 -27.33
N TRP I 32 27.69 47.10 -28.39
CA TRP I 32 27.61 48.07 -29.49
C TRP I 32 26.95 47.60 -30.78
N ILE I 33 26.11 46.58 -30.71
CA ILE I 33 25.44 46.03 -31.87
C ILE I 33 24.05 46.61 -31.93
N HIS I 34 23.65 47.12 -33.08
CA HIS I 34 22.33 47.68 -33.28
C HIS I 34 21.31 46.58 -33.55
N GLU I 35 21.64 45.66 -34.48
CA GLU I 35 20.70 44.62 -34.88
C GLU I 35 21.48 43.36 -35.30
N PRO I 36 20.98 42.11 -35.03
CA PRO I 36 19.81 41.77 -34.19
C PRO I 36 20.16 41.97 -32.71
N LYS I 37 19.21 41.76 -31.80
CA LYS I 37 19.45 41.86 -30.35
C LYS I 37 20.08 40.57 -29.82
N GLY I 38 19.96 39.53 -30.59
CA GLY I 38 20.54 38.23 -30.25
C GLY I 38 20.38 37.28 -31.41
N TYR I 39 20.69 36.00 -31.20
CA TYR I 39 20.58 35.03 -32.28
C TYR I 39 20.50 33.61 -31.78
N ASN I 40 20.05 32.69 -32.64
CA ASN I 40 19.93 31.26 -32.33
C ASN I 40 21.27 30.58 -32.65
N ALA I 41 22.21 30.57 -31.66
CA ALA I 41 23.51 29.97 -31.87
C ALA I 41 23.47 28.46 -31.97
N ASN I 42 22.58 27.82 -31.16
CA ASN I 42 22.49 26.36 -31.04
C ASN I 42 23.78 25.76 -30.48
N PHE I 43 23.79 24.44 -30.24
CA PHE I 43 24.94 23.70 -29.76
C PHE I 43 24.71 22.20 -29.97
N CYS I 44 25.76 21.43 -29.75
CA CYS I 44 25.77 19.97 -29.92
C CYS I 44 26.00 19.34 -28.57
N ALA I 45 25.15 18.38 -28.20
CA ALA I 45 25.26 17.64 -26.93
C ALA I 45 24.52 16.35 -27.07
N GLY I 46 24.95 15.33 -26.31
CA GLY I 46 24.28 14.04 -26.30
C GLY I 46 25.23 12.89 -26.45
N ALA I 47 24.79 11.69 -26.02
CA ALA I 47 25.60 10.47 -26.08
C ALA I 47 25.95 10.03 -27.46
N CYS I 48 27.13 9.42 -27.62
CA CYS I 48 27.58 8.91 -28.91
C CYS I 48 27.76 7.42 -28.87
N PRO I 49 26.76 6.63 -29.34
CA PRO I 49 26.97 5.17 -29.40
C PRO I 49 28.14 4.86 -30.34
N TYR I 50 28.94 3.83 -29.98
CA TYR I 50 30.13 3.36 -30.70
C TYR I 50 30.09 3.53 -32.24
N LEU I 51 28.96 3.16 -32.88
CA LEU I 51 28.74 3.11 -34.35
C LEU I 51 28.46 4.40 -35.11
N TRP I 52 27.89 5.41 -34.41
CA TRP I 52 27.38 6.68 -34.89
C TRP I 52 28.34 7.61 -35.65
N SER I 53 27.71 8.63 -36.31
CA SER I 53 28.26 9.70 -37.18
C SER I 53 29.73 9.54 -37.52
N SER I 54 30.01 8.93 -38.69
CA SER I 54 31.35 8.63 -39.21
C SER I 54 31.97 9.91 -39.75
N ASP I 55 31.58 10.32 -40.99
CA ASP I 55 31.93 11.57 -41.69
C ASP I 55 33.33 11.59 -42.30
N THR I 56 34.33 11.08 -41.58
CA THR I 56 35.74 11.11 -42.00
C THR I 56 36.34 9.69 -42.12
N GLN I 57 37.34 9.50 -43.03
CA GLN I 57 37.96 8.19 -43.20
C GLN I 57 38.68 7.76 -41.90
N HIS I 58 39.32 8.70 -41.18
CA HIS I 58 39.97 8.44 -39.87
C HIS I 58 38.92 7.99 -38.80
N SER I 59 37.74 8.62 -38.79
CA SER I 59 36.64 8.25 -37.86
C SER I 59 36.16 6.85 -38.11
N ARG I 60 36.03 6.46 -39.38
CA ARG I 60 35.62 5.11 -39.75
C ARG I 60 36.70 4.08 -39.38
N VAL I 61 37.99 4.48 -39.49
CA VAL I 61 39.11 3.61 -39.19
C VAL I 61 39.14 3.36 -37.66
N LEU I 62 38.95 4.43 -36.88
CA LEU I 62 38.95 4.37 -35.42
C LEU I 62 37.79 3.55 -34.89
N SER I 63 36.62 3.69 -35.51
CA SER I 63 35.44 2.94 -35.11
C SER I 63 35.62 1.46 -35.34
N LEU I 64 36.15 1.06 -36.52
CA LEU I 64 36.45 -0.36 -36.83
C LEU I 64 37.54 -0.92 -35.94
N TYR I 65 38.65 -0.17 -35.77
CA TYR I 65 39.74 -0.54 -34.86
C TYR I 65 39.20 -0.88 -33.50
N ASN I 66 38.30 -0.04 -32.96
CA ASN I 66 37.70 -0.17 -31.64
C ASN I 66 36.93 -1.44 -31.46
N THR I 67 36.35 -1.96 -32.56
CA THR I 67 35.62 -3.23 -32.58
C THR I 67 36.57 -4.43 -32.71
N ILE I 68 37.52 -4.38 -33.67
CA ILE I 68 38.42 -5.52 -33.91
C ILE I 68 39.51 -5.70 -32.83
N ASN I 69 40.15 -4.60 -32.40
CA ASN I 69 41.20 -4.73 -31.41
C ASN I 69 40.55 -5.01 -30.05
N PRO I 70 41.10 -5.88 -29.20
CA PRO I 70 40.46 -6.09 -27.88
C PRO I 70 40.50 -4.83 -27.02
N GLU I 71 41.46 -3.92 -27.27
CA GLU I 71 41.66 -2.71 -26.45
C GLU I 71 41.30 -1.45 -27.26
N ALA I 72 40.07 -0.95 -27.07
CA ALA I 72 39.55 0.21 -27.81
C ALA I 72 40.34 1.45 -27.47
N SER I 73 40.45 2.39 -28.43
CA SER I 73 41.18 3.65 -28.20
C SER I 73 40.22 4.73 -27.75
N ALA I 74 40.06 5.82 -28.53
CA ALA I 74 39.21 6.98 -28.19
C ALA I 74 37.73 6.68 -28.40
N SER I 75 36.88 7.31 -27.57
CA SER I 75 35.43 7.19 -27.62
C SER I 75 34.89 8.46 -28.32
N PRO I 76 33.90 8.36 -29.22
CA PRO I 76 33.41 9.57 -29.90
C PRO I 76 32.62 10.54 -29.01
N CYS I 77 32.69 11.83 -29.36
CA CYS I 77 32.02 12.93 -28.66
C CYS I 77 31.11 13.72 -29.61
N CYS I 78 30.08 14.37 -29.06
CA CYS I 78 29.13 15.16 -29.85
C CYS I 78 29.66 16.55 -30.15
N VAL I 79 29.99 16.83 -31.42
CA VAL I 79 30.54 18.14 -31.83
C VAL I 79 29.86 18.72 -33.07
N SER I 80 30.17 20.00 -33.31
CA SER I 80 29.61 20.71 -34.42
C SER I 80 30.19 20.19 -35.73
N GLN I 81 29.38 20.14 -36.77
CA GLN I 81 29.90 19.78 -38.07
C GLN I 81 29.67 20.96 -39.02
N ASP I 82 28.41 21.25 -39.42
CA ASP I 82 28.16 22.43 -40.28
C ASP I 82 27.91 23.69 -39.43
N LEU I 83 28.64 24.77 -39.78
CA LEU I 83 28.57 26.08 -39.13
C LEU I 83 28.20 27.14 -40.18
N GLU I 84 27.44 28.17 -39.77
CA GLU I 84 27.04 29.28 -40.64
C GLU I 84 27.41 30.65 -40.06
N PRO I 85 27.67 31.67 -40.93
CA PRO I 85 27.99 33.00 -40.41
C PRO I 85 26.75 33.70 -39.86
N LEU I 86 26.99 34.77 -39.09
CA LEU I 86 25.90 35.61 -38.59
C LEU I 86 26.17 37.06 -38.97
N THR I 87 25.18 37.71 -39.57
CA THR I 87 25.28 39.11 -40.02
C THR I 87 24.81 40.02 -38.89
N ILE I 88 25.63 41.02 -38.54
CA ILE I 88 25.26 42.02 -37.53
C ILE I 88 25.34 43.40 -38.20
N LEU I 89 24.64 44.34 -37.59
CA LEU I 89 24.56 45.74 -38.00
C LEU I 89 24.81 46.66 -36.81
N TYR I 90 25.64 47.68 -37.03
CA TYR I 90 25.87 48.77 -36.09
C TYR I 90 26.06 50.04 -36.92
N TYR I 91 26.04 51.20 -36.25
CA TYR I 91 26.16 52.48 -36.93
C TYR I 91 27.30 53.30 -36.39
N ILE I 92 27.88 54.14 -37.25
CA ILE I 92 28.84 55.20 -36.86
C ILE I 92 28.11 56.43 -37.38
N GLY I 93 27.41 57.13 -36.49
CA GLY I 93 26.56 58.25 -36.88
C GLY I 93 25.36 57.71 -37.65
N LYS I 94 25.18 58.15 -38.90
CA LYS I 94 24.05 57.61 -39.67
C LYS I 94 24.53 56.54 -40.65
N THR I 95 25.83 56.30 -40.64
CA THR I 95 26.51 55.38 -41.56
C THR I 95 26.38 53.94 -41.02
N PRO I 96 25.70 53.05 -41.77
CA PRO I 96 25.63 51.67 -41.33
C PRO I 96 26.92 50.92 -41.57
N LYS I 97 27.13 49.90 -40.73
CA LYS I 97 28.27 49.01 -40.82
C LYS I 97 27.75 47.60 -40.62
N ILE I 98 27.77 46.80 -41.67
CA ILE I 98 27.39 45.38 -41.63
C ILE I 98 28.67 44.60 -41.47
N GLU I 99 28.66 43.58 -40.58
CA GLU I 99 29.80 42.70 -40.41
C GLU I 99 29.30 41.27 -40.48
N GLN I 100 29.98 40.43 -41.27
CA GLN I 100 29.60 39.03 -41.35
C GLN I 100 30.57 38.29 -40.47
N LEU I 101 30.07 37.76 -39.33
CA LEU I 101 30.89 37.04 -38.37
C LEU I 101 30.84 35.56 -38.72
N SER I 102 31.97 34.98 -39.13
CA SER I 102 32.05 33.59 -39.56
C SER I 102 31.86 32.61 -38.42
N ASN I 103 31.35 31.41 -38.75
CA ASN I 103 31.17 30.25 -37.86
C ASN I 103 30.52 30.58 -36.52
N MET I 104 29.34 31.20 -36.55
CA MET I 104 28.63 31.64 -35.33
C MET I 104 27.48 30.74 -34.96
N ILE I 105 26.83 30.15 -35.98
CA ILE I 105 25.65 29.31 -35.79
C ILE I 105 26.06 27.87 -36.07
N VAL I 106 25.56 26.89 -35.26
CA VAL I 106 25.78 25.46 -35.54
C VAL I 106 24.49 25.02 -36.24
N LYS I 107 24.61 24.45 -37.42
CA LYS I 107 23.44 23.97 -38.17
C LYS I 107 23.36 22.46 -38.09
N SER I 108 24.46 21.81 -37.74
CA SER I 108 24.47 20.35 -37.60
C SER I 108 25.62 19.82 -36.74
N CYS I 109 25.40 18.61 -36.18
CA CYS I 109 26.30 17.92 -35.27
C CYS I 109 26.75 16.58 -35.81
N LYS I 110 27.80 16.06 -35.21
CA LYS I 110 28.30 14.71 -35.56
C LYS I 110 28.98 14.09 -34.33
N CYS I 111 29.07 12.76 -34.30
CA CYS I 111 29.84 12.02 -33.29
C CYS I 111 31.26 11.89 -33.82
N SER I 112 32.21 12.41 -33.04
CA SER I 112 33.65 12.51 -33.25
C SER I 112 34.24 11.55 -34.27
N ALA J 1 48.92 23.43 -33.11
CA ALA J 1 49.43 23.76 -31.79
C ALA J 1 49.41 22.54 -30.85
N LEU J 2 48.36 21.71 -30.94
CA LEU J 2 48.21 20.48 -30.16
C LEU J 2 48.52 19.34 -31.15
N ASP J 3 49.82 19.22 -31.46
CA ASP J 3 50.41 18.28 -32.43
C ASP J 3 51.45 17.34 -31.80
N ALA J 4 52.13 16.52 -32.65
CA ALA J 4 53.15 15.56 -32.22
C ALA J 4 54.26 16.28 -31.43
N ALA J 5 54.79 17.40 -31.98
CA ALA J 5 55.86 18.21 -31.37
C ALA J 5 55.28 19.16 -30.33
N TYR J 6 54.68 18.59 -29.27
CA TYR J 6 54.03 19.31 -28.16
C TYR J 6 53.46 18.32 -27.16
N CYS J 7 53.03 17.13 -27.64
CA CYS J 7 52.34 16.16 -26.79
C CYS J 7 52.91 14.78 -26.77
N PHE J 8 53.75 14.42 -27.75
CA PHE J 8 54.30 13.07 -27.75
C PHE J 8 55.36 12.90 -26.67
N ARG J 9 56.05 13.99 -26.26
CA ARG J 9 57.03 13.95 -25.17
C ARG J 9 56.42 14.30 -23.79
N ASN J 10 55.25 14.98 -23.77
CA ASN J 10 54.55 15.40 -22.54
C ASN J 10 53.19 14.74 -22.38
N VAL J 11 53.17 13.48 -21.90
CA VAL J 11 51.93 12.74 -21.67
C VAL J 11 51.21 13.40 -20.49
N GLN J 12 50.14 14.15 -20.79
CA GLN J 12 49.34 14.86 -19.79
C GLN J 12 47.86 14.45 -19.92
N ASP J 13 46.95 15.06 -19.13
CA ASP J 13 45.54 14.70 -19.14
C ASP J 13 44.65 15.58 -20.02
N ASN J 14 45.07 16.82 -20.33
CA ASN J 14 44.27 17.71 -21.19
C ASN J 14 44.32 17.26 -22.65
N CYS J 15 43.35 17.73 -23.45
CA CYS J 15 43.22 17.47 -24.88
C CYS J 15 44.53 17.57 -25.68
N CYS J 16 44.86 16.50 -26.40
CA CYS J 16 45.93 16.45 -27.38
C CYS J 16 46.06 15.11 -28.03
N LEU J 17 46.92 15.08 -29.06
CA LEU J 17 47.33 13.98 -29.88
C LEU J 17 47.87 12.85 -29.05
N ARG J 18 47.36 11.65 -29.34
CA ARG J 18 47.75 10.40 -28.69
C ARG J 18 48.27 9.42 -29.73
N PRO J 19 49.36 8.69 -29.43
CA PRO J 19 49.86 7.71 -30.41
C PRO J 19 48.96 6.51 -30.55
N LEU J 20 48.78 6.06 -31.81
CA LEU J 20 48.01 4.89 -32.14
C LEU J 20 48.47 4.27 -33.44
N TYR J 21 48.96 3.04 -33.33
CA TYR J 21 49.39 2.27 -34.48
C TYR J 21 48.29 1.33 -34.90
N ILE J 22 47.98 1.32 -36.19
CA ILE J 22 46.96 0.44 -36.75
C ILE J 22 47.58 -0.53 -37.74
N ASP J 23 47.33 -1.83 -37.54
CA ASP J 23 47.77 -2.89 -38.42
C ASP J 23 46.63 -3.16 -39.38
N PHE J 24 46.85 -3.04 -40.69
CA PHE J 24 45.75 -3.24 -41.67
C PHE J 24 45.17 -4.63 -41.63
N LYS J 25 46.02 -5.66 -41.62
CA LYS J 25 45.57 -7.05 -41.56
C LYS J 25 44.89 -7.40 -40.23
N ARG J 26 45.53 -7.10 -39.11
CA ARG J 26 45.05 -7.48 -37.78
C ARG J 26 43.93 -6.65 -37.24
N ASP J 27 43.97 -5.32 -37.44
CA ASP J 27 42.99 -4.39 -36.87
C ASP J 27 41.87 -3.97 -37.76
N LEU J 28 42.07 -4.00 -39.06
CA LEU J 28 41.06 -3.54 -39.99
C LEU J 28 40.57 -4.62 -40.91
N GLY J 29 41.30 -5.74 -40.95
CA GLY J 29 41.00 -6.85 -41.84
C GLY J 29 41.29 -6.52 -43.30
N TRP J 30 42.11 -5.48 -43.55
CA TRP J 30 42.48 -5.08 -44.92
C TRP J 30 43.73 -5.87 -45.29
N LYS J 31 43.61 -6.81 -46.23
CA LYS J 31 44.76 -7.65 -46.62
C LYS J 31 45.34 -7.28 -47.99
N TRP J 32 44.69 -6.37 -48.72
CA TRP J 32 45.03 -5.97 -50.08
C TRP J 32 46.22 -4.98 -50.21
N ILE J 33 46.64 -4.37 -49.10
CA ILE J 33 47.75 -3.40 -49.12
C ILE J 33 49.10 -4.10 -49.01
N HIS J 34 50.07 -3.73 -49.84
CA HIS J 34 51.40 -4.30 -49.79
C HIS J 34 52.30 -3.56 -48.78
N GLU J 35 52.41 -2.23 -48.93
CA GLU J 35 53.25 -1.39 -48.07
C GLU J 35 52.54 -0.08 -47.79
N PRO J 36 52.47 0.38 -46.52
CA PRO J 36 53.02 -0.24 -45.28
C PRO J 36 52.11 -1.34 -44.73
N LYS J 37 52.56 -2.06 -43.68
CA LYS J 37 51.76 -3.13 -43.01
C LYS J 37 50.80 -2.48 -42.02
N GLY J 38 51.14 -1.26 -41.63
CA GLY J 38 50.35 -0.50 -40.71
C GLY J 38 50.80 0.93 -40.69
N TYR J 39 50.13 1.75 -39.88
CA TYR J 39 50.46 3.15 -39.83
C TYR J 39 50.01 3.80 -38.54
N ASN J 40 50.62 4.94 -38.27
CA ASN J 40 50.31 5.74 -37.09
C ASN J 40 49.16 6.66 -37.40
N ALA J 41 47.94 6.19 -37.11
CA ALA J 41 46.71 6.94 -37.30
C ALA J 41 46.58 8.00 -36.27
N ASN J 42 46.96 7.69 -35.01
CA ASN J 42 46.80 8.55 -33.82
C ASN J 42 45.33 8.84 -33.48
N PHE J 43 45.11 9.49 -32.37
CA PHE J 43 43.75 9.88 -31.96
C PHE J 43 43.81 11.05 -31.04
N CYS J 44 42.66 11.69 -30.78
CA CYS J 44 42.55 12.84 -29.91
C CYS J 44 41.78 12.46 -28.66
N ALA J 45 42.29 12.85 -27.48
CA ALA J 45 41.63 12.56 -26.20
C ALA J 45 42.16 13.49 -25.12
N GLY J 46 41.34 13.75 -24.11
CA GLY J 46 41.71 14.60 -22.99
C GLY J 46 40.67 15.62 -22.58
N ALA J 47 40.84 16.21 -21.38
CA ALA J 47 39.94 17.22 -20.82
C ALA J 47 40.12 18.57 -21.53
N CYS J 48 39.07 19.40 -21.52
CA CYS J 48 39.10 20.70 -22.19
C CYS J 48 38.85 21.90 -21.23
N PRO J 49 39.85 22.31 -20.41
CA PRO J 49 39.64 23.46 -19.51
C PRO J 49 39.58 24.84 -20.21
N TRP J 52 41.88 26.07 -23.38
CA TRP J 52 43.05 25.20 -23.52
C TRP J 52 43.39 25.05 -25.01
N ASP J 55 37.16 25.09 -31.54
CA ASP J 55 38.16 26.15 -31.55
C ASP J 55 37.84 27.27 -32.59
N THR J 56 36.57 27.32 -33.07
CA THR J 56 36.08 28.33 -34.03
C THR J 56 35.30 29.40 -33.22
N GLN J 57 34.85 30.53 -33.85
CA GLN J 57 34.11 31.58 -33.15
C GLN J 57 32.99 31.05 -32.22
N HIS J 58 32.14 30.12 -32.73
CA HIS J 58 31.05 29.52 -31.93
C HIS J 58 31.51 28.92 -30.60
N SER J 59 32.67 28.22 -30.56
CA SER J 59 33.13 27.67 -29.29
C SER J 59 33.55 28.78 -28.30
N ARG J 60 34.13 29.91 -28.80
CA ARG J 60 34.51 31.05 -27.94
C ARG J 60 33.27 31.80 -27.43
N VAL J 61 32.20 31.81 -28.24
CA VAL J 61 30.90 32.44 -27.91
C VAL J 61 30.26 31.65 -26.77
N LEU J 62 30.27 30.29 -26.84
CA LEU J 62 29.71 29.43 -25.77
C LEU J 62 30.47 29.59 -24.49
N SER J 63 31.81 29.72 -24.57
CA SER J 63 32.62 29.88 -23.36
C SER J 63 32.30 31.18 -22.64
N LEU J 64 31.96 32.23 -23.40
CA LEU J 64 31.59 33.52 -22.85
C LEU J 64 30.19 33.45 -22.26
N TYR J 65 29.25 32.88 -23.02
CA TYR J 65 27.86 32.66 -22.62
C TYR J 65 27.79 31.86 -21.32
N ASN J 66 28.54 30.74 -21.26
CA ASN J 66 28.63 29.84 -20.11
C ASN J 66 29.09 30.53 -18.84
N THR J 67 29.79 31.66 -18.96
CA THR J 67 30.26 32.46 -17.83
C THR J 67 29.22 33.52 -17.40
N ILE J 68 28.58 34.21 -18.35
CA ILE J 68 27.65 35.29 -18.07
C ILE J 68 26.24 34.76 -17.78
N ASN J 69 25.74 33.83 -18.56
CA ASN J 69 24.41 33.30 -18.26
C ASN J 69 24.52 32.37 -17.02
N PRO J 70 23.55 32.45 -16.06
CA PRO J 70 23.63 31.58 -14.87
C PRO J 70 23.59 30.08 -15.21
N GLU J 71 22.89 29.71 -16.30
CA GLU J 71 22.68 28.33 -16.75
C GLU J 71 23.56 28.08 -17.97
N ALA J 72 24.72 27.44 -17.78
CA ALA J 72 25.63 27.14 -18.88
C ALA J 72 25.04 26.12 -19.86
N SER J 73 25.47 26.18 -21.14
CA SER J 73 25.01 25.27 -22.17
C SER J 73 25.94 24.04 -22.23
N ALA J 74 26.76 23.90 -23.29
CA ALA J 74 27.64 22.76 -23.44
C ALA J 74 29.08 23.09 -23.15
N SER J 75 29.84 22.06 -22.76
CA SER J 75 31.27 22.15 -22.48
C SER J 75 32.06 21.58 -23.65
N PRO J 76 33.31 22.00 -23.91
CA PRO J 76 34.02 21.46 -25.07
C PRO J 76 34.62 20.07 -24.87
N CYS J 77 34.75 19.31 -25.97
CA CYS J 77 35.41 18.00 -25.93
C CYS J 77 36.54 17.87 -26.96
N CYS J 78 37.49 16.99 -26.66
CA CYS J 78 38.70 16.76 -27.45
C CYS J 78 38.43 16.02 -28.73
N VAL J 79 38.64 16.69 -29.86
CA VAL J 79 38.33 16.11 -31.15
C VAL J 79 39.50 16.35 -32.16
N SER J 80 39.49 15.62 -33.30
CA SER J 80 40.45 15.78 -34.41
C SER J 80 40.28 17.15 -35.04
N GLN J 81 41.39 17.82 -35.37
CA GLN J 81 41.33 19.10 -36.09
C GLN J 81 41.83 18.84 -37.52
N ASP J 82 43.15 18.77 -37.71
CA ASP J 82 43.77 18.51 -39.01
C ASP J 82 43.98 17.04 -39.26
N LEU J 83 43.56 16.58 -40.43
CA LEU J 83 43.72 15.21 -40.91
C LEU J 83 44.71 15.21 -42.05
N GLU J 84 45.29 14.06 -42.38
CA GLU J 84 46.29 13.96 -43.44
C GLU J 84 46.13 12.66 -44.18
N PRO J 85 46.46 12.63 -45.48
CA PRO J 85 46.34 11.36 -46.21
C PRO J 85 47.45 10.37 -45.87
N LEU J 86 47.25 9.10 -46.19
CA LEU J 86 48.28 8.09 -46.07
C LEU J 86 48.59 7.57 -47.48
N THR J 87 49.86 7.58 -47.89
CA THR J 87 50.22 7.00 -49.19
C THR J 87 50.39 5.51 -49.01
N ILE J 88 49.79 4.73 -49.92
CA ILE J 88 49.92 3.28 -49.90
C ILE J 88 50.49 2.70 -51.21
N LEU J 89 51.03 1.48 -51.12
CA LEU J 89 51.51 0.77 -52.29
C LEU J 89 50.82 -0.56 -52.33
N TYR J 90 50.15 -0.87 -53.45
CA TYR J 90 49.49 -2.17 -53.61
C TYR J 90 49.62 -2.70 -55.02
N TYR J 91 49.30 -3.98 -55.20
CA TYR J 91 49.42 -4.60 -56.51
C TYR J 91 48.12 -5.15 -57.02
N ILE J 92 47.88 -4.93 -58.32
CA ILE J 92 46.82 -5.55 -59.09
C ILE J 92 47.63 -6.41 -60.07
N GLY J 93 47.95 -7.62 -59.62
CA GLY J 93 48.80 -8.54 -60.36
C GLY J 93 50.27 -8.27 -60.11
N LYS J 94 50.90 -7.46 -60.99
CA LYS J 94 52.32 -7.10 -60.94
C LYS J 94 52.57 -5.60 -61.13
N THR J 95 51.53 -4.86 -61.57
CA THR J 95 51.61 -3.41 -61.79
C THR J 95 51.56 -2.65 -60.39
N PRO J 96 52.66 -1.97 -59.96
CA PRO J 96 52.63 -1.30 -58.66
C PRO J 96 51.79 -0.04 -58.68
N LYS J 97 50.81 0.02 -57.77
CA LYS J 97 49.89 1.15 -57.65
C LYS J 97 50.21 1.95 -56.41
N ILE J 98 50.57 3.25 -56.59
CA ILE J 98 50.91 4.18 -55.52
C ILE J 98 49.78 5.18 -55.42
N GLU J 99 48.98 5.07 -54.34
CA GLU J 99 47.77 5.88 -54.12
C GLU J 99 47.69 6.51 -52.76
N GLN J 100 46.96 7.62 -52.66
CA GLN J 100 46.69 8.31 -51.41
C GLN J 100 45.36 7.83 -50.89
N LEU J 101 45.31 7.52 -49.60
CA LEU J 101 44.07 7.24 -48.90
C LEU J 101 43.82 8.53 -48.12
N SER J 102 42.77 9.27 -48.48
CA SER J 102 42.46 10.57 -47.85
C SER J 102 42.05 10.47 -46.39
N ASN J 103 42.42 11.48 -45.62
CA ASN J 103 42.05 11.72 -44.22
C ASN J 103 42.23 10.56 -43.29
N MET J 104 43.38 9.86 -43.38
CA MET J 104 43.67 8.67 -42.59
C MET J 104 44.33 8.94 -41.26
N ILE J 105 45.08 10.02 -41.16
CA ILE J 105 45.91 10.35 -40.00
C ILE J 105 45.47 11.62 -39.37
N VAL J 106 45.38 11.65 -38.04
CA VAL J 106 45.10 12.91 -37.36
C VAL J 106 46.46 13.52 -36.96
N LYS J 107 46.66 14.77 -37.36
CA LYS J 107 47.87 15.57 -37.22
C LYS J 107 47.76 16.51 -36.00
N SER J 108 46.55 17.00 -35.70
CA SER J 108 46.34 17.90 -34.56
C SER J 108 44.95 17.76 -33.94
N CYS J 109 44.82 18.25 -32.72
CA CYS J 109 43.59 18.16 -31.93
C CYS J 109 43.07 19.51 -31.59
N LYS J 110 41.77 19.60 -31.29
CA LYS J 110 41.12 20.85 -30.84
C LYS J 110 40.04 20.55 -29.79
N CYS J 111 39.67 21.59 -29.04
CA CYS J 111 38.60 21.52 -28.04
C CYS J 111 37.37 22.11 -28.72
N SER J 112 36.43 21.28 -29.16
CA SER J 112 35.23 21.76 -29.86
C SER J 112 33.93 21.46 -29.10
N ALA K 1 -54.69 -28.25 14.26
CA ALA K 1 -53.59 -28.09 15.21
C ALA K 1 -52.25 -28.07 14.49
N LEU K 2 -51.19 -27.60 15.19
CA LEU K 2 -49.87 -27.58 14.58
C LEU K 2 -49.16 -28.85 14.98
N ASP K 3 -49.52 -29.94 14.29
CA ASP K 3 -49.01 -31.27 14.56
C ASP K 3 -48.34 -31.92 13.35
N ALA K 4 -47.88 -33.18 13.52
CA ALA K 4 -47.22 -33.96 12.48
C ALA K 4 -48.08 -34.03 11.20
N ALA K 5 -49.40 -34.35 11.36
CA ALA K 5 -50.39 -34.47 10.26
C ALA K 5 -50.51 -33.21 9.42
N TYR K 6 -50.49 -32.02 10.09
CA TYR K 6 -50.60 -30.74 9.39
C TYR K 6 -49.27 -30.25 8.81
N CYS K 7 -48.18 -30.37 9.57
CA CYS K 7 -46.89 -29.77 9.29
C CYS K 7 -45.94 -30.56 8.39
N PHE K 8 -45.83 -31.88 8.59
CA PHE K 8 -44.77 -32.71 8.01
C PHE K 8 -44.69 -32.74 6.48
N ARG K 9 -45.80 -32.88 5.77
CA ARG K 9 -45.72 -32.90 4.30
C ARG K 9 -46.04 -31.52 3.69
N ASN K 10 -46.16 -30.50 4.55
CA ASN K 10 -46.51 -29.13 4.19
C ASN K 10 -45.47 -28.22 4.82
N VAL K 11 -44.23 -28.29 4.32
CA VAL K 11 -43.14 -27.48 4.86
C VAL K 11 -43.35 -26.01 4.50
N GLN K 12 -43.74 -25.23 5.50
CA GLN K 12 -43.89 -23.80 5.35
C GLN K 12 -43.14 -23.11 6.49
N ASP K 13 -43.03 -21.78 6.43
CA ASP K 13 -42.17 -21.00 7.30
C ASP K 13 -42.80 -20.53 8.61
N ASN K 14 -44.11 -20.61 8.77
CA ASN K 14 -44.76 -20.27 10.02
C ASN K 14 -44.58 -21.41 11.02
N CYS K 15 -44.81 -21.10 12.32
CA CYS K 15 -44.72 -22.01 13.43
C CYS K 15 -45.34 -23.38 13.11
N CYS K 16 -44.52 -24.43 13.26
CA CYS K 16 -44.92 -25.80 12.98
C CYS K 16 -44.06 -26.81 13.65
N LEU K 17 -44.59 -28.02 13.73
CA LEU K 17 -43.86 -29.14 14.26
C LEU K 17 -42.84 -29.53 13.20
N ARG K 18 -41.63 -29.78 13.62
CA ARG K 18 -40.55 -30.11 12.71
C ARG K 18 -39.98 -31.49 13.09
N PRO K 19 -39.65 -32.34 12.11
CA PRO K 19 -39.11 -33.66 12.47
C PRO K 19 -37.70 -33.59 13.02
N LEU K 20 -37.45 -34.36 14.04
CA LEU K 20 -36.12 -34.49 14.61
C LEU K 20 -35.99 -35.88 15.16
N TYR K 21 -35.06 -36.67 14.56
CA TYR K 21 -34.78 -38.00 15.06
C TYR K 21 -33.57 -37.86 15.96
N ILE K 22 -33.61 -38.42 17.16
CA ILE K 22 -32.43 -38.35 18.05
C ILE K 22 -31.91 -39.80 18.32
N ASP K 23 -30.60 -40.03 18.13
CA ASP K 23 -29.94 -41.29 18.44
C ASP K 23 -29.43 -41.18 19.88
N PHE K 24 -29.78 -42.14 20.77
CA PHE K 24 -29.41 -42.02 22.18
C PHE K 24 -27.92 -42.01 22.43
N LYS K 25 -27.20 -42.89 21.76
CA LYS K 25 -25.77 -43.02 22.00
C LYS K 25 -24.98 -41.91 21.35
N ARG K 26 -25.29 -41.61 20.08
CA ARG K 26 -24.61 -40.64 19.21
C ARG K 26 -24.87 -39.19 19.59
N ASP K 27 -26.13 -38.86 19.90
CA ASP K 27 -26.56 -37.49 20.15
C ASP K 27 -26.68 -37.10 21.62
N LEU K 28 -26.97 -38.06 22.52
CA LEU K 28 -27.16 -37.70 23.92
C LEU K 28 -26.09 -38.22 24.84
N GLY K 29 -25.39 -39.28 24.42
CA GLY K 29 -24.40 -39.93 25.26
C GLY K 29 -25.07 -40.83 26.29
N TRP K 30 -26.30 -41.30 25.98
CA TRP K 30 -27.05 -42.19 26.88
C TRP K 30 -26.80 -43.61 26.35
N LYS K 31 -25.83 -44.31 26.95
CA LYS K 31 -25.37 -45.63 26.51
C LYS K 31 -26.11 -46.84 27.11
N TRP K 32 -26.95 -46.61 28.11
CA TRP K 32 -27.67 -47.62 28.88
C TRP K 32 -28.96 -48.16 28.25
N ILE K 33 -29.60 -47.42 27.33
CA ILE K 33 -30.86 -47.83 26.69
C ILE K 33 -30.60 -48.94 25.67
N HIS K 34 -31.38 -50.02 25.75
CA HIS K 34 -31.28 -51.17 24.85
C HIS K 34 -32.17 -50.97 23.61
N GLU K 35 -33.42 -50.58 23.84
CA GLU K 35 -34.39 -50.31 22.81
C GLU K 35 -35.24 -49.09 23.17
N PRO K 36 -35.61 -48.22 22.21
CA PRO K 36 -35.16 -48.19 20.80
C PRO K 36 -33.76 -47.54 20.72
N LYS K 37 -33.12 -47.56 19.53
CA LYS K 37 -31.79 -46.93 19.38
C LYS K 37 -31.92 -45.40 19.32
N GLY K 38 -33.06 -44.95 18.84
CA GLY K 38 -33.37 -43.52 18.78
C GLY K 38 -34.86 -43.31 18.69
N TYR K 39 -35.29 -42.05 18.59
CA TYR K 39 -36.71 -41.76 18.54
C TYR K 39 -36.99 -40.40 17.92
N ASN K 40 -38.22 -40.20 17.49
CA ASN K 40 -38.65 -38.95 16.90
C ASN K 40 -39.08 -37.95 17.99
N ALA K 41 -38.07 -37.21 18.53
CA ALA K 41 -38.31 -36.19 19.54
C ALA K 41 -39.10 -35.00 18.98
N ASN K 42 -38.75 -34.55 17.76
CA ASN K 42 -39.30 -33.40 17.05
C ASN K 42 -39.02 -32.10 17.82
N PHE K 43 -39.44 -30.99 17.27
CA PHE K 43 -39.30 -29.66 17.89
C PHE K 43 -40.24 -28.72 17.19
N CYS K 44 -40.39 -27.51 17.76
CA CYS K 44 -41.23 -26.47 17.24
C CYS K 44 -40.40 -25.34 16.76
N ALA K 45 -40.71 -24.82 15.57
CA ALA K 45 -39.98 -23.64 15.03
C ALA K 45 -40.74 -22.98 13.91
N GLY K 46 -40.56 -21.68 13.79
CA GLY K 46 -41.16 -20.90 12.71
C GLY K 46 -41.70 -19.56 13.14
N ALA K 47 -42.17 -18.75 12.18
CA ALA K 47 -42.73 -17.40 12.42
C ALA K 47 -44.10 -17.44 13.03
N CYS K 48 -44.41 -16.42 13.84
CA CYS K 48 -45.69 -16.32 14.50
C CYS K 48 -46.51 -15.07 14.07
N PRO K 49 -47.06 -15.01 12.83
CA PRO K 49 -47.90 -13.85 12.45
C PRO K 49 -49.29 -13.91 13.09
N THR K 56 -53.75 -19.94 23.46
CA THR K 56 -54.25 -19.60 24.79
C THR K 56 -54.87 -18.21 24.85
N GLN K 57 -55.77 -17.99 25.81
CA GLN K 57 -56.44 -16.72 26.03
C GLN K 57 -55.43 -15.58 26.28
N HIS K 58 -54.36 -15.85 27.07
CA HIS K 58 -53.36 -14.83 27.37
C HIS K 58 -52.62 -14.35 26.09
N SER K 59 -52.23 -15.28 25.21
CA SER K 59 -51.56 -14.92 23.94
C SER K 59 -52.55 -14.19 23.05
N ARG K 60 -53.83 -14.59 23.05
CA ARG K 60 -54.85 -13.89 22.26
C ARG K 60 -55.11 -12.47 22.81
N VAL K 61 -55.03 -12.28 24.15
CA VAL K 61 -55.24 -10.92 24.69
C VAL K 61 -54.01 -10.06 24.40
N LEU K 62 -52.80 -10.66 24.45
CA LEU K 62 -51.55 -9.96 24.15
C LEU K 62 -51.51 -9.50 22.69
N SER K 63 -51.98 -10.35 21.77
CA SER K 63 -52.06 -10.02 20.35
C SER K 63 -53.01 -8.85 20.09
N LEU K 64 -54.12 -8.76 20.84
CA LEU K 64 -55.11 -7.69 20.71
C LEU K 64 -54.59 -6.37 21.33
N TYR K 65 -53.98 -6.46 22.52
CA TYR K 65 -53.36 -5.36 23.21
C TYR K 65 -52.27 -4.74 22.32
N ASN K 66 -51.47 -5.59 21.64
CA ASN K 66 -50.35 -5.12 20.81
C ASN K 66 -50.81 -4.35 19.61
N THR K 67 -52.07 -4.52 19.20
CA THR K 67 -52.59 -3.79 18.07
C THR K 67 -53.26 -2.49 18.57
N ILE K 68 -54.00 -2.53 19.69
CA ILE K 68 -54.75 -1.38 20.18
C ILE K 68 -53.87 -0.36 20.95
N ASN K 69 -52.97 -0.83 21.78
CA ASN K 69 -52.10 0.08 22.50
C ASN K 69 -51.00 0.59 21.54
N PRO K 70 -50.65 1.90 21.56
CA PRO K 70 -49.53 2.37 20.71
C PRO K 70 -48.19 1.70 21.03
N GLU K 71 -48.00 1.26 22.28
CA GLU K 71 -46.74 0.63 22.70
C GLU K 71 -46.92 -0.90 22.93
N ALA K 72 -46.58 -1.73 21.90
CA ALA K 72 -46.77 -3.20 22.00
C ALA K 72 -45.90 -3.80 23.07
N SER K 73 -46.32 -4.94 23.65
CA SER K 73 -45.56 -5.60 24.71
C SER K 73 -44.65 -6.69 24.09
N ALA K 74 -44.94 -7.98 24.32
CA ALA K 74 -44.13 -9.07 23.78
C ALA K 74 -44.64 -9.63 22.46
N SER K 75 -43.72 -10.14 21.66
CA SER K 75 -44.05 -10.74 20.37
C SER K 75 -44.07 -12.29 20.54
N PRO K 76 -44.99 -13.02 19.86
CA PRO K 76 -45.05 -14.48 20.07
C PRO K 76 -43.83 -15.29 19.61
N CYS K 77 -43.64 -16.45 20.23
CA CYS K 77 -42.60 -17.50 20.13
C CYS K 77 -43.27 -18.74 19.57
N CYS K 78 -42.56 -19.56 18.76
CA CYS K 78 -43.05 -20.89 18.37
C CYS K 78 -42.49 -21.85 19.39
N VAL K 79 -43.36 -22.54 20.16
CA VAL K 79 -42.92 -23.46 21.23
C VAL K 79 -43.82 -24.67 21.33
N SER K 80 -43.35 -25.67 22.08
CA SER K 80 -44.03 -26.93 22.36
C SER K 80 -45.36 -26.68 23.07
N GLN K 81 -46.42 -27.34 22.58
CA GLN K 81 -47.76 -27.27 23.16
C GLN K 81 -47.94 -28.60 23.94
N ASP K 82 -48.22 -29.70 23.25
CA ASP K 82 -48.43 -31.05 23.84
C ASP K 82 -47.17 -31.90 23.77
N LEU K 83 -46.86 -32.63 24.86
CA LEU K 83 -45.72 -33.55 24.95
C LEU K 83 -46.25 -34.95 25.21
N GLU K 84 -45.51 -35.96 24.75
CA GLU K 84 -45.89 -37.38 24.86
C GLU K 84 -44.75 -38.20 25.48
N PRO K 85 -45.06 -39.31 26.16
CA PRO K 85 -43.99 -40.11 26.75
C PRO K 85 -43.37 -41.01 25.70
N LEU K 86 -42.20 -41.54 26.01
CA LEU K 86 -41.54 -42.51 25.13
C LEU K 86 -41.26 -43.80 25.97
N THR K 87 -41.63 -44.95 25.46
CA THR K 87 -41.41 -46.24 26.13
C THR K 87 -40.04 -46.76 25.77
N ILE K 88 -39.23 -47.11 26.79
CA ILE K 88 -37.89 -47.64 26.52
C ILE K 88 -37.67 -48.98 27.20
N LEU K 89 -36.64 -49.71 26.76
CA LEU K 89 -36.20 -50.95 27.35
C LEU K 89 -34.72 -50.80 27.68
N TYR K 90 -34.35 -51.00 28.96
CA TYR K 90 -32.96 -51.00 29.39
C TYR K 90 -32.73 -52.20 30.35
N TYR K 91 -31.46 -52.46 30.72
CA TYR K 91 -31.09 -53.57 31.59
C TYR K 91 -30.39 -53.12 32.88
N ILE K 92 -30.78 -53.71 34.02
CA ILE K 92 -30.19 -53.49 35.35
C ILE K 92 -29.55 -54.84 35.57
N GLY K 93 -28.24 -54.92 35.24
CA GLY K 93 -27.53 -56.19 35.22
C GLY K 93 -28.02 -56.92 33.98
N LYS K 94 -28.51 -58.15 34.13
CA LYS K 94 -29.12 -58.94 33.04
C LYS K 94 -30.67 -58.98 33.16
N THR K 95 -31.26 -58.13 34.02
CA THR K 95 -32.72 -58.11 34.16
C THR K 95 -33.36 -56.98 33.30
N PRO K 96 -34.35 -57.32 32.44
CA PRO K 96 -34.98 -56.29 31.60
C PRO K 96 -35.84 -55.35 32.42
N LYS K 97 -35.90 -54.08 32.00
CA LYS K 97 -36.69 -53.06 32.68
C LYS K 97 -37.34 -52.13 31.65
N ILE K 98 -38.68 -52.18 31.58
CA ILE K 98 -39.42 -51.28 30.68
C ILE K 98 -39.77 -50.03 31.46
N GLU K 99 -39.57 -48.85 30.85
CA GLU K 99 -39.92 -47.61 31.52
C GLU K 99 -40.55 -46.64 30.56
N GLN K 100 -41.57 -45.91 31.01
CA GLN K 100 -42.20 -44.87 30.20
C GLN K 100 -41.51 -43.60 30.65
N LEU K 101 -40.69 -42.97 29.79
CA LEU K 101 -40.02 -41.71 30.13
C LEU K 101 -40.94 -40.58 29.70
N SER K 102 -41.37 -39.78 30.69
CA SER K 102 -42.32 -38.68 30.52
C SER K 102 -41.78 -37.54 29.66
N ASN K 103 -42.69 -36.89 28.88
CA ASN K 103 -42.45 -35.64 28.12
C ASN K 103 -41.17 -35.67 27.27
N MET K 104 -40.96 -36.76 26.54
CA MET K 104 -39.77 -36.93 25.72
C MET K 104 -40.01 -36.41 24.30
N ILE K 105 -41.28 -36.47 23.85
CA ILE K 105 -41.68 -36.12 22.49
C ILE K 105 -42.55 -34.87 22.48
N VAL K 106 -42.38 -34.01 21.45
CA VAL K 106 -43.30 -32.90 21.20
C VAL K 106 -44.26 -33.41 20.14
N LYS K 107 -45.56 -33.30 20.40
CA LYS K 107 -46.69 -33.75 19.56
C LYS K 107 -47.33 -32.57 18.80
N SER K 108 -47.37 -31.35 19.39
CA SER K 108 -47.97 -30.19 18.70
C SER K 108 -47.32 -28.92 19.18
N CYS K 109 -47.43 -27.87 18.38
CA CYS K 109 -46.81 -26.58 18.65
C CYS K 109 -47.83 -25.50 18.86
N LYS K 110 -47.36 -24.34 19.36
CA LYS K 110 -48.20 -23.13 19.48
C LYS K 110 -47.38 -21.87 19.41
N CYS K 111 -48.04 -20.77 19.05
CA CYS K 111 -47.47 -19.45 19.08
C CYS K 111 -47.87 -18.85 20.40
N SER K 112 -46.89 -18.58 21.27
CA SER K 112 -47.18 -18.02 22.61
C SER K 112 -46.22 -16.91 23.04
N ALA L 1 -39.91 -20.60 39.26
CA ALA L 1 -38.92 -19.72 39.90
C ALA L 1 -38.76 -18.37 39.18
N LEU L 2 -39.07 -18.26 37.85
CA LEU L 2 -39.04 -16.96 37.16
C LEU L 2 -40.46 -16.34 37.34
N ASP L 3 -40.79 -15.98 38.58
CA ASP L 3 -42.08 -15.42 38.98
C ASP L 3 -41.95 -13.97 39.46
N ALA L 4 -43.04 -13.35 39.96
CA ALA L 4 -43.02 -11.94 40.42
C ALA L 4 -42.03 -11.73 41.59
N ALA L 5 -42.01 -12.67 42.55
CA ALA L 5 -41.11 -12.64 43.71
C ALA L 5 -39.63 -12.49 43.32
N TYR L 6 -39.20 -13.20 42.27
CA TYR L 6 -37.85 -13.19 41.75
C TYR L 6 -37.61 -12.06 40.74
N CYS L 7 -38.51 -11.91 39.75
CA CYS L 7 -38.33 -10.96 38.65
C CYS L 7 -38.63 -9.50 38.96
N PHE L 8 -39.76 -9.17 39.63
CA PHE L 8 -40.19 -7.79 39.89
C PHE L 8 -39.38 -7.01 40.95
N ARG L 9 -38.20 -7.51 41.32
CA ARG L 9 -37.30 -6.95 42.33
C ARG L 9 -36.01 -6.40 41.69
N ASN L 10 -35.52 -7.09 40.66
CA ASN L 10 -34.34 -6.69 39.90
C ASN L 10 -34.66 -6.85 38.42
N VAL L 11 -34.60 -5.74 37.66
CA VAL L 11 -34.84 -5.76 36.21
C VAL L 11 -33.59 -6.39 35.57
N GLN L 12 -33.80 -7.62 35.06
CA GLN L 12 -32.85 -8.54 34.46
C GLN L 12 -33.08 -8.57 32.94
N ASP L 13 -32.00 -8.71 32.16
CA ASP L 13 -32.06 -8.78 30.71
C ASP L 13 -32.51 -10.14 30.21
N ASN L 14 -32.23 -11.20 30.98
CA ASN L 14 -32.63 -12.56 30.65
C ASN L 14 -34.10 -12.83 30.94
N CYS L 15 -34.62 -13.89 30.30
CA CYS L 15 -36.01 -14.32 30.40
C CYS L 15 -36.60 -14.24 31.73
N CYS L 16 -37.84 -13.73 31.80
CA CYS L 16 -38.62 -13.86 32.99
C CYS L 16 -39.77 -12.85 33.08
N LEU L 17 -40.59 -12.98 34.11
CA LEU L 17 -41.86 -12.26 34.23
C LEU L 17 -41.75 -10.74 34.15
N ARG L 18 -42.61 -10.13 33.33
CA ARG L 18 -42.61 -8.67 33.13
C ARG L 18 -43.97 -8.10 33.48
N PRO L 19 -44.07 -7.00 34.26
CA PRO L 19 -45.41 -6.49 34.60
C PRO L 19 -46.15 -5.87 33.41
N LEU L 20 -47.45 -6.13 33.33
CA LEU L 20 -48.30 -5.58 32.27
C LEU L 20 -49.73 -5.45 32.74
N TYR L 21 -50.22 -4.19 32.76
CA TYR L 21 -51.57 -3.89 33.17
C TYR L 21 -52.38 -3.65 31.93
N ILE L 22 -53.53 -4.32 31.82
CA ILE L 22 -54.38 -4.22 30.64
C ILE L 22 -55.74 -3.64 31.05
N ASP L 23 -56.18 -2.53 30.38
CA ASP L 23 -57.48 -1.91 30.61
C ASP L 23 -58.40 -2.55 29.61
N PHE L 24 -59.52 -3.13 30.04
CA PHE L 24 -60.40 -3.80 29.09
C PHE L 24 -60.96 -2.92 27.98
N LYS L 25 -61.47 -1.74 28.32
CA LYS L 25 -62.11 -0.82 27.38
C LYS L 25 -61.07 -0.13 26.51
N ARG L 26 -60.04 0.43 27.12
CA ARG L 26 -58.99 1.17 26.42
C ARG L 26 -58.06 0.26 25.62
N ASP L 27 -57.56 -0.84 26.23
CA ASP L 27 -56.57 -1.73 25.60
C ASP L 27 -57.13 -2.87 24.79
N LEU L 28 -58.34 -3.33 25.07
CA LEU L 28 -58.89 -4.47 24.31
C LEU L 28 -60.16 -4.19 23.53
N GLY L 29 -60.81 -3.08 23.86
CA GLY L 29 -62.09 -2.71 23.25
C GLY L 29 -63.24 -3.52 23.80
N TRP L 30 -63.03 -4.22 24.94
CA TRP L 30 -64.04 -5.05 25.62
C TRP L 30 -64.80 -4.13 26.57
N LYS L 31 -65.72 -3.36 26.01
CA LYS L 31 -66.53 -2.33 26.68
C LYS L 31 -67.70 -2.88 27.51
N TRP L 32 -68.04 -4.13 27.32
CA TRP L 32 -69.13 -4.86 27.97
C TRP L 32 -68.75 -5.37 29.39
N ILE L 33 -67.44 -5.45 29.74
CA ILE L 33 -66.97 -5.94 31.06
C ILE L 33 -67.22 -4.90 32.18
N HIS L 34 -68.06 -5.25 33.15
CA HIS L 34 -68.36 -4.37 34.28
C HIS L 34 -67.25 -4.42 35.33
N GLU L 35 -66.80 -5.65 35.68
CA GLU L 35 -65.74 -5.83 36.67
C GLU L 35 -64.77 -6.94 36.27
N PRO L 36 -63.45 -6.79 36.53
CA PRO L 36 -62.78 -5.57 37.01
C PRO L 36 -62.62 -4.61 35.80
N LYS L 37 -62.08 -3.40 36.00
CA LYS L 37 -61.86 -2.47 34.88
C LYS L 37 -60.61 -2.86 34.04
N GLY L 38 -59.71 -3.54 34.69
CA GLY L 38 -58.48 -4.03 34.08
C GLY L 38 -57.85 -5.07 34.98
N TYR L 39 -56.67 -5.58 34.59
CA TYR L 39 -55.99 -6.60 35.38
C TYR L 39 -54.51 -6.72 35.03
N ASN L 40 -53.76 -7.34 35.94
CA ASN L 40 -52.33 -7.55 35.78
C ASN L 40 -52.09 -8.85 35.05
N ALA L 41 -52.07 -8.76 33.71
CA ALA L 41 -51.91 -9.93 32.85
C ALA L 41 -50.49 -10.45 32.84
N ASN L 42 -49.53 -9.50 32.80
CA ASN L 42 -48.08 -9.70 32.70
C ASN L 42 -47.75 -10.33 31.36
N PHE L 43 -46.46 -10.53 31.12
CA PHE L 43 -45.93 -11.21 29.92
C PHE L 43 -44.58 -11.76 30.24
N CYS L 44 -44.00 -12.55 29.31
CA CYS L 44 -42.66 -13.13 29.44
C CYS L 44 -41.74 -12.56 28.38
N ALA L 45 -40.54 -12.12 28.75
CA ALA L 45 -39.58 -11.63 27.77
C ALA L 45 -38.15 -11.61 28.30
N GLY L 46 -37.18 -11.75 27.39
CA GLY L 46 -35.76 -11.73 27.72
C GLY L 46 -34.98 -12.88 27.12
N ALA L 47 -33.63 -12.74 27.13
CA ALA L 47 -32.69 -13.69 26.57
C ALA L 47 -32.68 -15.03 27.27
N CYS L 48 -32.47 -16.07 26.49
CA CYS L 48 -32.43 -17.42 27.00
C CYS L 48 -31.03 -18.04 26.79
N PRO L 49 -30.14 -17.99 27.80
CA PRO L 49 -28.81 -18.62 27.65
C PRO L 49 -28.87 -20.16 27.76
N TRP L 52 -31.05 -22.03 31.53
CA TRP L 52 -31.71 -20.92 32.22
C TRP L 52 -32.97 -21.49 32.86
N SER L 54 -34.71 -25.20 31.44
CA SER L 54 -34.57 -26.66 31.30
C SER L 54 -35.63 -27.39 32.17
N ASP L 55 -36.88 -26.93 32.00
CA ASP L 55 -38.11 -27.30 32.69
C ASP L 55 -38.60 -28.73 32.39
N THR L 56 -38.68 -29.08 31.10
CA THR L 56 -39.16 -30.39 30.67
C THR L 56 -38.02 -31.29 30.23
N GLN L 57 -38.27 -32.60 30.15
CA GLN L 57 -37.27 -33.57 29.72
C GLN L 57 -36.91 -33.24 28.25
N HIS L 58 -37.94 -32.98 27.43
CA HIS L 58 -37.79 -32.62 26.01
C HIS L 58 -36.87 -31.39 25.81
N SER L 59 -37.01 -30.33 26.67
CA SER L 59 -36.15 -29.12 26.61
C SER L 59 -34.70 -29.48 26.93
N ARG L 60 -34.49 -30.36 27.93
CA ARG L 60 -33.14 -30.79 28.33
C ARG L 60 -32.52 -31.65 27.22
N VAL L 61 -33.33 -32.49 26.56
CA VAL L 61 -32.89 -33.36 25.46
C VAL L 61 -32.37 -32.47 24.31
N LEU L 62 -33.19 -31.51 23.87
CA LEU L 62 -32.88 -30.57 22.79
C LEU L 62 -31.63 -29.80 23.08
N SER L 63 -31.50 -29.29 24.30
CA SER L 63 -30.33 -28.55 24.77
C SER L 63 -29.05 -29.40 24.67
N LEU L 64 -29.14 -30.68 25.06
CA LEU L 64 -28.01 -31.60 24.97
C LEU L 64 -27.67 -31.92 23.52
N TYR L 65 -28.69 -32.28 22.73
CA TYR L 65 -28.56 -32.60 21.32
C TYR L 65 -27.86 -31.44 20.59
N ASN L 66 -28.28 -30.18 20.88
CA ASN L 66 -27.77 -29.00 20.18
C ASN L 66 -26.28 -28.82 20.34
N THR L 67 -25.69 -29.33 21.42
CA THR L 67 -24.26 -29.26 21.65
C THR L 67 -23.51 -30.42 20.99
N ILE L 68 -24.10 -31.63 20.98
CA ILE L 68 -23.44 -32.84 20.46
C ILE L 68 -23.63 -33.04 18.95
N ASN L 69 -24.83 -32.79 18.43
CA ASN L 69 -24.98 -32.94 16.99
C ASN L 69 -24.32 -31.72 16.30
N PRO L 70 -23.59 -31.91 15.19
CA PRO L 70 -22.99 -30.75 14.48
C PRO L 70 -24.07 -29.78 13.98
N GLU L 71 -25.30 -30.26 13.72
CA GLU L 71 -26.39 -29.46 13.19
C GLU L 71 -27.46 -29.23 14.28
N ALA L 72 -27.37 -28.11 15.00
CA ALA L 72 -28.31 -27.79 16.10
C ALA L 72 -29.73 -27.63 15.56
N SER L 73 -30.73 -27.90 16.40
CA SER L 73 -32.12 -27.78 15.97
C SER L 73 -32.66 -26.38 16.34
N ALA L 74 -33.63 -26.30 17.27
CA ALA L 74 -34.24 -25.04 17.71
C ALA L 74 -33.48 -24.40 18.85
N SER L 75 -33.57 -23.07 18.97
CA SER L 75 -32.97 -22.30 20.06
C SER L 75 -34.12 -21.88 21.03
N PRO L 76 -33.90 -21.78 22.37
CA PRO L 76 -35.01 -21.49 23.28
C PRO L 76 -35.47 -20.04 23.32
N CYS L 77 -36.71 -19.84 23.77
CA CYS L 77 -37.22 -18.49 23.91
C CYS L 77 -38.14 -18.40 25.12
N CYS L 78 -38.30 -17.18 25.63
CA CYS L 78 -39.03 -16.85 26.84
C CYS L 78 -40.53 -16.86 26.65
N VAL L 79 -41.22 -17.81 27.29
CA VAL L 79 -42.66 -17.98 27.16
C VAL L 79 -43.27 -18.27 28.50
N SER L 80 -44.60 -18.30 28.55
CA SER L 80 -45.37 -18.56 29.75
C SER L 80 -45.21 -20.01 30.20
N GLN L 81 -45.16 -20.22 31.52
CA GLN L 81 -45.10 -21.55 32.14
C GLN L 81 -46.45 -21.72 32.87
N ASP L 82 -46.64 -21.06 34.03
CA ASP L 82 -47.91 -21.16 34.80
C ASP L 82 -48.91 -20.06 34.47
N LEU L 83 -50.17 -20.43 34.20
CA LEU L 83 -51.21 -19.46 33.94
C LEU L 83 -52.33 -19.50 35.00
N GLU L 84 -53.12 -18.42 35.09
CA GLU L 84 -54.25 -18.36 36.03
C GLU L 84 -55.48 -17.81 35.37
N PRO L 85 -56.70 -18.19 35.81
CA PRO L 85 -57.90 -17.61 35.21
C PRO L 85 -58.16 -16.20 35.75
N LEU L 86 -59.10 -15.53 35.13
CA LEU L 86 -59.57 -14.25 35.62
C LEU L 86 -61.06 -14.33 35.61
N THR L 87 -61.67 -13.99 36.75
CA THR L 87 -63.12 -13.92 36.88
C THR L 87 -63.56 -12.53 36.45
N ILE L 88 -64.65 -12.46 35.71
CA ILE L 88 -65.19 -11.16 35.33
C ILE L 88 -66.67 -11.11 35.67
N LEU L 89 -67.25 -9.90 35.59
CA LEU L 89 -68.66 -9.61 35.77
C LEU L 89 -69.14 -8.77 34.57
N TYR L 90 -70.27 -9.17 33.97
CA TYR L 90 -70.96 -8.43 32.91
C TYR L 90 -72.44 -8.49 33.19
N TYR L 91 -73.23 -7.67 32.49
CA TYR L 91 -74.67 -7.66 32.72
C TYR L 91 -75.40 -8.02 31.44
N ILE L 92 -76.53 -8.71 31.58
CA ILE L 92 -77.43 -9.04 30.46
C ILE L 92 -78.67 -8.29 30.91
N GLY L 93 -78.81 -7.08 30.39
CA GLY L 93 -79.81 -6.13 30.84
C GLY L 93 -79.38 -5.73 32.24
N LYS L 94 -80.22 -6.06 33.24
CA LYS L 94 -79.94 -5.74 34.64
C LYS L 94 -79.47 -7.00 35.42
N THR L 95 -79.46 -8.16 34.73
CA THR L 95 -79.04 -9.43 35.31
C THR L 95 -77.50 -9.55 35.33
N PRO L 96 -76.88 -9.75 36.51
CA PRO L 96 -75.42 -9.90 36.56
C PRO L 96 -74.99 -11.31 36.19
N LYS L 97 -73.90 -11.40 35.45
CA LYS L 97 -73.36 -12.68 35.02
C LYS L 97 -71.89 -12.76 35.36
N ILE L 98 -71.50 -13.81 36.08
CA ILE L 98 -70.10 -13.97 36.48
C ILE L 98 -69.49 -15.07 35.64
N GLU L 99 -68.33 -14.80 35.03
CA GLU L 99 -67.69 -15.80 34.17
C GLU L 99 -66.24 -15.97 34.55
N GLN L 100 -65.74 -17.21 34.47
CA GLN L 100 -64.33 -17.46 34.71
C GLN L 100 -63.62 -17.69 33.38
N LEU L 101 -62.69 -16.81 33.04
CA LEU L 101 -61.91 -16.92 31.79
C LEU L 101 -60.61 -17.59 32.14
N SER L 102 -60.38 -18.75 31.58
CA SER L 102 -59.18 -19.52 31.88
C SER L 102 -57.95 -18.92 31.20
N ASN L 103 -56.79 -19.12 31.84
CA ASN L 103 -55.47 -18.80 31.30
C ASN L 103 -55.29 -17.35 30.82
N MET L 104 -55.79 -16.40 31.62
CA MET L 104 -55.70 -14.96 31.37
C MET L 104 -54.43 -14.32 31.94
N ILE L 105 -53.90 -14.85 33.02
CA ILE L 105 -52.75 -14.27 33.73
C ILE L 105 -51.53 -15.15 33.64
N VAL L 106 -50.33 -14.57 33.37
CA VAL L 106 -49.10 -15.35 33.39
C VAL L 106 -48.43 -15.18 34.78
N LYS L 107 -48.26 -16.30 35.51
CA LYS L 107 -47.63 -16.26 36.85
C LYS L 107 -46.15 -16.54 36.83
N SER L 108 -45.70 -17.31 35.86
CA SER L 108 -44.28 -17.65 35.77
C SER L 108 -43.85 -17.84 34.33
N CYS L 109 -42.55 -17.68 34.05
CA CYS L 109 -41.97 -17.84 32.72
C CYS L 109 -40.97 -19.00 32.67
N LYS L 110 -40.53 -19.36 31.46
CA LYS L 110 -39.48 -20.39 31.23
C LYS L 110 -38.89 -20.20 29.85
N CYS L 111 -37.74 -20.82 29.61
CA CYS L 111 -37.09 -20.86 28.31
C CYS L 111 -37.48 -22.21 27.72
N SER L 112 -38.15 -22.17 26.57
CA SER L 112 -38.61 -23.35 25.84
C SER L 112 -38.17 -23.21 24.37
#